data_9JHX
#
_entry.id   9JHX
#
_cell.length_a   1.00
_cell.length_b   1.00
_cell.length_c   1.00
_cell.angle_alpha   90.00
_cell.angle_beta   90.00
_cell.angle_gamma   90.00
#
_symmetry.space_group_name_H-M   'P 1'
#
loop_
_entity.id
_entity.type
_entity.pdbx_description
1 polymer 'Versatile Aromatic Prenyltransferase auraA'
2 non-polymer 'DIMETHYLALLYL S-THIOLODIPHOSPHATE'
#
_entity_poly.entity_id   1
_entity_poly.type   'polypeptide(L)'
_entity_poly.pdbx_seq_one_letter_code
;MTVEHAQLTSNDLLVKSISSSPSPSPWDFLGRVLQFQHGDHKRWWDVLAPVFGISMASIGYKLDVQYRHLLVLYDAVIPN
MGPFPNSNASNITWTSPFPPGPLEASVNYQAGESSMFRFTIEPVGPHAGTPADPVNELAAKQLMQRLGQLQPGGVDSTMF
DHFYPLLCVDGPEARRQWDSIAHIYHKCHTVTALDMQRSAACTLKTAFPPLLRSTIMNTSMVDIMFDAVESFRKQSGLYF
DYTKIKEFMSEEKTHETMMVDRSYLSFDCLDPAKSRIKIYTEAKVKTLEEAYSFWSLGGRLSGPEIDYGFKIVSQMWDAI
YSKELPGGKQRENNHIQINWEMSAKDSSVAPKLYLTVIEDYDAYVSSAIVDLFTGLGWAAHVQTHKKIEKEAYPMCDANP
QSTHAYVWISLAYKKTGPYITVYTNPGASILEKA
;
_entity_poly.pdbx_strand_id   A,B,C,D
#
loop_
_chem_comp.id
_chem_comp.type
_chem_comp.name
_chem_comp.formula
DST non-polymer 'DIMETHYLALLYL S-THIOLODIPHOSPHATE' 'C5 H12 O6 P2 S'
#
# COMPACT_ATOMS: atom_id res chain seq x y z
N SER A 23 26.77 -5.81 -4.46
CA SER A 23 26.21 -5.61 -3.13
C SER A 23 25.63 -4.20 -3.01
N PRO A 24 24.32 -4.11 -2.89
CA PRO A 24 23.70 -2.79 -2.80
C PRO A 24 23.97 -2.16 -1.45
N SER A 25 23.51 -0.94 -1.31
CA SER A 25 23.53 -0.24 -0.03
C SER A 25 22.14 -0.26 0.57
N PRO A 26 22.04 -0.13 1.89
CA PRO A 26 20.72 -0.18 2.53
C PRO A 26 19.68 0.70 1.88
N TRP A 27 20.03 1.91 1.48
CA TRP A 27 19.00 2.76 0.86
C TRP A 27 18.66 2.26 -0.53
N ASP A 28 19.65 1.76 -1.28
CA ASP A 28 19.36 1.22 -2.61
C ASP A 28 18.46 0.01 -2.51
N PHE A 29 18.90 -1.00 -1.76
CA PHE A 29 18.11 -2.21 -1.56
C PHE A 29 16.72 -1.88 -1.04
N LEU A 30 16.65 -0.97 -0.07
CA LEU A 30 15.37 -0.67 0.55
C LEU A 30 14.44 0.03 -0.41
N GLY A 31 14.95 1.00 -1.17
CA GLY A 31 14.14 1.60 -2.21
C GLY A 31 13.69 0.59 -3.23
N ARG A 32 14.47 -0.48 -3.41
CA ARG A 32 14.06 -1.54 -4.31
C ARG A 32 12.92 -2.37 -3.73
N VAL A 33 12.99 -2.71 -2.45
CA VAL A 33 12.05 -3.69 -1.90
C VAL A 33 10.88 -3.03 -1.18
N LEU A 34 11.07 -1.84 -0.62
CA LEU A 34 10.04 -1.26 0.23
C LEU A 34 8.84 -0.80 -0.58
N GLN A 35 7.67 -0.95 0.01
CA GLN A 35 6.45 -0.38 -0.52
C GLN A 35 6.22 0.94 0.17
N PHE A 36 5.94 1.98 -0.60
CA PHE A 36 5.75 3.32 -0.08
C PHE A 36 4.28 3.67 -0.11
N GLN A 37 3.77 4.24 0.99
CA GLN A 37 2.37 4.60 1.05
C GLN A 37 2.03 5.68 0.05
N HIS A 38 2.98 6.57 -0.24
CA HIS A 38 2.72 7.73 -1.08
C HIS A 38 3.93 7.98 -1.96
N GLY A 39 3.67 8.51 -3.16
CA GLY A 39 4.76 8.79 -4.08
C GLY A 39 5.72 9.84 -3.55
N ASP A 40 5.20 10.86 -2.88
CA ASP A 40 6.06 11.88 -2.29
C ASP A 40 7.01 11.28 -1.27
N HIS A 41 6.57 10.26 -0.54
CA HIS A 41 7.51 9.57 0.33
C HIS A 41 8.60 8.91 -0.47
N LYS A 42 8.29 8.41 -1.66
CA LYS A 42 9.30 7.79 -2.49
C LYS A 42 10.31 8.82 -2.99
N ARG A 43 9.83 9.99 -3.41
CA ARG A 43 10.73 11.02 -3.91
C ARG A 43 11.58 11.59 -2.78
N TRP A 44 10.99 11.85 -1.62
CA TRP A 44 11.77 12.23 -0.46
C TRP A 44 12.77 11.15 -0.10
N TRP A 45 12.42 9.88 -0.30
CA TRP A 45 13.38 8.81 -0.06
C TRP A 45 14.57 8.97 -0.99
N ASP A 46 14.30 9.08 -2.29
CA ASP A 46 15.36 9.23 -3.27
C ASP A 46 16.29 10.37 -2.95
N VAL A 47 15.74 11.46 -2.42
CA VAL A 47 16.58 12.63 -2.09
C VAL A 47 17.33 12.41 -0.78
N LEU A 48 16.59 12.23 0.31
CA LEU A 48 17.18 12.24 1.64
C LEU A 48 17.96 10.97 1.92
N ALA A 49 17.35 9.81 1.69
CA ALA A 49 17.94 8.55 2.10
C ALA A 49 19.39 8.39 1.69
N PRO A 50 19.83 8.81 0.51
CA PRO A 50 21.27 8.82 0.25
C PRO A 50 22.05 9.68 1.24
N VAL A 51 21.61 10.91 1.46
CA VAL A 51 22.34 11.81 2.36
C VAL A 51 22.36 11.25 3.77
N PHE A 52 21.20 10.84 4.26
CA PHE A 52 21.10 10.26 5.60
C PHE A 52 21.96 9.02 5.72
N GLY A 53 21.81 8.09 4.77
CA GLY A 53 22.58 6.85 4.80
C GLY A 53 24.06 7.07 4.69
N ILE A 54 24.48 8.11 3.98
CA ILE A 54 25.91 8.34 3.83
C ILE A 54 26.48 9.03 5.06
N SER A 55 25.68 9.86 5.73
CA SER A 55 26.11 10.38 7.02
C SER A 55 26.22 9.25 8.04
N MET A 56 25.28 8.31 8.00
CA MET A 56 25.33 7.17 8.89
C MET A 56 26.52 6.27 8.60
N ALA A 57 26.75 5.94 7.33
CA ALA A 57 27.79 5.01 6.93
C ALA A 57 29.12 5.68 6.71
N SER A 58 29.21 6.98 6.96
CA SER A 58 30.47 7.70 6.84
C SER A 58 31.04 8.05 8.20
N ILE A 59 30.40 7.61 9.26
CA ILE A 59 30.97 7.62 10.61
C ILE A 59 30.98 6.25 11.26
N GLY A 60 30.24 5.29 10.70
CA GLY A 60 30.29 3.92 11.13
C GLY A 60 29.01 3.34 11.69
N TYR A 61 27.86 3.93 11.43
CA TYR A 61 26.61 3.34 11.90
C TYR A 61 26.48 1.93 11.35
N LYS A 62 26.47 0.94 12.26
CA LYS A 62 26.42 -0.46 11.85
C LYS A 62 25.26 -0.72 10.92
N LEU A 63 25.48 -1.61 9.95
CA LEU A 63 24.58 -1.72 8.81
C LEU A 63 23.16 -2.05 9.23
N ASP A 64 22.97 -2.86 10.27
CA ASP A 64 21.62 -3.14 10.73
C ASP A 64 21.03 -1.94 11.45
N VAL A 65 21.88 -1.15 12.10
CA VAL A 65 21.41 0.10 12.69
C VAL A 65 21.04 1.08 11.58
N GLN A 66 21.80 1.06 10.48
CA GLN A 66 21.40 1.84 9.31
C GLN A 66 20.02 1.40 8.85
N TYR A 67 19.81 0.10 8.71
CA TYR A 67 18.48 -0.39 8.35
C TYR A 67 17.43 0.11 9.30
N ARG A 68 17.69 0.07 10.61
CA ARG A 68 16.70 0.47 11.59
C ARG A 68 16.36 1.94 11.46
N HIS A 69 17.38 2.80 11.43
CA HIS A 69 17.11 4.24 11.35
C HIS A 69 16.47 4.59 10.02
N LEU A 70 16.88 3.93 8.94
CA LEU A 70 16.29 4.20 7.64
C LEU A 70 14.85 3.73 7.59
N LEU A 71 14.51 2.68 8.33
CA LEU A 71 13.12 2.25 8.41
C LEU A 71 12.30 3.14 9.31
N VAL A 72 12.94 3.79 10.28
CA VAL A 72 12.26 4.81 11.08
C VAL A 72 11.98 6.03 10.23
N LEU A 73 13.00 6.51 9.51
CA LEU A 73 12.84 7.58 8.55
C LEU A 73 11.79 7.26 7.50
N TYR A 74 11.72 6.00 7.09
CA TYR A 74 10.71 5.55 6.15
C TYR A 74 9.33 5.48 6.79
N ASP A 75 9.29 5.24 8.09
CA ASP A 75 8.04 4.97 8.80
C ASP A 75 7.53 6.16 9.58
N ALA A 76 8.40 6.91 10.23
CA ALA A 76 7.97 7.94 11.16
C ALA A 76 8.07 9.35 10.61
N VAL A 77 9.20 9.73 10.01
CA VAL A 77 9.47 11.13 9.73
C VAL A 77 9.08 11.51 8.30
N ILE A 78 9.26 10.62 7.33
CA ILE A 78 8.97 10.98 5.95
C ILE A 78 7.47 11.11 5.75
N PRO A 79 6.62 10.25 6.31
CA PRO A 79 5.18 10.48 6.21
C PRO A 79 4.74 11.75 6.93
N ASN A 80 5.64 12.35 7.70
CA ASN A 80 5.37 13.58 8.44
C ASN A 80 6.30 14.69 8.00
N MET A 81 6.56 14.77 6.70
CA MET A 81 7.44 15.79 6.14
C MET A 81 6.73 16.74 5.21
N GLY A 82 5.54 16.40 4.75
CA GLY A 82 4.81 17.25 3.86
C GLY A 82 5.18 16.96 2.43
N PRO A 83 4.53 17.63 1.49
CA PRO A 83 4.70 17.28 0.09
C PRO A 83 6.10 17.60 -0.41
N PHE A 84 6.44 17.03 -1.56
CA PHE A 84 7.74 17.18 -2.20
C PHE A 84 7.71 18.35 -3.17
N PRO A 85 8.84 19.12 -3.17
CA PRO A 85 8.81 20.27 -3.99
C PRO A 85 8.85 19.98 -5.46
N ASN A 86 7.82 20.36 -6.16
CA ASN A 86 7.86 20.23 -7.57
C ASN A 86 8.68 21.40 -8.10
N SER A 87 8.90 21.51 -9.40
CA SER A 87 9.78 22.52 -9.96
C SER A 87 9.51 23.99 -9.72
N ASN A 88 8.26 24.40 -9.81
CA ASN A 88 7.95 25.76 -9.50
C ASN A 88 7.58 25.82 -8.05
N ALA A 89 7.58 24.68 -7.36
CA ALA A 89 7.13 24.58 -5.96
C ALA A 89 5.72 25.10 -5.75
N SER A 90 4.83 24.81 -6.67
CA SER A 90 3.43 25.17 -6.50
C SER A 90 2.81 24.43 -5.36
N ASN A 91 3.22 23.19 -5.14
CA ASN A 91 2.64 22.35 -4.11
C ASN A 91 3.08 22.52 -2.68
N ILE A 92 3.87 23.52 -2.37
CA ILE A 92 4.17 23.75 -0.98
C ILE A 92 3.15 24.75 -0.54
N THR A 93 2.15 24.32 0.23
CA THR A 93 1.09 25.18 0.68
C THR A 93 1.28 25.62 2.07
N TRP A 94 2.34 25.21 2.71
CA TRP A 94 2.63 25.63 4.04
C TRP A 94 3.78 26.50 3.86
N THR A 95 3.61 27.79 3.98
CA THR A 95 4.64 28.77 3.65
C THR A 95 5.76 28.78 4.69
N SER A 96 6.88 29.37 4.31
CA SER A 96 8.08 29.40 5.13
C SER A 96 9.16 30.27 4.52
N PRO A 97 10.04 30.85 5.32
CA PRO A 97 11.23 31.53 4.77
C PRO A 97 12.33 30.57 4.37
N PHE A 98 12.21 29.29 4.66
CA PHE A 98 13.19 28.28 4.30
C PHE A 98 12.65 27.39 3.19
N PRO A 99 13.52 26.66 2.50
CA PRO A 99 13.05 25.71 1.49
C PRO A 99 12.38 24.51 2.14
N PRO A 100 11.52 23.82 1.41
CA PRO A 100 10.83 22.65 2.00
C PRO A 100 11.79 21.55 2.37
N GLY A 101 11.34 20.68 3.27
CA GLY A 101 12.14 19.58 3.74
C GLY A 101 12.67 19.86 5.12
N PRO A 102 13.62 19.06 5.56
CA PRO A 102 14.24 19.30 6.86
C PRO A 102 14.83 20.69 6.94
N LEU A 103 14.80 21.26 8.14
CA LEU A 103 15.50 22.50 8.38
C LEU A 103 17.00 22.32 8.37
N GLU A 104 17.45 21.09 8.51
CA GLU A 104 18.87 20.78 8.54
C GLU A 104 19.04 19.27 8.63
N ALA A 105 20.24 18.82 8.30
CA ALA A 105 20.72 17.49 8.62
C ALA A 105 22.07 17.70 9.26
N SER A 106 22.19 17.38 10.52
CA SER A 106 23.05 18.12 11.41
C SER A 106 24.09 17.27 12.12
N VAL A 107 24.87 16.52 11.36
CA VAL A 107 25.99 15.77 11.91
C VAL A 107 26.79 16.67 12.84
N ASN A 108 26.94 16.24 14.09
CA ASN A 108 27.68 16.98 15.10
C ASN A 108 28.96 16.24 15.45
N TYR A 109 30.00 17.03 15.73
CA TYR A 109 31.33 16.53 16.01
C TYR A 109 31.73 16.97 17.42
N GLN A 110 32.29 16.04 18.18
CA GLN A 110 32.89 16.36 19.47
C GLN A 110 34.18 15.57 19.59
N ALA A 111 34.95 15.88 20.63
CA ALA A 111 36.28 15.33 20.79
C ALA A 111 36.24 13.81 20.96
N GLY A 112 37.41 13.21 20.91
CA GLY A 112 37.51 11.75 20.97
C GLY A 112 36.86 11.08 19.80
N GLU A 113 36.74 11.80 18.68
CA GLU A 113 36.04 11.30 17.49
C GLU A 113 34.64 10.81 17.85
N SER A 114 33.85 11.67 18.47
CA SER A 114 32.48 11.34 18.84
C SER A 114 31.54 12.17 17.97
N SER A 115 31.15 11.60 16.85
CA SER A 115 30.26 12.25 15.90
C SER A 115 28.93 11.52 15.87
N MET A 116 27.84 12.27 15.84
CA MET A 116 26.53 11.64 15.81
C MET A 116 25.61 12.40 14.87
N PHE A 117 24.61 11.69 14.37
CA PHE A 117 23.69 12.22 13.38
C PHE A 117 22.40 12.63 14.05
N ARG A 118 21.85 13.73 13.58
CA ARG A 118 20.64 14.30 14.13
C ARG A 118 20.01 15.12 13.03
N PHE A 119 18.72 15.37 13.16
CA PHE A 119 17.96 15.80 12.00
C PHE A 119 16.74 16.56 12.46
N THR A 120 16.57 17.78 11.97
CA THR A 120 15.52 18.67 12.42
C THR A 120 14.44 18.77 11.36
N ILE A 121 13.19 18.75 11.78
CA ILE A 121 12.08 18.92 10.86
C ILE A 121 10.98 19.68 11.57
N GLU A 122 10.34 20.57 10.84
CA GLU A 122 9.08 21.13 11.29
C GLU A 122 8.01 20.21 10.75
N PRO A 123 7.47 19.29 11.57
CA PRO A 123 6.49 18.33 11.06
C PRO A 123 5.35 19.01 10.34
N VAL A 124 5.17 18.69 9.06
CA VAL A 124 4.15 19.29 8.23
C VAL A 124 3.19 18.19 7.82
N GLY A 125 1.90 18.41 8.06
CA GLY A 125 0.91 17.49 7.60
C GLY A 125 0.83 17.51 6.09
N PRO A 126 0.33 16.44 5.49
CA PRO A 126 0.18 16.42 4.03
C PRO A 126 -0.72 17.52 3.52
N HIS A 127 -1.50 18.16 4.39
CA HIS A 127 -2.37 19.26 4.00
C HIS A 127 -2.20 20.46 4.92
N ALA A 128 -1.07 20.59 5.58
CA ALA A 128 -0.83 21.71 6.48
C ALA A 128 -0.74 23.01 5.69
N GLY A 129 -1.30 24.07 6.25
CA GLY A 129 -1.38 25.32 5.54
C GLY A 129 -2.52 25.41 4.56
N THR A 130 -3.45 24.47 4.61
CA THR A 130 -4.66 24.46 3.82
C THR A 130 -5.86 24.43 4.75
N PRO A 131 -7.06 24.78 4.28
CA PRO A 131 -8.20 24.91 5.19
C PRO A 131 -8.55 23.63 5.93
N ALA A 132 -7.94 22.50 5.58
CA ALA A 132 -8.14 21.29 6.35
C ALA A 132 -7.20 21.18 7.54
N ASP A 133 -6.05 21.85 7.47
CA ASP A 133 -5.08 21.86 8.57
C ASP A 133 -4.37 23.21 8.59
N PRO A 134 -5.09 24.29 8.92
CA PRO A 134 -4.50 25.62 8.79
C PRO A 134 -3.36 25.90 9.74
N VAL A 135 -3.20 25.15 10.81
CA VAL A 135 -2.16 25.44 11.79
C VAL A 135 -1.22 24.26 12.01
N ASN A 136 -1.33 23.21 11.20
CA ASN A 136 -0.42 22.08 11.25
C ASN A 136 -0.37 21.50 12.66
N GLU A 137 -1.55 21.07 13.13
CA GLU A 137 -1.70 20.66 14.52
C GLU A 137 -1.31 19.21 14.78
N LEU A 138 -1.71 18.30 13.90
CA LEU A 138 -1.56 16.88 14.19
C LEU A 138 -0.15 16.37 13.98
N ALA A 139 0.52 16.87 12.94
CA ALA A 139 1.75 16.24 12.46
C ALA A 139 2.72 15.93 13.59
N ALA A 140 2.92 16.88 14.50
CA ALA A 140 3.87 16.65 15.59
C ALA A 140 3.40 15.54 16.51
N LYS A 141 2.11 15.49 16.81
CA LYS A 141 1.59 14.46 17.70
C LYS A 141 1.59 13.10 17.03
N GLN A 142 1.26 13.04 15.74
CA GLN A 142 1.36 11.79 15.01
C GLN A 142 2.79 11.29 14.99
N LEU A 143 3.75 12.18 14.78
CA LEU A 143 5.15 11.79 14.82
C LEU A 143 5.52 11.26 16.21
N MET A 144 5.11 11.96 17.26
CA MET A 144 5.40 11.51 18.62
C MET A 144 4.80 10.14 18.90
N GLN A 145 3.55 9.95 18.52
CA GLN A 145 2.84 8.70 18.77
C GLN A 145 3.48 7.55 18.00
N ARG A 146 3.69 7.73 16.70
CA ARG A 146 4.35 6.72 15.91
C ARG A 146 5.71 6.38 16.49
N LEU A 147 6.46 7.40 16.90
CA LEU A 147 7.81 7.15 17.39
C LEU A 147 7.78 6.42 18.72
N GLY A 148 6.75 6.65 19.55
CA GLY A 148 6.63 5.89 20.77
C GLY A 148 6.16 4.47 20.53
N GLN A 149 5.27 4.28 19.56
CA GLN A 149 4.84 2.94 19.18
C GLN A 149 6.00 2.11 18.66
N LEU A 150 6.92 2.73 17.93
CA LEU A 150 8.09 2.00 17.45
C LEU A 150 8.97 1.56 18.60
N GLN A 151 9.30 2.48 19.50
CA GLN A 151 10.13 2.18 20.68
C GLN A 151 9.30 2.46 21.94
N PRO A 152 8.56 1.49 22.44
CA PRO A 152 7.74 1.74 23.63
C PRO A 152 8.61 2.07 24.84
N GLY A 153 8.09 2.96 25.68
CA GLY A 153 8.82 3.42 26.84
C GLY A 153 9.93 4.40 26.55
N GLY A 154 10.12 4.79 25.29
CA GLY A 154 11.18 5.68 24.90
C GLY A 154 10.81 7.13 24.72
N VAL A 155 9.56 7.50 24.97
CA VAL A 155 9.10 8.87 24.78
C VAL A 155 8.32 9.27 26.02
N ASP A 156 8.99 9.92 26.97
CA ASP A 156 8.33 10.45 28.16
C ASP A 156 7.69 11.79 27.82
N SER A 157 6.45 11.96 28.25
CA SER A 157 5.63 13.09 27.81
C SER A 157 5.35 14.09 28.92
N THR A 158 6.17 14.14 29.96
CA THR A 158 5.91 15.04 31.08
C THR A 158 5.99 16.50 30.64
N MET A 159 7.17 16.94 30.23
CA MET A 159 7.37 18.36 29.96
C MET A 159 6.52 18.81 28.78
N PHE A 160 6.31 17.92 27.81
CA PHE A 160 5.36 18.24 26.75
C PHE A 160 4.00 18.54 27.35
N ASP A 161 3.57 17.72 28.31
CA ASP A 161 2.27 17.93 28.92
C ASP A 161 2.22 19.26 29.66
N HIS A 162 3.31 19.64 30.31
CA HIS A 162 3.28 20.88 31.08
C HIS A 162 3.30 22.11 30.18
N PHE A 163 4.08 22.06 29.10
CA PHE A 163 4.34 23.27 28.31
C PHE A 163 3.42 23.45 27.13
N TYR A 164 2.85 22.38 26.58
CA TYR A 164 1.88 22.54 25.52
C TYR A 164 0.76 23.51 25.88
N PRO A 165 0.28 23.60 27.13
CA PRO A 165 -0.74 24.61 27.41
C PRO A 165 -0.20 26.04 27.43
N LEU A 166 0.97 26.25 28.01
CA LEU A 166 1.45 27.61 28.27
C LEU A 166 2.09 28.22 27.03
N LEU A 167 2.93 27.48 26.33
CA LEU A 167 3.66 28.01 25.19
C LEU A 167 2.92 27.83 23.87
N CYS A 168 2.54 26.60 23.55
CA CYS A 168 2.00 26.30 22.24
C CYS A 168 0.55 26.76 22.15
N VAL A 169 -0.03 26.55 20.98
CA VAL A 169 -1.44 26.84 20.74
C VAL A 169 -2.04 25.65 20.00
N ASP A 170 -3.11 25.09 20.55
CA ASP A 170 -3.77 23.96 19.93
C ASP A 170 -4.53 24.42 18.70
N GLY A 171 -5.13 23.46 18.00
CA GLY A 171 -5.94 23.74 16.84
C GLY A 171 -7.09 24.68 17.11
N PRO A 172 -7.95 24.34 18.07
CA PRO A 172 -9.16 25.16 18.28
C PRO A 172 -8.86 26.58 18.73
N GLU A 173 -7.91 26.76 19.66
CA GLU A 173 -7.57 28.10 20.10
C GLU A 173 -7.04 28.94 18.95
N ALA A 174 -6.17 28.36 18.12
CA ALA A 174 -5.66 29.08 16.96
C ALA A 174 -6.77 29.39 15.97
N ARG A 175 -7.76 28.52 15.85
CA ARG A 175 -8.82 28.78 14.89
C ARG A 175 -9.80 29.84 15.39
N ARG A 176 -10.03 29.92 16.70
CA ARG A 176 -10.94 30.95 17.22
C ARG A 176 -10.35 32.34 17.03
N GLN A 177 -9.05 32.47 17.24
CA GLN A 177 -8.36 33.75 17.21
C GLN A 177 -7.55 33.94 15.93
N TRP A 178 -8.10 33.52 14.79
CA TRP A 178 -7.33 33.60 13.56
C TRP A 178 -7.06 35.03 13.13
N ASP A 179 -7.97 35.95 13.46
CA ASP A 179 -7.75 37.35 13.17
C ASP A 179 -6.44 37.85 13.75
N SER A 180 -5.98 37.24 14.84
CA SER A 180 -4.83 37.78 15.56
C SER A 180 -3.52 37.40 14.89
N ILE A 181 -3.40 36.16 14.41
CA ILE A 181 -2.13 35.63 13.97
C ILE A 181 -2.07 35.44 12.46
N ALA A 182 -3.07 35.91 11.73
CA ALA A 182 -3.08 35.72 10.28
C ALA A 182 -1.96 36.48 9.61
N HIS A 183 -1.61 37.66 10.14
CA HIS A 183 -0.56 38.47 9.53
C HIS A 183 0.82 37.84 9.66
N ILE A 184 0.99 36.85 10.55
CA ILE A 184 2.29 36.22 10.69
C ILE A 184 2.61 35.43 9.43
N TYR A 185 3.86 35.49 8.99
CA TYR A 185 4.27 34.76 7.80
C TYR A 185 4.52 33.29 8.10
N HIS A 186 5.38 33.01 9.07
CA HIS A 186 5.71 31.65 9.45
C HIS A 186 4.97 31.30 10.73
N LYS A 187 3.94 30.47 10.61
CA LYS A 187 3.13 30.05 11.75
C LYS A 187 3.66 28.71 12.30
N CYS A 188 4.93 28.72 12.66
CA CYS A 188 5.59 27.56 13.23
C CYS A 188 5.39 27.56 14.74
N HIS A 189 4.98 26.41 15.29
CA HIS A 189 4.73 26.30 16.71
C HIS A 189 5.38 25.09 17.36
N THR A 190 5.83 24.11 16.60
CA THR A 190 6.42 22.91 17.17
C THR A 190 7.49 22.43 16.21
N VAL A 191 8.73 22.30 16.69
CA VAL A 191 9.82 21.84 15.85
C VAL A 191 10.43 20.61 16.51
N THR A 192 10.61 19.54 15.74
CA THR A 192 11.05 18.27 16.30
C THR A 192 12.40 17.89 15.73
N ALA A 193 13.34 17.61 16.62
CA ALA A 193 14.66 17.16 16.25
C ALA A 193 14.85 15.72 16.70
N LEU A 194 15.38 14.89 15.82
CA LEU A 194 15.65 13.49 16.11
C LEU A 194 17.14 13.34 16.32
N ASP A 195 17.52 12.78 17.46
CA ASP A 195 18.90 12.36 17.68
C ASP A 195 18.95 10.90 17.29
N MET A 196 19.50 10.60 16.12
CA MET A 196 19.48 9.23 15.62
C MET A 196 20.67 8.52 16.26
N GLN A 197 20.50 8.11 17.50
CA GLN A 197 21.61 7.51 18.25
C GLN A 197 22.20 6.36 17.47
N ARG A 198 23.52 6.18 17.63
CA ARG A 198 24.20 5.04 17.04
C ARG A 198 23.74 3.74 17.68
N SER A 199 23.04 3.81 18.81
CA SER A 199 22.46 2.64 19.45
C SER A 199 21.03 2.38 18.99
N ALA A 200 20.67 2.84 17.80
CA ALA A 200 19.38 2.58 17.18
C ALA A 200 18.23 3.17 17.98
N ALA A 201 18.54 3.86 19.07
CA ALA A 201 17.53 4.39 19.99
C ALA A 201 17.37 5.88 19.74
N CYS A 202 16.58 6.23 18.74
CA CYS A 202 16.38 7.63 18.38
C CYS A 202 15.67 8.37 19.49
N THR A 203 16.08 9.62 19.73
CA THR A 203 15.55 10.43 20.83
C THR A 203 14.94 11.72 20.30
N LEU A 204 13.70 11.98 20.69
CA LEU A 204 12.95 13.14 20.24
C LEU A 204 13.27 14.38 21.08
N LYS A 205 13.24 15.54 20.43
CA LYS A 205 13.43 16.83 21.07
C LYS A 205 12.40 17.78 20.51
N THR A 206 11.79 18.59 21.37
CA THR A 206 10.72 19.47 20.94
C THR A 206 11.03 20.91 21.32
N ALA A 207 10.79 21.81 20.39
CA ALA A 207 10.95 23.23 20.61
C ALA A 207 9.63 23.93 20.36
N PHE A 208 9.33 24.89 21.24
CA PHE A 208 8.11 25.69 21.17
C PHE A 208 8.47 27.16 20.97
N PRO A 209 8.17 27.74 19.81
CA PRO A 209 8.21 29.18 19.66
C PRO A 209 6.88 29.79 20.05
N PRO A 210 6.87 30.70 21.02
CA PRO A 210 5.61 31.23 21.54
C PRO A 210 5.04 32.39 20.76
N LEU A 211 5.47 32.59 19.51
CA LEU A 211 5.08 33.79 18.79
C LEU A 211 3.56 33.91 18.66
N LEU A 212 2.89 32.83 18.28
CA LEU A 212 1.43 32.88 18.19
C LEU A 212 0.80 33.07 19.56
N ARG A 213 1.36 32.42 20.59
CA ARG A 213 0.86 32.61 21.94
C ARG A 213 1.00 34.05 22.39
N SER A 214 2.23 34.57 22.35
CA SER A 214 2.47 35.95 22.75
C SER A 214 1.68 36.91 21.89
N THR A 215 1.29 36.48 20.69
CA THR A 215 0.51 37.37 19.84
C THR A 215 -0.94 37.43 20.31
N ILE A 216 -1.61 36.27 20.38
CA ILE A 216 -3.02 36.27 20.76
C ILE A 216 -3.19 36.80 22.18
N MET A 217 -2.33 36.39 23.09
CA MET A 217 -2.37 36.94 24.44
C MET A 217 -1.84 38.37 24.50
N ASN A 218 -1.22 38.84 23.43
CA ASN A 218 -0.74 40.22 23.34
C ASN A 218 0.24 40.54 24.47
N THR A 219 1.02 39.56 24.88
CA THR A 219 2.00 39.73 25.94
C THR A 219 3.40 39.49 25.39
N SER A 220 4.38 39.84 26.21
CA SER A 220 5.77 39.77 25.76
C SER A 220 6.28 38.34 25.78
N MET A 221 7.08 38.01 24.77
CA MET A 221 7.66 36.68 24.66
C MET A 221 8.39 36.31 25.94
N VAL A 222 9.23 37.23 26.41
CA VAL A 222 9.99 36.99 27.64
C VAL A 222 9.08 36.52 28.75
N ASP A 223 7.95 37.22 28.93
CA ASP A 223 7.11 36.98 30.08
C ASP A 223 6.44 35.62 30.01
N ILE A 224 5.82 35.26 28.89
CA ILE A 224 5.16 33.98 28.84
C ILE A 224 6.17 32.85 28.95
N MET A 225 7.31 32.99 28.28
CA MET A 225 8.33 31.94 28.36
C MET A 225 8.76 31.70 29.79
N PHE A 226 9.11 32.76 30.50
CA PHE A 226 9.67 32.57 31.84
C PHE A 226 8.61 32.27 32.87
N ASP A 227 7.37 32.71 32.66
CA ASP A 227 6.31 32.30 33.56
C ASP A 227 5.99 30.82 33.39
N ALA A 228 6.07 30.31 32.16
CA ALA A 228 5.90 28.89 31.95
C ALA A 228 7.00 28.10 32.66
N VAL A 229 8.25 28.51 32.46
CA VAL A 229 9.33 27.78 33.13
C VAL A 229 9.19 27.89 34.64
N GLU A 230 8.65 29.00 35.14
CA GLU A 230 8.49 29.16 36.58
C GLU A 230 7.41 28.24 37.14
N SER A 231 6.27 28.18 36.45
CA SER A 231 5.22 27.27 36.90
C SER A 231 5.72 25.83 36.86
N PHE A 232 6.54 25.49 35.87
CA PHE A 232 7.09 24.15 35.86
C PHE A 232 8.05 23.94 37.02
N ARG A 233 8.84 24.96 37.34
CA ARG A 233 9.75 24.85 38.47
C ARG A 233 9.02 24.56 39.76
N LYS A 234 7.88 25.21 39.97
CA LYS A 234 7.17 25.02 41.23
C LYS A 234 6.38 23.72 41.23
N GLN A 235 5.69 23.42 40.13
CA GLN A 235 4.93 22.19 40.04
C GLN A 235 5.82 20.95 40.11
N SER A 236 7.06 21.05 39.65
CA SER A 236 7.97 19.92 39.61
C SER A 236 8.99 19.94 40.73
N GLY A 237 9.28 21.11 41.29
CA GLY A 237 10.31 21.23 42.28
C GLY A 237 11.71 21.29 41.72
N LEU A 238 11.90 20.99 40.45
CA LEU A 238 13.25 20.97 39.90
C LEU A 238 13.76 22.39 39.69
N TYR A 239 15.07 22.51 39.57
CA TYR A 239 15.77 23.79 39.62
C TYR A 239 16.18 24.21 38.21
N PHE A 240 15.52 25.23 37.67
CA PHE A 240 15.84 25.76 36.34
C PHE A 240 16.16 27.24 36.49
N ASP A 241 17.43 27.56 36.72
CA ASP A 241 17.80 28.96 36.94
C ASP A 241 17.57 29.75 35.66
N TYR A 242 16.60 30.67 35.70
CA TYR A 242 16.19 31.45 34.53
C TYR A 242 16.29 32.95 34.74
N THR A 243 16.87 33.40 35.85
CA THR A 243 16.82 34.82 36.18
C THR A 243 17.69 35.65 35.24
N LYS A 244 18.94 35.25 35.05
CA LYS A 244 19.88 36.08 34.32
C LYS A 244 19.46 36.26 32.86
N ILE A 245 18.91 35.20 32.27
CA ILE A 245 18.42 35.31 30.90
C ILE A 245 17.36 36.38 30.81
N LYS A 246 16.45 36.42 31.78
CA LYS A 246 15.40 37.43 31.77
C LYS A 246 15.98 38.82 31.97
N GLU A 247 16.91 38.94 32.92
CA GLU A 247 17.56 40.23 33.18
C GLU A 247 18.21 40.78 31.92
N PHE A 248 18.82 39.91 31.11
CA PHE A 248 19.49 40.41 29.92
C PHE A 248 18.51 40.64 28.77
N MET A 249 17.65 39.68 28.48
CA MET A 249 16.74 39.82 27.36
C MET A 249 15.68 40.87 27.60
N SER A 250 15.55 41.38 28.83
CA SER A 250 14.55 42.39 29.11
C SER A 250 15.04 43.81 28.84
N GLU A 251 16.33 43.99 28.58
CA GLU A 251 16.89 45.32 28.37
C GLU A 251 16.43 45.91 27.04
N GLU A 252 16.99 47.07 26.71
CA GLU A 252 16.66 47.78 25.49
C GLU A 252 17.80 47.80 24.48
N LYS A 253 19.05 47.91 24.92
CA LYS A 253 20.17 47.85 24.00
C LYS A 253 20.26 46.47 23.34
N THR A 254 19.90 45.43 24.08
CA THR A 254 19.71 44.12 23.47
C THR A 254 18.57 44.18 22.47
N HIS A 255 17.40 44.65 22.92
CA HIS A 255 16.19 44.55 22.11
C HIS A 255 16.24 45.41 20.86
N GLU A 256 17.21 46.32 20.74
CA GLU A 256 17.29 47.10 19.51
C GLU A 256 17.99 46.34 18.39
N THR A 257 18.92 45.45 18.71
CA THR A 257 19.70 44.73 17.72
C THR A 257 19.14 43.35 17.42
N MET A 258 18.68 42.62 18.41
CA MET A 258 18.15 41.28 18.18
C MET A 258 16.69 41.34 17.76
N MET A 259 16.27 40.34 17.00
CA MET A 259 14.86 40.20 16.67
C MET A 259 14.29 39.24 17.70
N VAL A 260 13.41 39.75 18.56
CA VAL A 260 12.93 38.93 19.66
C VAL A 260 11.89 37.93 19.20
N ASP A 261 11.27 38.15 18.05
CA ASP A 261 10.20 37.27 17.62
C ASP A 261 10.69 36.01 16.91
N ARG A 262 11.97 35.89 16.61
CA ARG A 262 12.51 34.62 16.15
C ARG A 262 13.12 33.89 17.34
N SER A 263 12.26 33.57 18.29
CA SER A 263 12.70 32.99 19.55
C SER A 263 11.85 31.77 19.89
N TYR A 264 12.48 30.79 20.52
CA TYR A 264 11.74 29.67 21.07
C TYR A 264 12.46 29.18 22.31
N LEU A 265 11.80 28.26 23.03
CA LEU A 265 12.47 27.51 24.07
C LEU A 265 12.20 26.03 23.83
N SER A 266 13.13 25.18 24.25
CA SER A 266 13.11 23.78 23.85
C SER A 266 13.36 22.88 25.04
N PHE A 267 13.11 21.60 24.83
CA PHE A 267 13.20 20.61 25.90
C PHE A 267 13.19 19.23 25.27
N ASP A 268 13.69 18.26 26.02
CA ASP A 268 13.74 16.88 25.57
C ASP A 268 12.57 16.10 26.14
N CYS A 269 11.90 15.33 25.28
CA CYS A 269 10.82 14.43 25.71
C CYS A 269 11.47 13.23 26.39
N LEU A 270 11.75 13.40 27.68
CA LEU A 270 12.46 12.39 28.46
C LEU A 270 12.03 12.51 29.91
N ASP A 271 12.76 11.85 30.79
CA ASP A 271 12.57 11.97 32.23
C ASP A 271 12.90 13.40 32.63
N PRO A 272 11.91 14.21 33.03
CA PRO A 272 12.18 15.63 33.30
C PRO A 272 13.25 15.85 34.34
N ALA A 273 13.65 14.81 35.06
CA ALA A 273 14.86 14.90 35.86
C ALA A 273 16.12 14.80 35.01
N LYS A 274 15.97 14.54 33.71
CA LYS A 274 17.11 14.46 32.81
C LYS A 274 17.07 15.48 31.69
N SER A 275 15.91 16.02 31.37
CA SER A 275 15.79 16.97 30.27
C SER A 275 16.44 18.31 30.65
N ARG A 276 16.43 19.23 29.68
CA ARG A 276 16.97 20.56 29.84
C ARG A 276 15.96 21.54 29.30
N ILE A 277 16.18 22.83 29.54
CA ILE A 277 15.35 23.86 28.93
C ILE A 277 16.27 24.86 28.25
N LYS A 278 16.21 24.92 26.93
CA LYS A 278 17.03 25.83 26.14
C LYS A 278 16.16 26.96 25.62
N ILE A 279 16.57 28.20 25.87
CA ILE A 279 15.99 29.37 25.23
C ILE A 279 16.83 29.68 23.99
N TYR A 280 16.22 30.36 23.03
CA TYR A 280 16.79 30.48 21.69
C TYR A 280 16.28 31.76 21.03
N THR A 281 17.19 32.55 20.45
CA THR A 281 16.79 33.76 19.74
C THR A 281 17.85 34.10 18.68
N GLU A 282 17.65 35.24 17.99
CA GLU A 282 18.39 35.59 16.78
C GLU A 282 18.78 37.06 16.75
N ALA A 283 19.98 37.35 16.24
CA ALA A 283 20.52 38.70 16.24
C ALA A 283 21.16 39.02 14.89
N LYS A 284 21.08 40.30 14.52
CA LYS A 284 21.73 40.86 13.34
C LYS A 284 22.79 41.83 13.86
N VAL A 285 24.02 41.38 14.00
CA VAL A 285 25.03 42.13 14.72
C VAL A 285 26.08 42.67 13.77
N LYS A 286 26.66 43.80 14.16
CA LYS A 286 27.64 44.52 13.37
C LYS A 286 29.06 44.09 13.65
N THR A 287 29.48 44.11 14.91
CA THR A 287 30.82 43.69 15.29
C THR A 287 30.73 42.43 16.13
N LEU A 288 31.84 41.69 16.18
CA LEU A 288 31.88 40.53 17.08
C LEU A 288 31.85 40.99 18.53
N GLU A 289 32.51 42.12 18.82
CA GLU A 289 32.44 42.69 20.16
C GLU A 289 31.00 42.86 20.61
N GLU A 290 30.18 43.52 19.78
CA GLU A 290 28.80 43.77 20.16
C GLU A 290 28.02 42.48 20.25
N ALA A 291 28.49 41.43 19.57
CA ALA A 291 27.84 40.13 19.65
C ALA A 291 28.17 39.41 20.94
N TYR A 292 29.31 39.72 21.56
CA TYR A 292 29.67 39.06 22.82
C TYR A 292 28.57 39.14 23.86
N SER A 293 27.66 40.08 23.73
CA SER A 293 26.58 40.20 24.70
C SER A 293 25.72 38.94 24.71
N PHE A 294 25.20 38.53 23.56
CA PHE A 294 24.33 37.36 23.50
C PHE A 294 25.02 36.13 24.03
N TRP A 295 26.30 35.94 23.69
CA TRP A 295 27.06 34.87 24.28
C TRP A 295 27.13 34.99 25.80
N SER A 296 27.14 36.22 26.31
CA SER A 296 27.39 36.46 27.72
C SER A 296 26.18 37.00 28.48
N LEU A 297 25.04 37.16 27.81
CA LEU A 297 23.85 37.75 28.45
C LEU A 297 24.17 39.13 29.02
N GLY A 298 25.00 39.88 28.32
CA GLY A 298 25.38 41.20 28.78
C GLY A 298 26.39 41.23 29.89
N GLY A 299 27.20 40.20 30.03
CA GLY A 299 28.18 40.13 31.10
C GLY A 299 27.72 39.34 32.31
N ARG A 300 26.41 39.15 32.46
CA ARG A 300 25.93 38.37 33.60
C ARG A 300 26.41 36.93 33.53
N LEU A 301 26.23 36.28 32.40
CA LEU A 301 26.57 34.87 32.23
C LEU A 301 28.04 34.82 31.85
N SER A 302 28.90 34.60 32.84
CA SER A 302 30.34 34.67 32.61
C SER A 302 31.03 33.53 33.34
N GLY A 303 32.10 33.02 32.74
CA GLY A 303 32.86 31.95 33.34
C GLY A 303 34.17 31.71 32.60
N PRO A 304 34.94 30.71 33.05
CA PRO A 304 36.15 30.34 32.32
C PRO A 304 35.87 29.82 30.92
N GLU A 305 34.68 29.25 30.69
CA GLU A 305 34.38 28.70 29.38
C GLU A 305 33.60 29.68 28.52
N ILE A 306 32.98 30.69 29.13
CA ILE A 306 32.24 31.70 28.38
C ILE A 306 33.15 32.41 27.40
N ASP A 307 34.42 32.61 27.75
CA ASP A 307 35.36 33.26 26.84
C ASP A 307 36.07 32.26 25.94
N TYR A 308 36.27 31.02 26.42
CA TYR A 308 36.80 29.97 25.57
C TYR A 308 36.02 29.87 24.27
N GLY A 309 34.71 29.69 24.39
CA GLY A 309 33.88 29.58 23.20
C GLY A 309 33.86 30.85 22.38
N PHE A 310 33.93 32.00 23.05
CA PHE A 310 33.83 33.26 22.31
C PHE A 310 35.05 33.51 21.46
N LYS A 311 36.23 33.14 21.96
CA LYS A 311 37.43 33.28 21.15
C LYS A 311 37.27 32.53 19.83
N ILE A 312 36.78 31.30 19.91
CA ILE A 312 36.69 30.47 18.72
C ILE A 312 35.63 31.02 17.78
N VAL A 313 34.52 31.53 18.32
CA VAL A 313 33.51 32.03 17.41
C VAL A 313 33.98 33.31 16.74
N SER A 314 34.73 34.17 17.43
CA SER A 314 35.28 35.33 16.76
C SER A 314 36.29 34.92 15.69
N GLN A 315 37.06 33.88 15.99
CA GLN A 315 38.01 33.32 15.03
C GLN A 315 37.30 32.95 13.74
N MET A 316 36.35 32.02 13.80
CA MET A 316 35.69 31.60 12.58
C MET A 316 34.83 32.70 12.00
N TRP A 317 34.38 33.64 12.83
CA TRP A 317 33.63 34.79 12.36
C TRP A 317 34.44 35.58 11.35
N ASP A 318 35.58 36.12 11.79
CA ASP A 318 36.36 36.91 10.85
C ASP A 318 36.94 36.05 9.74
N ALA A 319 37.13 34.75 10.00
CA ALA A 319 37.52 33.83 8.93
C ALA A 319 36.52 33.86 7.78
N ILE A 320 35.28 33.44 8.05
CA ILE A 320 34.30 33.29 6.97
C ILE A 320 33.70 34.61 6.54
N TYR A 321 33.91 35.69 7.28
CA TYR A 321 33.42 37.00 6.85
C TYR A 321 34.50 37.82 6.18
N SER A 322 35.75 37.41 6.25
CA SER A 322 36.80 38.07 5.50
C SER A 322 36.55 37.95 3.99
N LYS A 323 35.94 36.86 3.56
CA LYS A 323 35.65 36.69 2.15
C LYS A 323 34.50 37.58 1.70
N GLU A 324 34.33 37.67 0.39
CA GLU A 324 33.26 38.47 -0.19
C GLU A 324 32.06 37.59 -0.49
N LEU A 325 30.95 38.24 -0.74
CA LEU A 325 29.77 37.52 -1.15
C LEU A 325 29.86 37.19 -2.64
N PRO A 326 29.25 36.09 -3.08
CA PRO A 326 29.22 35.80 -4.51
C PRO A 326 28.54 36.90 -5.31
N GLY A 327 29.30 37.56 -6.17
CA GLY A 327 28.77 38.62 -6.98
C GLY A 327 28.99 40.02 -6.47
N GLY A 328 29.90 40.21 -5.52
CA GLY A 328 30.27 41.53 -5.05
C GLY A 328 29.22 42.25 -4.24
N LYS A 329 28.09 41.60 -3.90
CA LYS A 329 27.13 42.25 -3.03
C LYS A 329 27.74 42.48 -1.66
N GLN A 330 27.40 43.61 -1.05
CA GLN A 330 28.07 44.02 0.17
C GLN A 330 27.40 43.43 1.41
N ARG A 331 28.23 43.10 2.40
CA ARG A 331 27.75 42.61 3.68
C ARG A 331 27.67 43.78 4.66
N GLU A 332 26.46 44.06 5.13
CA GLU A 332 26.27 45.17 6.07
C GLU A 332 26.37 44.68 7.51
N ASN A 333 25.67 43.61 7.83
CA ASN A 333 25.67 43.04 9.16
C ASN A 333 25.80 41.52 9.05
N ASN A 334 25.77 40.85 10.19
CA ASN A 334 26.00 39.42 10.26
C ASN A 334 24.87 38.76 11.01
N HIS A 335 24.31 37.71 10.42
CA HIS A 335 23.15 37.00 10.97
C HIS A 335 23.66 35.87 11.85
N ILE A 336 23.44 36.00 13.16
CA ILE A 336 23.84 35.02 14.14
C ILE A 336 22.62 34.56 14.89
N GLN A 337 22.70 33.35 15.43
CA GLN A 337 21.66 32.80 16.28
C GLN A 337 22.28 32.41 17.61
N ILE A 338 21.45 32.25 18.63
CA ILE A 338 21.97 32.00 19.96
C ILE A 338 20.98 31.15 20.74
N ASN A 339 21.52 30.31 21.62
CA ASN A 339 20.75 29.33 22.35
C ASN A 339 21.39 29.11 23.70
N TRP A 340 20.70 29.48 24.77
CA TRP A 340 21.16 29.25 26.13
C TRP A 340 20.42 28.06 26.71
N GLU A 341 21.03 27.41 27.68
CA GLU A 341 20.50 26.17 28.21
C GLU A 341 20.57 26.16 29.73
N MET A 342 19.49 25.70 30.37
CA MET A 342 19.35 25.61 31.80
C MET A 342 19.10 24.17 32.21
N SER A 343 19.91 23.67 33.14
CA SER A 343 19.85 22.30 33.62
C SER A 343 19.00 22.21 34.88
N ALA A 344 18.62 20.99 35.23
CA ALA A 344 17.70 20.76 36.35
C ALA A 344 18.43 20.56 37.67
N LYS A 345 19.50 19.76 37.67
CA LYS A 345 20.17 19.40 38.91
C LYS A 345 20.98 20.57 39.47
N ASP A 346 21.49 21.45 38.63
CA ASP A 346 22.39 22.51 39.06
C ASP A 346 21.79 23.88 38.77
N SER A 347 22.57 24.91 39.07
CA SER A 347 22.22 26.29 38.75
C SER A 347 23.24 26.82 37.75
N SER A 348 23.00 26.53 36.48
CA SER A 348 23.90 26.89 35.41
C SER A 348 23.09 27.13 34.15
N VAL A 349 23.63 27.97 33.27
CA VAL A 349 23.04 28.20 31.95
C VAL A 349 24.18 28.52 30.99
N ALA A 350 24.18 27.83 29.86
CA ALA A 350 25.31 27.86 28.93
C ALA A 350 24.87 28.30 27.54
N PRO A 351 25.71 29.05 26.83
CA PRO A 351 25.32 29.54 25.50
C PRO A 351 25.80 28.65 24.37
N LYS A 352 25.26 28.89 23.18
CA LYS A 352 25.63 28.19 21.96
C LYS A 352 25.24 29.08 20.79
N LEU A 353 26.24 29.51 20.02
CA LEU A 353 26.10 30.53 19.00
C LEU A 353 26.09 29.88 17.62
N TYR A 354 25.53 30.61 16.65
CA TYR A 354 25.41 30.14 15.28
C TYR A 354 25.81 31.27 14.36
N LEU A 355 26.60 30.96 13.34
CA LEU A 355 26.79 31.88 12.22
C LEU A 355 26.01 31.32 11.03
N THR A 356 25.08 32.12 10.50
CA THR A 356 24.36 31.70 9.32
C THR A 356 25.22 31.93 8.08
N VAL A 357 25.35 30.90 7.25
CA VAL A 357 26.18 30.93 6.05
C VAL A 357 25.38 30.54 4.83
N ILE A 358 24.07 30.79 4.84
CA ILE A 358 23.21 30.37 3.75
C ILE A 358 23.62 31.01 2.44
N GLU A 359 24.27 32.18 2.50
CA GLU A 359 24.53 32.97 1.30
C GLU A 359 26.01 33.15 1.05
N ASP A 360 26.80 32.10 1.17
CA ASP A 360 28.24 32.21 1.07
C ASP A 360 28.80 31.20 0.06
N TYR A 361 30.11 31.22 -0.11
CA TYR A 361 30.78 30.30 -1.03
C TYR A 361 30.95 28.94 -0.37
N ASP A 362 30.24 27.93 -0.89
CA ASP A 362 30.43 26.58 -0.39
C ASP A 362 31.89 26.20 -0.38
N ALA A 363 32.65 26.65 -1.38
CA ALA A 363 34.09 26.43 -1.35
C ALA A 363 34.71 27.13 -0.14
N TYR A 364 34.35 28.39 0.08
CA TYR A 364 34.92 29.13 1.21
C TYR A 364 34.40 28.58 2.54
N VAL A 365 33.10 28.30 2.62
CA VAL A 365 32.55 27.74 3.85
C VAL A 365 33.25 26.43 4.18
N SER A 366 33.36 25.55 3.18
CA SER A 366 34.04 24.28 3.39
C SER A 366 35.49 24.50 3.81
N SER A 367 36.19 25.44 3.17
CA SER A 367 37.58 25.67 3.52
C SER A 367 37.71 26.12 4.96
N ALA A 368 36.82 27.01 5.40
CA ALA A 368 36.85 27.48 6.77
C ALA A 368 36.55 26.33 7.73
N ILE A 369 35.58 25.48 7.39
CA ILE A 369 35.27 24.36 8.26
C ILE A 369 36.47 23.43 8.37
N VAL A 370 37.09 23.10 7.25
CA VAL A 370 38.14 22.11 7.27
C VAL A 370 39.40 22.67 7.94
N ASP A 371 39.68 23.97 7.78
CA ASP A 371 40.90 24.44 8.43
C ASP A 371 40.67 24.78 9.89
N LEU A 372 39.44 25.16 10.27
CA LEU A 372 39.09 25.19 11.68
C LEU A 372 39.32 23.83 12.32
N PHE A 373 38.77 22.79 11.71
CA PHE A 373 39.03 21.43 12.17
C PHE A 373 40.52 21.16 12.25
N THR A 374 41.27 21.54 11.22
CA THR A 374 42.68 21.21 11.17
C THR A 374 43.45 21.88 12.30
N GLY A 375 43.18 23.16 12.55
CA GLY A 375 43.73 23.80 13.73
C GLY A 375 43.34 23.07 15.00
N LEU A 376 42.09 22.60 15.06
CA LEU A 376 41.63 21.83 16.20
C LEU A 376 42.22 20.43 16.25
N GLY A 377 42.85 19.98 15.16
CA GLY A 377 43.39 18.64 15.12
C GLY A 377 42.40 17.55 14.86
N TRP A 378 41.17 17.88 14.44
CA TRP A 378 40.16 16.87 14.14
C TRP A 378 40.35 16.29 12.74
N ALA A 379 41.50 15.66 12.53
CA ALA A 379 41.84 15.15 11.20
C ALA A 379 40.89 14.03 10.77
N ALA A 380 40.62 13.08 11.66
CA ALA A 380 39.62 12.07 11.35
C ALA A 380 38.31 12.73 10.98
N HIS A 381 37.91 13.73 11.76
CA HIS A 381 36.72 14.49 11.42
C HIS A 381 36.89 15.23 10.10
N VAL A 382 38.12 15.61 9.75
CA VAL A 382 38.34 16.30 8.48
C VAL A 382 38.03 15.37 7.31
N GLN A 383 38.62 14.18 7.31
CA GLN A 383 38.31 13.22 6.26
C GLN A 383 36.84 12.87 6.28
N THR A 384 36.26 12.72 7.47
CA THR A 384 34.83 12.49 7.58
C THR A 384 34.06 13.56 6.83
N HIS A 385 34.39 14.82 7.09
CA HIS A 385 33.65 15.91 6.49
C HIS A 385 33.79 15.92 4.98
N LYS A 386 35.01 15.78 4.48
CA LYS A 386 35.23 15.82 3.04
C LYS A 386 34.57 14.62 2.36
N LYS A 387 34.59 13.46 3.01
CA LYS A 387 33.93 12.29 2.45
C LYS A 387 32.44 12.51 2.35
N ILE A 388 31.82 12.94 3.44
CA ILE A 388 30.39 13.23 3.41
C ILE A 388 30.09 14.28 2.35
N GLU A 389 31.00 15.24 2.18
CA GLU A 389 30.83 16.27 1.17
C GLU A 389 30.74 15.66 -0.22
N LYS A 390 31.83 15.03 -0.64
CA LYS A 390 31.91 14.49 -1.99
C LYS A 390 30.78 13.51 -2.28
N GLU A 391 30.49 12.62 -1.33
CA GLU A 391 29.50 11.58 -1.59
C GLU A 391 28.08 12.15 -1.54
N ALA A 392 27.73 12.86 -0.47
CA ALA A 392 26.38 13.34 -0.30
C ALA A 392 26.11 14.64 -1.04
N TYR A 393 27.14 15.41 -1.35
CA TYR A 393 26.98 16.71 -2.00
C TYR A 393 28.01 16.84 -3.12
N PRO A 394 27.67 16.39 -4.31
CA PRO A 394 28.61 16.50 -5.43
C PRO A 394 28.76 17.94 -5.92
N MET A 395 27.71 18.75 -5.73
CA MET A 395 27.65 20.07 -6.35
C MET A 395 28.85 20.93 -5.99
N CYS A 396 29.34 20.83 -4.76
CA CYS A 396 30.44 21.68 -4.33
C CYS A 396 31.69 21.51 -5.18
N ASP A 397 31.79 20.41 -5.92
CA ASP A 397 32.86 20.18 -6.87
C ASP A 397 32.42 20.36 -8.31
N ALA A 398 31.20 19.90 -8.65
CA ALA A 398 30.71 20.06 -10.01
C ALA A 398 30.54 21.53 -10.37
N ASN A 399 30.37 22.39 -9.37
CA ASN A 399 30.18 23.81 -9.60
C ASN A 399 31.20 24.59 -8.77
N PRO A 400 32.10 25.36 -9.39
CA PRO A 400 33.01 26.18 -8.58
C PRO A 400 32.28 27.23 -7.77
N GLN A 401 31.26 27.86 -8.34
CA GLN A 401 30.43 28.83 -7.63
C GLN A 401 29.24 28.09 -7.06
N SER A 402 29.33 27.72 -5.79
CA SER A 402 28.31 26.92 -5.14
C SER A 402 28.01 27.50 -3.76
N THR A 403 26.73 27.52 -3.39
CA THR A 403 26.29 28.18 -2.17
C THR A 403 25.34 27.32 -1.34
N HIS A 404 25.10 26.07 -1.73
CA HIS A 404 23.90 25.38 -1.32
C HIS A 404 24.11 24.18 -0.41
N ALA A 405 25.34 23.85 -0.05
CA ALA A 405 25.53 22.74 0.88
C ALA A 405 25.19 23.15 2.30
N TYR A 406 25.91 24.12 2.84
CA TYR A 406 25.83 24.48 4.24
C TYR A 406 24.83 25.60 4.46
N VAL A 407 24.21 25.60 5.64
CA VAL A 407 23.32 26.66 6.07
C VAL A 407 23.78 27.31 7.37
N TRP A 408 24.25 26.54 8.34
CA TRP A 408 24.64 27.08 9.64
C TRP A 408 25.92 26.43 10.11
N ILE A 409 26.79 27.24 10.71
CA ILE A 409 27.97 26.75 11.41
C ILE A 409 27.81 27.12 12.86
N SER A 410 27.57 26.13 13.72
CA SER A 410 27.24 26.40 15.11
C SER A 410 28.38 26.01 16.03
N LEU A 411 28.61 26.85 17.03
CA LEU A 411 29.68 26.70 17.99
C LEU A 411 29.11 26.71 19.40
N ALA A 412 29.77 25.99 20.30
CA ALA A 412 29.53 26.06 21.73
C ALA A 412 30.62 25.28 22.42
N TYR A 413 31.19 25.86 23.46
CA TYR A 413 32.26 25.19 24.21
C TYR A 413 31.68 24.74 25.54
N LYS A 414 31.64 23.43 25.75
CA LYS A 414 31.15 22.84 26.97
C LYS A 414 32.34 22.44 27.84
N LYS A 415 32.05 21.70 28.91
CA LYS A 415 33.04 21.55 29.98
C LYS A 415 34.33 20.90 29.49
N THR A 416 34.27 20.16 28.38
CA THR A 416 35.46 19.53 27.82
C THR A 416 35.84 20.09 26.46
N GLY A 417 34.93 20.06 25.49
CA GLY A 417 35.27 20.48 24.14
C GLY A 417 34.19 21.31 23.47
N PRO A 418 34.49 21.81 22.28
CA PRO A 418 33.51 22.59 21.53
C PRO A 418 32.39 21.72 21.01
N TYR A 419 31.32 22.38 20.64
CA TYR A 419 30.14 21.72 20.07
C TYR A 419 29.91 22.39 18.73
N ILE A 420 30.67 21.97 17.73
CA ILE A 420 30.59 22.54 16.40
C ILE A 420 29.73 21.63 15.57
N THR A 421 28.61 22.15 15.10
CA THR A 421 27.68 21.38 14.29
C THR A 421 27.48 22.07 12.96
N VAL A 422 27.66 21.29 11.91
CA VAL A 422 27.71 21.79 10.54
C VAL A 422 26.36 21.42 9.94
N TYR A 423 25.43 22.35 9.99
CA TYR A 423 24.11 22.06 9.47
C TYR A 423 24.14 22.16 7.97
N THR A 424 23.51 21.21 7.31
CA THR A 424 23.47 21.17 5.87
C THR A 424 22.03 21.23 5.41
N ASN A 425 21.87 21.40 4.11
CA ASN A 425 20.58 21.19 3.51
C ASN A 425 20.67 19.86 2.79
N PRO A 426 20.15 18.78 3.36
CA PRO A 426 20.14 17.51 2.64
C PRO A 426 19.31 17.55 1.37
N GLY A 427 18.59 18.63 1.12
CA GLY A 427 17.84 18.77 -0.11
C GLY A 427 18.47 19.76 -1.05
N ALA A 428 19.78 20.00 -0.89
CA ALA A 428 20.47 20.91 -1.79
C ALA A 428 20.36 20.47 -3.23
N SER A 429 20.36 19.16 -3.48
CA SER A 429 20.22 18.66 -4.83
C SER A 429 18.93 19.13 -5.46
N ILE A 430 17.92 19.46 -4.65
CA ILE A 430 16.70 20.02 -5.21
C ILE A 430 16.94 21.43 -5.72
N LEU A 431 17.94 22.12 -5.18
CA LEU A 431 18.27 23.46 -5.63
C LEU A 431 19.24 23.46 -6.79
N GLU A 432 19.31 22.37 -7.54
CA GLU A 432 20.19 22.27 -8.71
C GLU A 432 19.43 21.67 -9.89
N SER B 23 -18.85 19.48 -6.00
CA SER B 23 -18.98 18.09 -6.41
C SER B 23 -17.80 17.68 -7.27
N PRO B 24 -16.94 16.81 -6.74
CA PRO B 24 -15.79 16.38 -7.51
C PRO B 24 -16.20 15.50 -8.68
N SER B 25 -15.26 15.29 -9.57
CA SER B 25 -15.41 14.33 -10.64
C SER B 25 -14.78 13.01 -10.24
N PRO B 26 -15.25 11.90 -10.80
CA PRO B 26 -14.74 10.59 -10.40
C PRO B 26 -13.22 10.50 -10.37
N TRP B 27 -12.52 11.07 -11.34
CA TRP B 27 -11.07 10.96 -11.28
C TRP B 27 -10.50 11.83 -10.17
N ASP B 28 -11.07 13.00 -9.93
CA ASP B 28 -10.61 13.85 -8.84
C ASP B 28 -10.81 13.17 -7.51
N PHE B 29 -12.06 12.80 -7.22
CA PHE B 29 -12.37 12.10 -5.97
C PHE B 29 -11.50 10.87 -5.81
N LEU B 30 -11.37 10.08 -6.87
CA LEU B 30 -10.64 8.83 -6.76
C LEU B 30 -9.16 9.07 -6.52
N GLY B 31 -8.56 10.02 -7.21
CA GLY B 31 -7.19 10.38 -6.90
C GLY B 31 -7.03 10.88 -5.49
N ARG B 32 -8.10 11.44 -4.93
CA ARG B 32 -8.07 11.87 -3.53
C ARG B 32 -8.10 10.67 -2.58
N VAL B 33 -8.95 9.69 -2.85
CA VAL B 33 -9.18 8.63 -1.87
C VAL B 33 -8.35 7.38 -2.13
N LEU B 34 -8.01 7.11 -3.39
CA LEU B 34 -7.39 5.83 -3.71
C LEU B 34 -5.96 5.78 -3.20
N GLN B 35 -5.56 4.60 -2.76
CA GLN B 35 -4.17 4.30 -2.45
C GLN B 35 -3.54 3.67 -3.68
N PHE B 36 -2.37 4.16 -4.05
CA PHE B 36 -1.68 3.68 -5.24
C PHE B 36 -0.49 2.84 -4.84
N GLN B 37 -0.34 1.69 -5.51
CA GLN B 37 0.77 0.80 -5.19
C GLN B 37 2.11 1.45 -5.49
N HIS B 38 2.16 2.30 -6.51
CA HIS B 38 3.41 2.87 -6.97
C HIS B 38 3.18 4.32 -7.38
N GLY B 39 4.22 5.13 -7.21
CA GLY B 39 4.11 6.53 -7.57
C GLY B 39 3.87 6.74 -9.05
N ASP B 40 4.52 5.92 -9.88
CA ASP B 40 4.31 6.03 -11.33
C ASP B 40 2.86 5.78 -11.68
N HIS B 41 2.18 4.89 -10.96
CA HIS B 41 0.76 4.72 -11.20
C HIS B 41 0.01 6.00 -10.86
N LYS B 42 0.46 6.73 -9.84
CA LYS B 42 -0.19 8.00 -9.51
C LYS B 42 0.03 9.03 -10.61
N ARG B 43 1.24 9.12 -11.13
CA ARG B 43 1.51 10.11 -12.17
C ARG B 43 0.78 9.75 -13.47
N TRP B 44 0.79 8.48 -13.84
CA TRP B 44 -0.03 8.04 -14.96
C TRP B 44 -1.49 8.32 -14.71
N TRP B 45 -1.94 8.21 -13.46
CA TRP B 45 -3.32 8.56 -13.16
C TRP B 45 -3.58 10.01 -13.46
N ASP B 46 -2.74 10.89 -12.91
CA ASP B 46 -2.89 12.32 -13.12
C ASP B 46 -2.94 12.67 -14.60
N VAL B 47 -2.16 11.97 -15.42
CA VAL B 47 -2.16 12.27 -16.85
C VAL B 47 -3.37 11.67 -17.54
N LEU B 48 -3.51 10.34 -17.49
CA LEU B 48 -4.50 9.64 -18.29
C LEU B 48 -5.91 9.84 -17.76
N ALA B 49 -6.10 9.60 -16.46
CA ALA B 49 -7.44 9.58 -15.88
C ALA B 49 -8.29 10.77 -16.25
N PRO B 50 -7.77 12.00 -16.36
CA PRO B 50 -8.62 13.08 -16.90
C PRO B 50 -9.05 12.82 -18.32
N VAL B 51 -8.11 12.45 -19.21
CA VAL B 51 -8.46 12.20 -20.60
C VAL B 51 -9.49 11.07 -20.70
N PHE B 52 -9.22 9.98 -20.01
CA PHE B 52 -10.12 8.83 -20.01
C PHE B 52 -11.49 9.21 -19.48
N GLY B 53 -11.52 9.84 -18.30
CA GLY B 53 -12.77 10.24 -17.70
C GLY B 53 -13.55 11.21 -18.55
N ILE B 54 -12.87 12.07 -19.29
CA ILE B 54 -13.58 13.04 -20.10
C ILE B 54 -14.08 12.41 -21.40
N SER B 55 -13.34 11.44 -21.94
CA SER B 55 -13.87 10.68 -23.06
C SER B 55 -15.09 9.89 -22.65
N MET B 56 -15.08 9.36 -21.42
CA MET B 56 -16.22 8.62 -20.93
C MET B 56 -17.40 9.53 -20.65
N ALA B 57 -17.15 10.68 -20.02
CA ALA B 57 -18.20 11.59 -19.58
C ALA B 57 -18.61 12.59 -20.64
N SER B 58 -18.00 12.53 -21.82
CA SER B 58 -18.37 13.39 -22.93
C SER B 58 -19.13 12.62 -24.01
N ILE B 59 -19.44 11.35 -23.76
CA ILE B 59 -20.38 10.59 -24.56
C ILE B 59 -21.52 10.04 -23.73
N GLY B 60 -21.39 10.05 -22.41
CA GLY B 60 -22.46 9.67 -21.51
C GLY B 60 -22.24 8.43 -20.69
N TYR B 61 -20.99 7.96 -20.53
CA TYR B 61 -20.77 6.81 -19.68
C TYR B 61 -21.27 7.10 -18.27
N LYS B 62 -22.33 6.38 -17.87
CA LYS B 62 -22.96 6.59 -16.58
C LYS B 62 -21.92 6.64 -15.46
N LEU B 63 -22.03 7.65 -14.61
CA LEU B 63 -20.96 7.97 -13.67
C LEU B 63 -20.52 6.76 -12.87
N ASP B 64 -21.44 5.82 -12.63
CA ASP B 64 -21.06 4.56 -12.00
C ASP B 64 -20.16 3.74 -12.91
N VAL B 65 -20.50 3.66 -14.20
CA VAL B 65 -19.64 2.95 -15.13
C VAL B 65 -18.30 3.66 -15.24
N GLN B 66 -18.31 4.98 -15.10
CA GLN B 66 -17.04 5.70 -15.01
C GLN B 66 -16.23 5.21 -13.84
N TYR B 67 -16.85 5.14 -12.65
CA TYR B 67 -16.18 4.58 -11.50
C TYR B 67 -15.60 3.21 -11.80
N ARG B 68 -16.39 2.34 -12.43
CA ARG B 68 -15.95 0.97 -12.68
C ARG B 68 -14.76 0.92 -13.62
N HIS B 69 -14.87 1.58 -14.77
CA HIS B 69 -13.78 1.54 -15.74
C HIS B 69 -12.54 2.22 -15.20
N LEU B 70 -12.71 3.30 -14.44
CA LEU B 70 -11.57 3.98 -13.87
C LEU B 70 -10.91 3.12 -12.81
N LEU B 71 -11.69 2.29 -12.11
CA LEU B 71 -11.08 1.38 -11.16
C LEU B 71 -10.40 0.21 -11.86
N VAL B 72 -10.88 -0.17 -13.04
CA VAL B 72 -10.17 -1.16 -13.85
C VAL B 72 -8.86 -0.59 -14.35
N LEU B 73 -8.91 0.62 -14.89
CA LEU B 73 -7.70 1.33 -15.30
C LEU B 73 -6.74 1.50 -14.13
N TYR B 74 -7.26 1.75 -12.94
CA TYR B 74 -6.43 1.86 -11.75
C TYR B 74 -5.89 0.51 -11.33
N ASP B 75 -6.60 -0.57 -11.65
CA ASP B 75 -6.31 -1.90 -11.15
C ASP B 75 -5.58 -2.78 -12.16
N ALA B 76 -6.01 -2.76 -13.42
CA ALA B 76 -5.50 -3.70 -14.40
C ALA B 76 -4.45 -3.12 -15.33
N VAL B 77 -4.67 -1.95 -15.90
CA VAL B 77 -3.87 -1.49 -17.02
C VAL B 77 -2.74 -0.57 -16.59
N ILE B 78 -2.95 0.31 -15.61
CA ILE B 78 -1.88 1.21 -15.21
C ILE B 78 -0.76 0.46 -14.53
N PRO B 79 -1.02 -0.54 -13.69
CA PRO B 79 0.10 -1.33 -13.17
C PRO B 79 0.83 -2.10 -14.26
N ASN B 80 0.26 -2.12 -15.45
CA ASN B 80 0.82 -2.81 -16.61
C ASN B 80 1.09 -1.84 -17.74
N MET B 81 1.56 -0.65 -17.41
CA MET B 81 1.88 0.37 -18.40
C MET B 81 3.36 0.69 -18.47
N GLY B 82 4.12 0.29 -17.47
CA GLY B 82 5.53 0.59 -17.45
C GLY B 82 5.77 1.94 -16.83
N PRO B 83 7.03 2.32 -16.70
CA PRO B 83 7.36 3.53 -15.95
C PRO B 83 6.86 4.78 -16.66
N PHE B 84 6.83 5.92 -15.94
CA PHE B 84 6.29 7.23 -16.45
C PHE B 84 7.35 8.06 -17.08
N PRO B 85 7.01 8.72 -18.17
CA PRO B 85 8.14 9.38 -18.76
C PRO B 85 8.63 10.51 -17.91
N ASN B 86 9.89 10.49 -17.56
CA ASN B 86 10.44 11.61 -16.85
C ASN B 86 10.87 12.67 -17.87
N SER B 87 11.51 13.74 -17.44
CA SER B 87 11.85 14.86 -18.32
C SER B 87 12.72 14.58 -19.51
N ASN B 88 13.73 13.76 -19.33
CA ASN B 88 14.55 13.38 -20.44
C ASN B 88 14.23 11.95 -20.78
N ALA B 89 13.04 11.45 -20.43
CA ALA B 89 12.74 10.03 -20.61
C ALA B 89 13.97 9.18 -20.35
N SER B 90 14.67 9.47 -19.25
CA SER B 90 15.82 8.66 -18.86
C SER B 90 15.40 7.27 -18.37
N ASN B 91 14.23 7.17 -17.74
CA ASN B 91 13.80 5.94 -17.11
C ASN B 91 13.22 4.94 -18.10
N ILE B 92 12.82 5.39 -19.29
CA ILE B 92 12.24 4.49 -20.28
C ILE B 92 13.33 3.57 -20.82
N THR B 93 13.29 2.30 -20.44
CA THR B 93 14.28 1.33 -20.89
C THR B 93 13.77 0.36 -21.92
N TRP B 94 12.47 0.35 -22.19
CA TRP B 94 11.87 -0.53 -23.19
C TRP B 94 11.67 0.31 -24.46
N THR B 95 12.64 0.24 -25.36
CA THR B 95 12.71 1.15 -26.48
C THR B 95 11.53 0.99 -27.43
N SER B 96 11.30 2.01 -28.22
CA SER B 96 10.17 2.07 -29.15
C SER B 96 10.29 3.28 -30.06
N PRO B 97 9.73 3.24 -31.27
CA PRO B 97 9.64 4.45 -32.08
C PRO B 97 8.48 5.35 -31.71
N PHE B 98 7.68 4.99 -30.72
CA PHE B 98 6.58 5.81 -30.24
C PHE B 98 6.89 6.34 -28.85
N PRO B 99 6.21 7.40 -28.43
CA PRO B 99 6.42 7.91 -27.07
C PRO B 99 5.89 6.94 -26.04
N PRO B 100 6.42 6.96 -24.83
CA PRO B 100 5.99 6.01 -23.81
C PRO B 100 4.52 6.20 -23.46
N GLY B 101 3.88 5.11 -23.02
CA GLY B 101 2.50 5.15 -22.65
C GLY B 101 1.64 4.43 -23.65
N PRO B 102 0.35 4.72 -23.61
CA PRO B 102 -0.56 4.12 -24.58
C PRO B 102 -0.13 4.41 -26.01
N LEU B 103 -0.46 3.49 -26.91
CA LEU B 103 -0.27 3.77 -28.33
C LEU B 103 -1.33 4.72 -28.83
N GLU B 104 -2.45 4.82 -28.12
CA GLU B 104 -3.57 5.65 -28.56
C GLU B 104 -4.66 5.60 -27.52
N ALA B 105 -5.64 6.48 -27.68
CA ALA B 105 -6.90 6.44 -26.96
C ALA B 105 -7.96 6.60 -28.02
N SER B 106 -8.80 5.60 -28.16
CA SER B 106 -9.36 5.25 -29.46
C SER B 106 -10.85 5.55 -29.58
N VAL B 107 -11.29 6.70 -29.10
CA VAL B 107 -12.70 7.06 -29.19
C VAL B 107 -13.16 6.91 -30.63
N ASN B 108 -14.12 6.01 -30.85
CA ASN B 108 -14.63 5.75 -32.19
C ASN B 108 -16.11 6.10 -32.27
N TYR B 109 -16.49 6.59 -33.45
CA TYR B 109 -17.84 7.06 -33.74
C TYR B 109 -18.43 6.22 -34.86
N GLN B 110 -19.68 5.81 -34.71
CA GLN B 110 -20.38 5.15 -35.81
C GLN B 110 -21.74 5.79 -35.94
N ALA B 111 -22.59 5.18 -36.76
CA ALA B 111 -23.90 5.74 -37.04
C ALA B 111 -24.77 5.74 -35.79
N GLY B 112 -25.82 6.57 -35.85
CA GLY B 112 -26.79 6.62 -34.77
C GLY B 112 -26.24 7.08 -33.44
N GLU B 113 -25.18 7.89 -33.48
CA GLU B 113 -24.55 8.39 -32.26
C GLU B 113 -24.14 7.26 -31.32
N SER B 114 -23.54 6.22 -31.89
CA SER B 114 -22.94 5.14 -31.10
C SER B 114 -21.45 5.41 -31.03
N SER B 115 -21.00 5.91 -29.89
CA SER B 115 -19.61 6.18 -29.63
C SER B 115 -19.09 5.20 -28.59
N MET B 116 -17.82 4.83 -28.69
CA MET B 116 -17.28 4.01 -27.64
C MET B 116 -15.79 4.26 -27.48
N PHE B 117 -15.30 3.99 -26.27
CA PHE B 117 -13.94 4.28 -25.88
C PHE B 117 -13.13 3.00 -25.94
N ARG B 118 -11.97 3.09 -26.56
CA ARG B 118 -11.07 1.98 -26.75
C ARG B 118 -9.71 2.43 -26.30
N PHE B 119 -8.81 1.48 -26.11
CA PHE B 119 -7.55 1.86 -25.50
C PHE B 119 -6.50 0.82 -25.84
N THR B 120 -5.48 1.21 -26.60
CA THR B 120 -4.43 0.29 -27.00
C THR B 120 -3.22 0.51 -26.11
N ILE B 121 -2.60 -0.57 -25.69
CA ILE B 121 -1.35 -0.49 -24.96
C ILE B 121 -0.50 -1.69 -25.30
N GLU B 122 0.78 -1.47 -25.42
CA GLU B 122 1.72 -2.58 -25.44
C GLU B 122 2.11 -2.81 -23.98
N PRO B 123 1.53 -3.81 -23.33
CA PRO B 123 1.82 -4.02 -21.90
C PRO B 123 3.30 -4.10 -21.65
N VAL B 124 3.80 -3.23 -20.77
CA VAL B 124 5.21 -3.16 -20.45
C VAL B 124 5.35 -3.49 -18.97
N GLY B 125 6.22 -4.44 -18.67
CA GLY B 125 6.52 -4.73 -17.29
C GLY B 125 7.28 -3.58 -16.69
N PRO B 126 7.22 -3.44 -15.37
CA PRO B 126 7.98 -2.36 -14.72
C PRO B 126 9.46 -2.45 -14.98
N HIS B 127 9.95 -3.59 -15.47
CA HIS B 127 11.36 -3.76 -15.78
C HIS B 127 11.57 -4.34 -17.17
N ALA B 128 10.60 -4.17 -18.07
CA ALA B 128 10.73 -4.68 -19.42
C ALA B 128 11.84 -3.95 -20.16
N GLY B 129 12.54 -4.69 -21.02
CA GLY B 129 13.69 -4.11 -21.67
C GLY B 129 14.91 -4.03 -20.82
N THR B 130 14.92 -4.68 -19.67
CA THR B 130 16.05 -4.79 -18.78
C THR B 130 16.41 -6.25 -18.61
N PRO B 131 17.61 -6.56 -18.13
CA PRO B 131 18.02 -7.97 -18.06
C PRO B 131 17.13 -8.84 -17.19
N ALA B 132 16.20 -8.25 -16.44
CA ALA B 132 15.25 -9.05 -15.69
C ALA B 132 14.03 -9.41 -16.51
N ASP B 133 13.71 -8.63 -17.53
CA ASP B 133 12.59 -8.91 -18.43
C ASP B 133 12.94 -8.44 -19.83
N PRO B 134 13.91 -9.10 -20.47
CA PRO B 134 14.40 -8.58 -21.75
C PRO B 134 13.41 -8.63 -22.88
N VAL B 135 12.34 -9.43 -22.78
CA VAL B 135 11.39 -9.55 -23.88
C VAL B 135 9.98 -9.20 -23.47
N ASN B 136 9.79 -8.67 -22.26
CA ASN B 136 8.49 -8.22 -21.81
C ASN B 136 7.45 -9.34 -21.92
N GLU B 137 7.72 -10.43 -21.21
CA GLU B 137 6.94 -11.65 -21.37
C GLU B 137 5.70 -11.70 -20.50
N LEU B 138 5.79 -11.26 -19.25
CA LEU B 138 4.70 -11.49 -18.31
C LEU B 138 3.57 -10.48 -18.47
N ALA B 139 3.91 -9.22 -18.76
CA ALA B 139 2.95 -8.13 -18.64
C ALA B 139 1.62 -8.45 -19.29
N ALA B 140 1.65 -9.00 -20.49
CA ALA B 140 0.41 -9.31 -21.19
C ALA B 140 -0.40 -10.36 -20.45
N LYS B 141 0.28 -11.39 -19.93
CA LYS B 141 -0.43 -12.45 -19.22
C LYS B 141 -0.95 -11.97 -17.88
N GLN B 142 -0.17 -11.15 -17.18
CA GLN B 142 -0.67 -10.57 -15.93
C GLN B 142 -1.89 -9.71 -16.19
N LEU B 143 -1.88 -8.92 -17.26
CA LEU B 143 -3.05 -8.13 -17.61
C LEU B 143 -4.24 -9.02 -17.90
N MET B 144 -4.03 -10.07 -18.70
CA MET B 144 -5.11 -11.01 -19.02
C MET B 144 -5.68 -11.66 -17.77
N GLN B 145 -4.81 -12.10 -16.88
CA GLN B 145 -5.22 -12.78 -15.66
C GLN B 145 -5.99 -11.85 -14.74
N ARG B 146 -5.43 -10.67 -14.48
CA ARG B 146 -6.11 -9.69 -13.66
C ARG B 146 -7.48 -9.36 -14.24
N LEU B 147 -7.55 -9.24 -15.56
CA LEU B 147 -8.81 -8.87 -16.18
C LEU B 147 -9.83 -10.00 -16.09
N GLY B 148 -9.37 -11.26 -16.13
CA GLY B 148 -10.28 -12.37 -15.91
C GLY B 148 -10.73 -12.47 -14.46
N GLN B 149 -9.83 -12.18 -13.53
CA GLN B 149 -10.20 -12.18 -12.12
C GLN B 149 -11.22 -11.10 -11.80
N LEU B 150 -11.10 -9.94 -12.45
CA LEU B 150 -12.09 -8.89 -12.24
C LEU B 150 -13.45 -9.31 -12.75
N GLN B 151 -13.51 -9.76 -14.00
CA GLN B 151 -14.76 -10.20 -14.62
C GLN B 151 -14.64 -11.69 -14.95
N PRO B 152 -14.99 -12.58 -14.03
CA PRO B 152 -14.86 -14.01 -14.32
C PRO B 152 -15.77 -14.43 -15.45
N GLY B 153 -15.29 -15.38 -16.26
CA GLY B 153 -16.02 -15.83 -17.42
C GLY B 153 -16.01 -14.88 -18.59
N GLY B 154 -15.30 -13.76 -18.49
CA GLY B 154 -15.28 -12.77 -19.54
C GLY B 154 -14.07 -12.80 -20.45
N VAL B 155 -13.13 -13.70 -20.23
CA VAL B 155 -11.91 -13.78 -21.04
C VAL B 155 -11.75 -15.23 -21.48
N ASP B 156 -12.26 -15.54 -22.67
CA ASP B 156 -12.05 -16.86 -23.26
C ASP B 156 -10.67 -16.93 -23.89
N SER B 157 -9.96 -18.02 -23.64
CA SER B 157 -8.56 -18.12 -23.97
C SER B 157 -8.26 -19.14 -25.07
N THR B 158 -9.23 -19.42 -25.93
CA THR B 158 -9.03 -20.46 -26.94
C THR B 158 -8.01 -20.01 -27.98
N MET B 159 -8.31 -18.94 -28.71
CA MET B 159 -7.46 -18.55 -29.83
C MET B 159 -6.09 -18.10 -29.33
N PHE B 160 -6.04 -17.49 -28.15
CA PHE B 160 -4.75 -17.21 -27.55
C PHE B 160 -3.96 -18.49 -27.40
N ASP B 161 -4.61 -19.55 -26.92
CA ASP B 161 -3.92 -20.82 -26.73
C ASP B 161 -3.43 -21.37 -28.06
N HIS B 162 -4.21 -21.22 -29.12
CA HIS B 162 -3.80 -21.79 -30.40
C HIS B 162 -2.66 -21.01 -31.03
N PHE B 163 -2.68 -19.68 -30.92
CA PHE B 163 -1.77 -18.85 -31.69
C PHE B 163 -0.51 -18.45 -30.94
N TYR B 164 -0.54 -18.40 -29.62
CA TYR B 164 0.68 -18.14 -28.87
C TYR B 164 1.84 -19.05 -29.27
N PRO B 165 1.62 -20.33 -29.62
CA PRO B 165 2.77 -21.14 -30.06
C PRO B 165 3.28 -20.77 -31.44
N LEU B 166 2.37 -20.52 -32.38
CA LEU B 166 2.77 -20.37 -33.77
C LEU B 166 3.28 -18.97 -34.08
N LEU B 167 2.57 -17.94 -33.59
CA LEU B 167 2.94 -16.57 -33.91
C LEU B 167 3.93 -15.98 -32.92
N CYS B 168 3.63 -16.03 -31.64
CA CYS B 168 4.41 -15.32 -30.65
C CYS B 168 5.66 -16.09 -30.30
N VAL B 169 6.44 -15.54 -29.38
CA VAL B 169 7.64 -16.18 -28.86
C VAL B 169 7.64 -16.00 -27.36
N ASP B 170 7.71 -17.10 -26.63
CA ASP B 170 7.75 -17.05 -25.18
C ASP B 170 9.11 -16.53 -24.71
N GLY B 171 9.25 -16.41 -23.40
CA GLY B 171 10.48 -15.95 -22.79
C GLY B 171 11.67 -16.81 -23.12
N PRO B 172 11.60 -18.12 -22.84
CA PRO B 172 12.78 -18.96 -23.03
C PRO B 172 13.24 -19.07 -24.47
N GLU B 173 12.32 -19.22 -25.42
CA GLU B 173 12.72 -19.30 -26.82
C GLU B 173 13.41 -18.02 -27.26
N ALA B 174 12.86 -16.87 -26.86
CA ALA B 174 13.49 -15.61 -27.21
C ALA B 174 14.85 -15.47 -26.55
N ARG B 175 15.02 -16.02 -25.36
CA ARG B 175 16.31 -15.89 -24.69
C ARG B 175 17.36 -16.82 -25.27
N ARG B 176 16.96 -17.99 -25.77
CA ARG B 176 17.94 -18.90 -26.37
C ARG B 176 18.49 -18.35 -27.67
N GLN B 177 17.63 -17.71 -28.46
CA GLN B 177 17.96 -17.23 -29.79
C GLN B 177 18.16 -15.71 -29.81
N TRP B 178 18.81 -15.16 -28.79
CA TRP B 178 18.90 -13.70 -28.70
C TRP B 178 19.76 -13.11 -29.79
N ASP B 179 20.74 -13.87 -30.30
CA ASP B 179 21.55 -13.38 -31.40
C ASP B 179 20.69 -13.05 -32.62
N SER B 180 19.55 -13.72 -32.76
CA SER B 180 18.79 -13.60 -33.99
C SER B 180 17.97 -12.31 -34.04
N ILE B 181 17.44 -11.87 -32.89
CA ILE B 181 16.48 -10.78 -32.86
C ILE B 181 17.03 -9.55 -32.14
N ALA B 182 18.32 -9.56 -31.79
CA ALA B 182 18.87 -8.42 -31.05
C ALA B 182 18.90 -7.17 -31.93
N HIS B 183 19.18 -7.33 -33.22
CA HIS B 183 19.25 -6.18 -34.11
C HIS B 183 17.91 -5.48 -34.28
N ILE B 184 16.81 -6.13 -33.94
CA ILE B 184 15.51 -5.49 -34.08
C ILE B 184 15.40 -4.34 -33.09
N TYR B 185 14.82 -3.23 -33.55
CA TYR B 185 14.67 -2.07 -32.67
C TYR B 185 13.47 -2.22 -31.75
N HIS B 186 12.30 -2.49 -32.31
CA HIS B 186 11.09 -2.65 -31.51
C HIS B 186 10.77 -4.13 -31.39
N LYS B 187 11.00 -4.69 -30.21
CA LYS B 187 10.72 -6.10 -29.95
C LYS B 187 9.32 -6.28 -29.36
N CYS B 188 8.34 -5.80 -30.10
CA CYS B 188 6.95 -5.91 -29.70
C CYS B 188 6.37 -7.21 -30.20
N HIS B 189 5.73 -7.96 -29.31
CA HIS B 189 5.15 -9.25 -29.68
C HIS B 189 3.69 -9.42 -29.28
N THR B 190 3.16 -8.58 -28.41
CA THR B 190 1.78 -8.72 -27.95
C THR B 190 1.24 -7.33 -27.69
N VAL B 191 0.16 -6.96 -28.37
CA VAL B 191 -0.46 -5.66 -28.17
C VAL B 191 -1.89 -5.88 -27.73
N THR B 192 -2.31 -5.22 -26.65
CA THR B 192 -3.62 -5.46 -26.07
C THR B 192 -4.46 -4.20 -26.17
N ALA B 193 -5.64 -4.35 -26.75
CA ALA B 193 -6.61 -3.27 -26.84
C ALA B 193 -7.81 -3.61 -25.96
N LEU B 194 -8.19 -2.68 -25.11
CA LEU B 194 -9.36 -2.80 -24.27
C LEU B 194 -10.50 -2.05 -24.95
N ASP B 195 -11.62 -2.72 -25.13
CA ASP B 195 -12.86 -2.04 -25.50
C ASP B 195 -13.58 -1.79 -24.19
N MET B 196 -13.64 -0.53 -23.77
CA MET B 196 -14.25 -0.22 -22.48
C MET B 196 -15.75 -0.01 -22.73
N GLN B 197 -16.48 -1.12 -22.78
CA GLN B 197 -17.89 -1.05 -23.12
C GLN B 197 -18.62 -0.12 -22.18
N ARG B 198 -19.63 0.58 -22.73
CA ARG B 198 -20.50 1.40 -21.91
C ARG B 198 -21.25 0.58 -20.87
N SER B 199 -21.33 -0.74 -21.06
CA SER B 199 -21.95 -1.63 -20.10
C SER B 199 -20.95 -2.18 -19.09
N ALA B 200 -19.88 -1.44 -18.81
CA ALA B 200 -18.93 -1.77 -17.76
C ALA B 200 -18.21 -3.08 -18.01
N ALA B 201 -18.49 -3.73 -19.13
CA ALA B 201 -17.97 -5.06 -19.44
C ALA B 201 -16.82 -4.92 -20.43
N CYS B 202 -15.63 -4.62 -19.93
CA CYS B 202 -14.48 -4.39 -20.79
C CYS B 202 -14.08 -5.67 -21.49
N THR B 203 -13.67 -5.54 -22.76
CA THR B 203 -13.36 -6.70 -23.59
C THR B 203 -11.95 -6.59 -24.17
N LEU B 204 -11.15 -7.62 -23.98
CA LEU B 204 -9.76 -7.66 -24.40
C LEU B 204 -9.63 -8.10 -25.86
N LYS B 205 -8.63 -7.55 -26.54
CA LYS B 205 -8.27 -7.92 -27.90
C LYS B 205 -6.75 -8.01 -27.97
N THR B 206 -6.25 -9.03 -28.66
CA THR B 206 -4.81 -9.28 -28.70
C THR B 206 -4.33 -9.31 -30.13
N ALA B 207 -3.20 -8.68 -30.38
CA ALA B 207 -2.55 -8.70 -31.67
C ALA B 207 -1.15 -9.26 -31.53
N PHE B 208 -0.77 -10.10 -32.49
CA PHE B 208 0.54 -10.75 -32.53
C PHE B 208 1.29 -10.29 -33.77
N PRO B 209 2.37 -9.53 -33.62
CA PRO B 209 3.29 -9.32 -34.71
C PRO B 209 4.34 -10.41 -34.74
N PRO B 210 4.41 -11.18 -35.82
CA PRO B 210 5.32 -12.33 -35.88
C PRO B 210 6.76 -12.00 -36.26
N LEU B 211 7.19 -10.76 -36.11
CA LEU B 211 8.50 -10.38 -36.63
C LEU B 211 9.62 -11.18 -35.98
N LEU B 212 9.59 -11.34 -34.65
CA LEU B 212 10.61 -12.14 -33.99
C LEU B 212 10.50 -13.61 -34.39
N ARG B 213 9.27 -14.10 -34.55
CA ARG B 213 9.07 -15.47 -35.01
C ARG B 213 9.66 -15.66 -36.40
N SER B 214 9.19 -14.87 -37.36
CA SER B 214 9.71 -14.95 -38.72
C SER B 214 11.21 -14.72 -38.76
N THR B 215 11.76 -14.04 -37.76
CA THR B 215 13.20 -13.81 -37.75
C THR B 215 13.95 -15.06 -37.31
N ILE B 216 13.62 -15.59 -36.13
CA ILE B 216 14.35 -16.75 -35.62
C ILE B 216 14.14 -17.95 -36.54
N MET B 217 12.90 -18.17 -36.99
CA MET B 217 12.66 -19.23 -37.94
C MET B 217 13.17 -18.90 -39.33
N ASN B 218 13.54 -17.65 -39.57
CA ASN B 218 14.10 -17.22 -40.85
C ASN B 218 13.16 -17.53 -42.01
N THR B 219 11.86 -17.47 -41.74
CA THR B 219 10.84 -17.64 -42.77
C THR B 219 10.09 -16.34 -42.97
N SER B 220 9.28 -16.30 -44.02
CA SER B 220 8.57 -15.08 -44.36
C SER B 220 7.39 -14.87 -43.43
N MET B 221 7.06 -13.59 -43.21
CA MET B 221 5.91 -13.26 -42.38
C MET B 221 4.65 -13.89 -42.95
N VAL B 222 4.50 -13.82 -44.27
CA VAL B 222 3.27 -14.23 -44.92
C VAL B 222 2.88 -15.64 -44.50
N ASP B 223 3.79 -16.59 -44.73
CA ASP B 223 3.40 -17.98 -44.64
C ASP B 223 3.33 -18.45 -43.18
N ILE B 224 4.14 -17.90 -42.28
CA ILE B 224 3.90 -18.27 -40.88
C ILE B 224 2.54 -17.80 -40.44
N MET B 225 2.18 -16.55 -40.77
CA MET B 225 0.85 -16.07 -40.41
C MET B 225 -0.23 -16.97 -40.98
N PHE B 226 -0.12 -17.30 -42.26
CA PHE B 226 -1.21 -18.00 -42.91
C PHE B 226 -1.22 -19.49 -42.59
N ASP B 227 -0.07 -20.08 -42.29
CA ASP B 227 -0.05 -21.45 -41.82
C ASP B 227 -0.64 -21.55 -40.42
N ALA B 228 -0.41 -20.55 -39.58
CA ALA B 228 -1.07 -20.52 -38.29
C ALA B 228 -2.58 -20.45 -38.45
N VAL B 229 -3.06 -19.51 -39.28
CA VAL B 229 -4.50 -19.42 -39.45
C VAL B 229 -5.05 -20.69 -40.09
N GLU B 230 -4.26 -21.38 -40.91
CA GLU B 230 -4.72 -22.60 -41.56
C GLU B 230 -4.84 -23.74 -40.57
N SER B 231 -3.83 -23.91 -39.72
CA SER B 231 -3.92 -24.94 -38.70
C SER B 231 -5.08 -24.67 -37.77
N PHE B 232 -5.34 -23.40 -37.47
CA PHE B 232 -6.50 -23.10 -36.65
C PHE B 232 -7.80 -23.44 -37.38
N ARG B 233 -7.83 -23.18 -38.68
CA ARG B 233 -9.02 -23.52 -39.47
C ARG B 233 -9.33 -25.00 -39.39
N LYS B 234 -8.30 -25.84 -39.51
CA LYS B 234 -8.56 -27.27 -39.54
C LYS B 234 -8.81 -27.82 -38.14
N GLN B 235 -8.02 -27.40 -37.16
CA GLN B 235 -8.23 -27.83 -35.78
C GLN B 235 -9.58 -27.37 -35.24
N SER B 236 -10.09 -26.25 -35.72
CA SER B 236 -11.35 -25.69 -35.23
C SER B 236 -12.53 -26.03 -36.12
N GLY B 237 -12.28 -26.28 -37.40
CA GLY B 237 -13.35 -26.46 -38.35
C GLY B 237 -14.01 -25.18 -38.78
N LEU B 238 -13.72 -24.05 -38.13
CA LEU B 238 -14.32 -22.79 -38.51
C LEU B 238 -13.65 -22.26 -39.77
N TYR B 239 -14.38 -21.39 -40.47
CA TYR B 239 -13.99 -20.92 -41.79
C TYR B 239 -13.34 -19.55 -41.68
N PHE B 240 -12.11 -19.41 -42.17
CA PHE B 240 -11.42 -18.12 -42.22
C PHE B 240 -10.82 -17.97 -43.62
N ASP B 241 -11.56 -17.38 -44.55
CA ASP B 241 -11.04 -17.27 -45.92
C ASP B 241 -9.81 -16.38 -45.91
N TYR B 242 -8.65 -16.98 -46.17
CA TYR B 242 -7.35 -16.32 -46.01
C TYR B 242 -6.52 -16.32 -47.27
N THR B 243 -7.07 -16.75 -48.41
CA THR B 243 -6.24 -16.92 -49.59
C THR B 243 -5.95 -15.58 -50.27
N LYS B 244 -6.98 -14.77 -50.51
CA LYS B 244 -6.81 -13.58 -51.32
C LYS B 244 -5.77 -12.64 -50.72
N ILE B 245 -5.81 -12.48 -49.40
CA ILE B 245 -4.77 -11.73 -48.72
C ILE B 245 -3.42 -12.30 -49.06
N LYS B 246 -3.33 -13.63 -49.10
CA LYS B 246 -2.03 -14.25 -49.30
C LYS B 246 -1.50 -14.01 -50.70
N GLU B 247 -2.32 -14.25 -51.73
CA GLU B 247 -1.80 -14.08 -53.08
C GLU B 247 -1.67 -12.61 -53.45
N PHE B 248 -2.25 -11.71 -52.64
CA PHE B 248 -1.90 -10.31 -52.89
C PHE B 248 -0.61 -9.91 -52.19
N MET B 249 -0.49 -10.20 -50.89
CA MET B 249 0.67 -9.80 -50.13
C MET B 249 1.93 -10.56 -50.55
N SER B 250 1.72 -11.47 -51.49
CA SER B 250 2.83 -12.24 -52.00
C SER B 250 3.20 -11.89 -53.42
N GLU B 251 2.78 -10.73 -53.92
CA GLU B 251 3.21 -10.27 -55.24
C GLU B 251 4.52 -9.53 -55.03
N GLU B 252 4.95 -8.80 -56.04
CA GLU B 252 6.21 -8.06 -55.93
C GLU B 252 6.01 -6.56 -56.00
N LYS B 253 5.04 -6.11 -56.76
CA LYS B 253 4.74 -4.68 -56.80
C LYS B 253 4.20 -4.20 -55.47
N THR B 254 3.42 -5.03 -54.79
CA THR B 254 3.05 -4.75 -53.41
C THR B 254 4.29 -4.66 -52.53
N HIS B 255 5.08 -5.72 -52.52
CA HIS B 255 6.22 -5.79 -51.62
C HIS B 255 7.28 -4.74 -51.90
N GLU B 256 7.18 -4.00 -53.01
CA GLU B 256 8.14 -2.93 -53.23
C GLU B 256 7.76 -1.66 -52.49
N THR B 257 6.47 -1.39 -52.29
CA THR B 257 6.00 -0.14 -51.71
C THR B 257 5.69 -0.24 -50.22
N MET B 258 5.10 -1.34 -49.77
CA MET B 258 4.88 -1.55 -48.35
C MET B 258 6.17 -1.99 -47.68
N MET B 259 6.15 -2.08 -46.36
CA MET B 259 7.18 -2.81 -45.64
C MET B 259 6.47 -3.89 -44.83
N VAL B 260 6.69 -5.14 -45.21
CA VAL B 260 5.89 -6.22 -44.63
C VAL B 260 6.25 -6.47 -43.18
N ASP B 261 7.39 -6.00 -42.71
CA ASP B 261 7.79 -6.32 -41.35
C ASP B 261 7.18 -5.40 -40.30
N ARG B 262 6.35 -4.44 -40.69
CA ARG B 262 5.48 -3.76 -39.74
C ARG B 262 4.08 -4.37 -39.85
N SER B 263 4.00 -5.65 -39.56
CA SER B 263 2.75 -6.39 -39.75
C SER B 263 2.42 -7.20 -38.51
N TYR B 264 1.12 -7.40 -38.30
CA TYR B 264 0.66 -8.29 -37.27
C TYR B 264 -0.69 -8.87 -37.71
N LEU B 265 -1.15 -9.86 -36.96
CA LEU B 265 -2.54 -10.30 -37.09
C LEU B 265 -3.15 -10.39 -35.71
N SER B 266 -4.46 -10.20 -35.63
CA SER B 266 -5.10 -9.97 -34.35
C SER B 266 -6.37 -10.80 -34.23
N PHE B 267 -6.89 -10.85 -33.00
CA PHE B 267 -8.04 -11.67 -32.67
C PHE B 267 -8.58 -11.23 -31.32
N ASP B 268 -9.85 -11.53 -31.09
CA ASP B 268 -10.49 -11.23 -29.83
C ASP B 268 -10.44 -12.44 -28.91
N CYS B 269 -10.08 -12.21 -27.66
CA CYS B 269 -10.11 -13.25 -26.64
C CYS B 269 -11.57 -13.47 -26.24
N LEU B 270 -12.26 -14.29 -27.01
CA LEU B 270 -13.68 -14.51 -26.85
C LEU B 270 -14.00 -15.93 -27.30
N ASP B 271 -15.27 -16.22 -27.46
CA ASP B 271 -15.73 -17.47 -28.04
C ASP B 271 -15.26 -17.53 -29.49
N PRO B 272 -14.31 -18.40 -29.82
CA PRO B 272 -13.75 -18.39 -31.17
C PRO B 272 -14.77 -18.54 -32.27
N ALA B 273 -16.01 -18.91 -31.93
CA ALA B 273 -17.10 -18.81 -32.88
C ALA B 273 -17.58 -17.37 -33.04
N LYS B 274 -17.03 -16.44 -32.27
CA LYS B 274 -17.42 -15.04 -32.35
C LYS B 274 -16.28 -14.12 -32.73
N SER B 275 -15.03 -14.54 -32.54
CA SER B 275 -13.89 -13.68 -32.81
C SER B 275 -13.70 -13.50 -34.32
N ARG B 276 -12.67 -12.74 -34.66
CA ARG B 276 -12.27 -12.50 -36.04
C ARG B 276 -10.77 -12.68 -36.13
N ILE B 277 -10.24 -12.68 -37.35
CA ILE B 277 -8.80 -12.68 -37.54
C ILE B 277 -8.45 -11.54 -38.49
N LYS B 278 -7.75 -10.53 -37.98
CA LYS B 278 -7.41 -9.36 -38.75
C LYS B 278 -5.93 -9.37 -39.06
N ILE B 279 -5.58 -9.21 -40.33
CA ILE B 279 -4.21 -8.99 -40.77
C ILE B 279 -3.98 -7.49 -40.86
N TYR B 280 -2.73 -7.07 -40.69
CA TYR B 280 -2.43 -5.66 -40.54
C TYR B 280 -1.00 -5.38 -40.97
N THR B 281 -0.82 -4.41 -41.86
CA THR B 281 0.51 -4.05 -42.36
C THR B 281 0.55 -2.56 -42.71
N GLU B 282 1.70 -2.10 -43.25
CA GLU B 282 2.01 -0.68 -43.38
C GLU B 282 2.65 -0.36 -44.73
N ALA B 283 2.27 0.80 -45.30
CA ALA B 283 2.71 1.21 -46.62
C ALA B 283 3.09 2.68 -46.63
N LYS B 284 4.06 3.01 -47.48
CA LYS B 284 4.52 4.38 -47.74
C LYS B 284 4.25 4.65 -49.22
N VAL B 285 3.10 5.24 -49.52
CA VAL B 285 2.64 5.31 -50.89
C VAL B 285 2.64 6.74 -51.40
N LYS B 286 2.77 6.87 -52.73
CA LYS B 286 2.88 8.14 -53.43
C LYS B 286 1.55 8.69 -53.88
N THR B 287 0.74 7.86 -54.53
CA THR B 287 -0.55 8.28 -55.07
C THR B 287 -1.66 7.61 -54.28
N LEU B 288 -2.84 8.22 -54.27
CA LEU B 288 -3.99 7.53 -53.70
C LEU B 288 -4.39 6.34 -54.58
N GLU B 289 -4.30 6.51 -55.89
CA GLU B 289 -4.49 5.38 -56.79
C GLU B 289 -3.55 4.24 -56.41
N GLU B 290 -2.27 4.55 -56.22
CA GLU B 290 -1.31 3.55 -55.78
C GLU B 290 -1.79 2.84 -54.53
N ALA B 291 -2.35 3.58 -53.58
CA ALA B 291 -2.79 2.98 -52.33
C ALA B 291 -4.03 2.14 -52.51
N TYR B 292 -4.81 2.37 -53.56
CA TYR B 292 -6.02 1.57 -53.76
C TYR B 292 -5.74 0.09 -53.77
N SER B 293 -4.52 -0.31 -54.08
CA SER B 293 -4.17 -1.73 -54.03
C SER B 293 -4.41 -2.31 -52.65
N PHE B 294 -3.85 -1.67 -51.62
CA PHE B 294 -3.99 -2.18 -50.25
C PHE B 294 -5.44 -2.22 -49.81
N TRP B 295 -6.21 -1.19 -50.16
CA TRP B 295 -7.64 -1.23 -49.86
C TRP B 295 -8.33 -2.36 -50.58
N SER B 296 -7.81 -2.77 -51.75
CA SER B 296 -8.47 -3.74 -52.61
C SER B 296 -7.74 -5.08 -52.69
N LEU B 297 -6.62 -5.24 -52.01
CA LEU B 297 -5.82 -6.46 -52.11
C LEU B 297 -5.42 -6.73 -53.57
N GLY B 298 -5.16 -5.67 -54.31
CA GLY B 298 -4.80 -5.79 -55.70
C GLY B 298 -5.94 -6.01 -56.64
N GLY B 299 -7.16 -5.61 -56.28
CA GLY B 299 -8.32 -5.82 -57.10
C GLY B 299 -9.08 -7.09 -56.80
N ARG B 300 -8.44 -8.05 -56.14
CA ARG B 300 -9.13 -9.28 -55.78
C ARG B 300 -10.30 -8.99 -54.85
N LEU B 301 -10.05 -8.22 -53.80
CA LEU B 301 -11.06 -7.91 -52.79
C LEU B 301 -11.85 -6.72 -53.29
N SER B 302 -13.00 -6.98 -53.89
CA SER B 302 -13.79 -5.93 -54.50
C SER B 302 -15.26 -6.15 -54.17
N GLY B 303 -15.97 -5.05 -53.90
CA GLY B 303 -17.37 -5.12 -53.57
C GLY B 303 -18.11 -3.82 -53.74
N PRO B 304 -19.43 -3.83 -53.48
CA PRO B 304 -20.17 -2.56 -53.52
C PRO B 304 -19.80 -1.60 -52.41
N GLU B 305 -19.02 -2.05 -51.42
CA GLU B 305 -18.63 -1.16 -50.33
C GLU B 305 -17.15 -0.83 -50.39
N ILE B 306 -16.38 -1.64 -51.11
CA ILE B 306 -14.95 -1.40 -51.25
C ILE B 306 -14.69 -0.07 -51.94
N ASP B 307 -15.64 0.38 -52.77
CA ASP B 307 -15.51 1.69 -53.40
C ASP B 307 -16.08 2.79 -52.52
N TYR B 308 -17.20 2.50 -51.83
CA TYR B 308 -17.74 3.46 -50.88
C TYR B 308 -16.68 3.93 -49.91
N GLY B 309 -15.95 2.99 -49.30
CA GLY B 309 -14.92 3.37 -48.35
C GLY B 309 -13.75 4.08 -48.99
N PHE B 310 -13.33 3.64 -50.17
CA PHE B 310 -12.14 4.23 -50.79
C PHE B 310 -12.40 5.66 -51.22
N LYS B 311 -13.62 5.97 -51.67
CA LYS B 311 -13.90 7.35 -52.05
C LYS B 311 -13.70 8.28 -50.87
N ILE B 312 -14.26 7.93 -49.72
CA ILE B 312 -14.15 8.76 -48.54
C ILE B 312 -12.70 8.88 -48.11
N VAL B 313 -11.95 7.79 -48.20
CA VAL B 313 -10.57 7.89 -47.74
C VAL B 313 -9.75 8.75 -48.68
N SER B 314 -10.01 8.71 -49.98
CA SER B 314 -9.26 9.57 -50.88
C SER B 314 -9.65 11.03 -50.66
N GLN B 315 -10.93 11.28 -50.40
CA GLN B 315 -11.41 12.61 -50.09
C GLN B 315 -10.64 13.20 -48.91
N MET B 316 -10.67 12.50 -47.77
CA MET B 316 -9.95 13.02 -46.61
C MET B 316 -8.44 13.02 -46.85
N TRP B 317 -7.97 12.13 -47.72
CA TRP B 317 -6.55 12.07 -48.04
C TRP B 317 -6.07 13.39 -48.61
N ASP B 318 -6.63 13.78 -49.76
CA ASP B 318 -6.17 15.05 -50.34
C ASP B 318 -6.63 16.23 -49.51
N ALA B 319 -7.67 16.07 -48.68
CA ALA B 319 -8.02 17.11 -47.73
C ALA B 319 -6.86 17.42 -46.79
N ILE B 320 -6.39 16.42 -46.04
CA ILE B 320 -5.36 16.66 -45.05
C ILE B 320 -3.96 16.73 -45.64
N TYR B 321 -3.78 16.30 -46.90
CA TYR B 321 -2.48 16.45 -47.54
C TYR B 321 -2.42 17.68 -48.43
N SER B 322 -3.53 18.40 -48.57
CA SER B 322 -3.52 19.71 -49.20
C SER B 322 -2.63 20.69 -48.44
N LYS B 323 -2.67 20.63 -47.11
CA LYS B 323 -1.90 21.56 -46.32
C LYS B 323 -0.41 21.24 -46.36
N GLU B 324 0.37 22.18 -45.87
CA GLU B 324 1.81 22.04 -45.79
C GLU B 324 2.22 21.49 -44.44
N LEU B 325 3.44 21.04 -44.36
CA LEU B 325 3.96 20.61 -43.08
C LEU B 325 4.38 21.84 -42.26
N PRO B 326 4.31 21.76 -40.95
CA PRO B 326 4.81 22.86 -40.12
C PRO B 326 6.28 23.14 -40.37
N GLY B 327 6.58 24.31 -40.92
CA GLY B 327 7.94 24.68 -41.23
C GLY B 327 8.38 24.45 -42.65
N GLY B 328 7.45 24.29 -43.58
CA GLY B 328 7.79 24.20 -44.99
C GLY B 328 8.50 22.93 -45.42
N LYS B 329 8.73 21.99 -44.52
CA LYS B 329 9.35 20.73 -44.93
C LYS B 329 8.43 20.01 -45.91
N GLN B 330 9.03 19.43 -46.94
CA GLN B 330 8.24 18.88 -48.03
C GLN B 330 7.82 17.44 -47.75
N ARG B 331 6.63 17.09 -48.23
CA ARG B 331 6.10 15.75 -48.09
C ARG B 331 6.46 14.95 -49.33
N GLU B 332 7.23 13.87 -49.14
CA GLU B 332 7.65 13.06 -50.28
C GLU B 332 6.64 11.95 -50.57
N ASN B 333 6.28 11.18 -49.55
CA ASN B 333 5.28 10.13 -49.67
C ASN B 333 4.29 10.27 -48.51
N ASN B 334 3.39 9.32 -48.41
CA ASN B 334 2.34 9.36 -47.41
C ASN B 334 2.28 8.04 -46.67
N HIS B 335 2.26 8.11 -45.35
CA HIS B 335 2.33 6.95 -44.48
C HIS B 335 0.92 6.47 -44.14
N ILE B 336 0.56 5.29 -44.63
CA ILE B 336 -0.74 4.72 -44.40
C ILE B 336 -0.56 3.36 -43.76
N GLN B 337 -1.59 2.94 -43.02
CA GLN B 337 -1.62 1.62 -42.43
C GLN B 337 -2.88 0.92 -42.89
N ILE B 338 -2.89 -0.41 -42.84
CA ILE B 338 -4.00 -1.14 -43.42
C ILE B 338 -4.25 -2.40 -42.60
N ASN B 339 -5.52 -2.79 -42.54
CA ASN B 339 -5.96 -3.87 -41.67
C ASN B 339 -7.18 -4.53 -42.30
N TRP B 340 -7.05 -5.80 -42.69
CA TRP B 340 -8.17 -6.59 -43.18
C TRP B 340 -8.62 -7.52 -42.07
N GLU B 341 -9.86 -8.00 -42.17
CA GLU B 341 -10.35 -8.94 -41.18
C GLU B 341 -11.21 -10.01 -41.84
N MET B 342 -11.11 -11.21 -41.27
CA MET B 342 -11.71 -12.44 -41.77
C MET B 342 -12.64 -13.00 -40.71
N SER B 343 -13.89 -13.26 -41.09
CA SER B 343 -14.89 -13.74 -40.15
C SER B 343 -14.92 -15.25 -40.14
N ALA B 344 -15.55 -15.80 -39.09
CA ALA B 344 -15.59 -17.25 -38.90
C ALA B 344 -16.75 -17.91 -39.63
N LYS B 345 -17.90 -17.26 -39.69
CA LYS B 345 -19.07 -17.89 -40.26
C LYS B 345 -19.17 -17.71 -41.78
N ASP B 346 -18.55 -16.68 -42.34
CA ASP B 346 -18.69 -16.37 -43.75
C ASP B 346 -17.33 -16.39 -44.44
N SER B 347 -17.39 -16.32 -45.77
CA SER B 347 -16.19 -16.19 -46.61
C SER B 347 -16.01 -14.74 -47.02
N SER B 348 -15.77 -13.89 -46.01
CA SER B 348 -15.63 -12.47 -46.24
C SER B 348 -14.37 -11.97 -45.56
N VAL B 349 -13.81 -10.90 -46.12
CA VAL B 349 -12.65 -10.22 -45.55
C VAL B 349 -12.73 -8.76 -45.95
N ALA B 350 -12.59 -7.86 -44.97
CA ALA B 350 -12.85 -6.45 -45.20
C ALA B 350 -11.67 -5.59 -44.78
N PRO B 351 -11.43 -4.48 -45.48
CA PRO B 351 -10.27 -3.62 -45.15
C PRO B 351 -10.59 -2.47 -44.22
N LYS B 352 -9.54 -1.81 -43.75
CA LYS B 352 -9.62 -0.66 -42.85
C LYS B 352 -8.30 0.09 -42.93
N LEU B 353 -8.36 1.33 -43.40
CA LEU B 353 -7.20 2.13 -43.74
C LEU B 353 -6.94 3.18 -42.67
N TYR B 354 -5.68 3.52 -42.46
CA TYR B 354 -5.28 4.61 -41.58
C TYR B 354 -4.43 5.58 -42.37
N LEU B 355 -4.63 6.88 -42.13
CA LEU B 355 -3.67 7.88 -42.51
C LEU B 355 -2.95 8.33 -41.24
N THR B 356 -1.62 8.22 -41.24
CA THR B 356 -0.86 8.71 -40.10
C THR B 356 -0.71 10.22 -40.18
N VAL B 357 -1.06 10.91 -39.11
CA VAL B 357 -1.05 12.36 -39.05
C VAL B 357 -0.18 12.87 -37.90
N ILE B 358 0.77 12.05 -37.44
CA ILE B 358 1.54 12.37 -36.24
C ILE B 358 2.22 13.73 -36.36
N GLU B 359 2.52 14.17 -37.58
CA GLU B 359 3.29 15.39 -37.79
C GLU B 359 2.56 16.41 -38.64
N ASP B 360 1.31 16.69 -38.33
CA ASP B 360 0.54 17.69 -39.05
C ASP B 360 0.15 18.83 -38.11
N TYR B 361 -0.65 19.77 -38.64
CA TYR B 361 -1.21 20.84 -37.83
C TYR B 361 -2.44 20.32 -37.10
N ASP B 362 -2.35 20.23 -35.77
CA ASP B 362 -3.53 19.83 -35.00
C ASP B 362 -4.70 20.72 -35.34
N ALA B 363 -4.46 21.99 -35.63
CA ALA B 363 -5.54 22.84 -36.13
C ALA B 363 -6.07 22.32 -37.45
N TYR B 364 -5.18 21.99 -38.39
CA TYR B 364 -5.62 21.48 -39.68
C TYR B 364 -6.24 20.10 -39.54
N VAL B 365 -5.63 19.22 -38.74
CA VAL B 365 -6.20 17.89 -38.54
C VAL B 365 -7.60 18.00 -37.97
N SER B 366 -7.75 18.80 -36.91
CA SER B 366 -9.07 19.01 -36.33
C SER B 366 -10.03 19.59 -37.33
N SER B 367 -9.56 20.54 -38.15
CA SER B 367 -10.44 21.14 -39.16
C SER B 367 -10.95 20.09 -40.12
N ALA B 368 -10.07 19.24 -40.62
CA ALA B 368 -10.48 18.20 -41.55
C ALA B 368 -11.42 17.21 -40.90
N ILE B 369 -11.13 16.86 -39.64
CA ILE B 369 -12.01 15.92 -38.94
C ILE B 369 -13.40 16.51 -38.78
N VAL B 370 -13.48 17.77 -38.35
CA VAL B 370 -14.79 18.34 -38.06
C VAL B 370 -15.56 18.60 -39.34
N ASP B 371 -14.89 18.99 -40.43
CA ASP B 371 -15.70 19.23 -41.62
C ASP B 371 -16.02 17.94 -42.37
N LEU B 372 -15.19 16.91 -42.24
CA LEU B 372 -15.59 15.58 -42.71
C LEU B 372 -16.83 15.11 -41.97
N PHE B 373 -16.78 15.18 -40.64
CA PHE B 373 -17.97 14.90 -39.84
C PHE B 373 -19.16 15.70 -40.32
N THR B 374 -18.95 16.99 -40.58
CA THR B 374 -20.06 17.83 -41.03
C THR B 374 -20.61 17.35 -42.36
N GLY B 375 -19.74 16.88 -43.25
CA GLY B 375 -20.22 16.21 -44.44
C GLY B 375 -21.09 15.02 -44.12
N LEU B 376 -20.68 14.23 -43.12
CA LEU B 376 -21.52 13.13 -42.67
C LEU B 376 -22.79 13.61 -41.97
N GLY B 377 -22.82 14.87 -41.55
CA GLY B 377 -23.90 15.30 -40.69
C GLY B 377 -23.78 14.85 -39.26
N TRP B 378 -22.62 14.34 -38.85
CA TRP B 378 -22.40 13.88 -37.48
C TRP B 378 -22.20 15.07 -36.54
N ALA B 379 -23.23 15.93 -36.47
CA ALA B 379 -23.12 17.15 -35.69
C ALA B 379 -23.01 16.84 -34.20
N ALA B 380 -23.82 15.92 -33.71
CA ALA B 380 -23.64 15.46 -32.34
C ALA B 380 -22.22 15.00 -32.12
N HIS B 381 -21.70 14.20 -33.04
CA HIS B 381 -20.31 13.79 -32.98
C HIS B 381 -19.37 14.98 -33.12
N VAL B 382 -19.80 16.03 -33.84
CA VAL B 382 -18.95 17.20 -33.98
C VAL B 382 -18.74 17.89 -32.64
N GLN B 383 -19.84 18.16 -31.93
CA GLN B 383 -19.73 18.75 -30.61
C GLN B 383 -18.98 17.82 -29.68
N THR B 384 -19.24 16.51 -29.80
CA THR B 384 -18.48 15.55 -29.02
C THR B 384 -16.99 15.72 -29.24
N HIS B 385 -16.56 15.81 -30.49
CA HIS B 385 -15.14 15.91 -30.80
C HIS B 385 -14.56 17.20 -30.24
N LYS B 386 -15.23 18.33 -30.48
CA LYS B 386 -14.69 19.61 -30.02
C LYS B 386 -14.67 19.69 -28.50
N LYS B 387 -15.68 19.13 -27.84
CA LYS B 387 -15.71 19.13 -26.39
C LYS B 387 -14.57 18.31 -25.82
N ILE B 388 -14.41 17.07 -26.31
CA ILE B 388 -13.30 16.25 -25.88
C ILE B 388 -11.99 16.96 -26.15
N GLU B 389 -11.92 17.69 -27.26
CA GLU B 389 -10.72 18.42 -27.61
C GLU B 389 -10.39 19.46 -26.54
N LYS B 390 -11.29 20.43 -26.37
CA LYS B 390 -11.04 21.53 -25.44
C LYS B 390 -10.76 21.02 -24.03
N GLU B 391 -11.56 20.06 -23.56
CA GLU B 391 -11.42 19.62 -22.18
C GLU B 391 -10.17 18.75 -21.99
N ALA B 392 -10.01 17.73 -22.83
CA ALA B 392 -8.92 16.79 -22.64
C ALA B 392 -7.61 17.28 -23.25
N TYR B 393 -7.67 18.17 -24.23
CA TYR B 393 -6.47 18.66 -24.92
C TYR B 393 -6.54 20.17 -25.06
N PRO B 394 -6.06 20.90 -24.07
CA PRO B 394 -6.08 22.36 -24.16
C PRO B 394 -5.09 22.91 -25.17
N MET B 395 -4.00 22.16 -25.39
CA MET B 395 -2.87 22.68 -26.16
C MET B 395 -3.28 23.17 -27.54
N CYS B 396 -4.23 22.47 -28.18
CA CYS B 396 -4.63 22.83 -29.54
C CYS B 396 -5.15 24.26 -29.63
N ASP B 397 -5.56 24.85 -28.51
CA ASP B 397 -5.96 26.24 -28.45
C ASP B 397 -4.90 27.12 -27.83
N ALA B 398 -4.23 26.65 -26.78
CA ALA B 398 -3.19 27.44 -26.15
C ALA B 398 -2.02 27.71 -27.09
N ASN B 399 -1.84 26.85 -28.09
CA ASN B 399 -0.74 26.98 -29.04
C ASN B 399 -1.31 26.97 -30.45
N PRO B 400 -1.12 28.02 -31.24
CA PRO B 400 -1.58 27.97 -32.64
C PRO B 400 -0.86 26.91 -33.46
N GLN B 401 0.45 26.78 -33.29
CA GLN B 401 1.22 25.73 -33.95
C GLN B 401 1.20 24.50 -33.06
N SER B 402 0.42 23.51 -33.44
CA SER B 402 0.13 22.37 -32.60
C SER B 402 0.15 21.08 -33.40
N THR B 403 0.85 20.07 -32.91
CA THR B 403 1.07 18.84 -33.66
C THR B 403 0.78 17.59 -32.85
N HIS B 404 0.33 17.71 -31.60
CA HIS B 404 0.49 16.64 -30.63
C HIS B 404 -0.79 15.99 -30.15
N ALA B 405 -1.97 16.44 -30.58
CA ALA B 405 -3.18 15.77 -30.16
C ALA B 405 -3.36 14.45 -30.90
N TYR B 406 -3.47 14.51 -32.22
CA TYR B 406 -3.85 13.36 -33.03
C TYR B 406 -2.63 12.63 -33.54
N VAL B 407 -2.77 11.32 -33.75
CA VAL B 407 -1.75 10.51 -34.36
C VAL B 407 -2.26 9.78 -35.61
N TRP B 408 -3.46 9.24 -35.58
CA TRP B 408 -3.99 8.50 -36.73
C TRP B 408 -5.45 8.85 -36.97
N ILE B 409 -5.80 8.96 -38.24
CA ILE B 409 -7.19 9.12 -38.67
C ILE B 409 -7.55 7.88 -39.47
N SER B 410 -8.44 7.06 -38.91
CA SER B 410 -8.71 5.76 -39.48
C SER B 410 -10.11 5.70 -40.07
N LEU B 411 -10.20 5.14 -41.28
CA LEU B 411 -11.44 4.94 -41.99
C LEU B 411 -11.66 3.46 -42.27
N ALA B 412 -12.92 3.07 -42.34
CA ALA B 412 -13.32 1.77 -42.85
C ALA B 412 -14.82 1.78 -43.06
N TYR B 413 -15.29 1.41 -44.24
CA TYR B 413 -16.72 1.36 -44.44
C TYR B 413 -17.23 -0.06 -44.22
N LYS B 414 -18.35 -0.16 -43.52
CA LYS B 414 -18.97 -1.44 -43.23
C LYS B 414 -20.38 -1.39 -43.78
N LYS B 415 -21.19 -2.39 -43.45
CA LYS B 415 -22.43 -2.61 -44.19
C LYS B 415 -23.41 -1.47 -44.02
N THR B 416 -23.24 -0.66 -42.97
CA THR B 416 -24.20 0.42 -42.72
C THR B 416 -23.53 1.73 -42.33
N GLY B 417 -22.20 1.82 -42.34
CA GLY B 417 -21.54 3.06 -42.05
C GLY B 417 -20.04 2.97 -42.00
N PRO B 418 -19.38 4.12 -42.06
CA PRO B 418 -17.92 4.16 -41.95
C PRO B 418 -17.47 3.89 -40.53
N TYR B 419 -16.21 3.54 -40.41
CA TYR B 419 -15.59 3.25 -39.12
C TYR B 419 -14.43 4.22 -39.01
N ILE B 420 -14.74 5.46 -38.65
CA ILE B 420 -13.76 6.52 -38.55
C ILE B 420 -13.41 6.67 -37.09
N THR B 421 -12.19 6.31 -36.75
CA THR B 421 -11.70 6.45 -35.39
C THR B 421 -10.54 7.42 -35.35
N VAL B 422 -10.60 8.32 -34.39
CA VAL B 422 -9.66 9.43 -34.27
C VAL B 422 -8.74 9.03 -33.13
N TYR B 423 -7.63 8.40 -33.46
CA TYR B 423 -6.72 8.00 -32.41
C TYR B 423 -5.99 9.22 -31.90
N THR B 424 -5.78 9.27 -30.60
CA THR B 424 -5.15 10.41 -29.97
C THR B 424 -3.93 9.95 -29.22
N ASN B 425 -3.19 10.91 -28.71
CA ASN B 425 -2.18 10.62 -27.72
C ASN B 425 -2.70 11.19 -26.42
N PRO B 426 -3.28 10.37 -25.53
CA PRO B 426 -3.67 10.89 -24.23
C PRO B 426 -2.51 11.37 -23.40
N GLY B 427 -1.28 11.18 -23.86
CA GLY B 427 -0.11 11.66 -23.15
C GLY B 427 0.51 12.87 -23.83
N ALA B 428 -0.27 13.55 -24.67
CA ALA B 428 0.22 14.75 -25.31
C ALA B 428 0.65 15.78 -24.29
N SER B 429 0.00 15.79 -23.13
CA SER B 429 0.36 16.73 -22.08
C SER B 429 1.82 16.56 -21.68
N ILE B 430 2.37 15.36 -21.85
CA ILE B 430 3.77 15.16 -21.53
C ILE B 430 4.68 15.75 -22.60
N LEU B 431 4.15 15.93 -23.81
CA LEU B 431 4.92 16.52 -24.90
C LEU B 431 4.87 18.04 -24.87
N GLU B 432 4.26 18.63 -23.85
CA GLU B 432 4.21 20.07 -23.72
C GLU B 432 4.75 20.52 -22.38
N SER C 23 -22.75 -9.58 -12.70
CA SER C 23 -22.61 -8.20 -12.25
C SER C 23 -22.40 -8.14 -10.75
N PRO C 24 -21.21 -7.74 -10.31
CA PRO C 24 -20.95 -7.69 -8.88
C PRO C 24 -21.70 -6.53 -8.24
N SER C 25 -21.57 -6.46 -6.93
CA SER C 25 -22.07 -5.33 -6.17
C SER C 25 -20.91 -4.43 -5.79
N PRO C 26 -21.17 -3.15 -5.54
CA PRO C 26 -20.09 -2.23 -5.21
C PRO C 26 -19.14 -2.74 -4.14
N TRP C 27 -19.65 -3.36 -3.09
CA TRP C 27 -18.72 -3.85 -2.07
C TRP C 27 -17.93 -5.05 -2.57
N ASP C 28 -18.55 -5.92 -3.35
CA ASP C 28 -17.83 -7.07 -3.90
C ASP C 28 -16.73 -6.60 -4.84
N PHE C 29 -17.11 -5.84 -5.87
CA PHE C 29 -16.14 -5.31 -6.82
C PHE C 29 -15.04 -4.53 -6.11
N LEU C 30 -15.42 -3.70 -5.15
CA LEU C 30 -14.44 -2.85 -4.49
C LEU C 30 -13.49 -3.67 -3.64
N GLY C 31 -14.00 -4.65 -2.90
CA GLY C 31 -13.11 -5.55 -2.19
C GLY C 31 -12.20 -6.30 -3.13
N ARG C 32 -12.64 -6.49 -4.37
CA ARG C 32 -11.79 -7.14 -5.36
C ARG C 32 -10.67 -6.21 -5.83
N VAL C 33 -10.99 -4.93 -6.09
CA VAL C 33 -10.03 -4.06 -6.74
C VAL C 33 -9.24 -3.20 -5.75
N LEU C 34 -9.84 -2.86 -4.61
CA LEU C 34 -9.22 -1.88 -3.73
C LEU C 34 -7.99 -2.45 -3.05
N GLN C 35 -7.00 -1.61 -2.86
CA GLN C 35 -5.84 -1.92 -2.04
C GLN C 35 -6.09 -1.37 -0.64
N PHE C 36 -5.88 -2.19 0.37
CA PHE C 36 -6.13 -1.83 1.75
C PHE C 36 -4.82 -1.58 2.46
N GLN C 37 -4.76 -0.48 3.21
CA GLN C 37 -3.53 -0.15 3.91
C GLN C 37 -3.20 -1.18 4.98
N HIS C 38 -4.22 -1.80 5.57
CA HIS C 38 -4.03 -2.71 6.68
C HIS C 38 -5.00 -3.86 6.55
N GLY C 39 -4.58 -5.03 7.05
CA GLY C 39 -5.43 -6.20 6.97
C GLY C 39 -6.70 -6.05 7.78
N ASP C 40 -6.62 -5.42 8.95
CA ASP C 40 -7.80 -5.19 9.76
C ASP C 40 -8.82 -4.35 9.01
N HIS C 41 -8.37 -3.40 8.20
CA HIS C 41 -9.31 -2.67 7.37
C HIS C 41 -9.99 -3.61 6.38
N LYS C 42 -9.27 -4.61 5.90
CA LYS C 42 -9.88 -5.57 4.98
C LYS C 42 -10.94 -6.41 5.68
N ARG C 43 -10.64 -6.86 6.90
CA ARG C 43 -11.60 -7.69 7.62
C ARG C 43 -12.82 -6.87 8.05
N TRP C 44 -12.60 -5.66 8.54
CA TRP C 44 -13.71 -4.76 8.79
C TRP C 44 -14.51 -4.49 7.52
N TRP C 45 -13.84 -4.44 6.37
CA TRP C 45 -14.57 -4.28 5.12
C TRP C 45 -15.49 -5.46 4.90
N ASP C 46 -14.93 -6.67 4.98
CA ASP C 46 -15.71 -7.88 4.77
C ASP C 46 -16.93 -7.93 5.67
N VAL C 47 -16.79 -7.44 6.91
CA VAL C 47 -17.93 -7.47 7.84
C VAL C 47 -18.91 -6.35 7.55
N LEU C 48 -18.45 -5.11 7.64
CA LEU C 48 -19.34 -3.96 7.60
C LEU C 48 -19.85 -3.69 6.20
N ALA C 49 -18.96 -3.62 5.22
CA ALA C 49 -19.34 -3.19 3.88
C ALA C 49 -20.56 -3.90 3.33
N PRO C 50 -20.77 -5.19 3.54
CA PRO C 50 -22.07 -5.76 3.16
C PRO C 50 -23.23 -5.11 3.87
N VAL C 51 -23.17 -4.96 5.19
CA VAL C 51 -24.29 -4.37 5.94
C VAL C 51 -24.53 -2.94 5.50
N PHE C 52 -23.46 -2.15 5.43
CA PHE C 52 -23.58 -0.76 5.01
C PHE C 52 -24.14 -0.67 3.59
N GLY C 53 -23.55 -1.43 2.66
CA GLY C 53 -23.99 -1.40 1.29
C GLY C 53 -25.42 -1.88 1.10
N ILE C 54 -25.87 -2.80 1.95
CA ILE C 54 -27.22 -3.30 1.81
C ILE C 54 -28.22 -2.33 2.42
N SER C 55 -27.84 -1.62 3.47
CA SER C 55 -28.68 -0.54 3.96
C SER C 55 -28.79 0.57 2.92
N MET C 56 -27.67 0.87 2.25
CA MET C 56 -27.68 1.88 1.20
C MET C 56 -28.53 1.45 0.01
N ALA C 57 -28.35 0.21 -0.46
CA ALA C 57 -29.02 -0.28 -1.65
C ALA C 57 -30.37 -0.88 -1.36
N SER C 58 -30.82 -0.84 -0.11
CA SER C 58 -32.13 -1.34 0.26
C SER C 58 -33.09 -0.21 0.56
N ILE C 59 -32.66 1.03 0.37
CA ILE C 59 -33.54 2.20 0.35
C ILE C 59 -33.39 3.00 -0.93
N GLY C 60 -32.34 2.77 -1.71
CA GLY C 60 -32.19 3.35 -3.02
C GLY C 60 -31.00 4.26 -3.21
N TYR C 61 -29.98 4.20 -2.35
CA TYR C 61 -28.79 5.01 -2.59
C TYR C 61 -28.20 4.70 -3.96
N LYS C 62 -28.20 5.71 -4.83
CA LYS C 62 -27.74 5.52 -6.21
C LYS C 62 -26.35 4.91 -6.24
N LEU C 63 -26.12 4.05 -7.23
CA LEU C 63 -24.95 3.17 -7.19
C LEU C 63 -23.64 3.93 -7.11
N ASP C 64 -23.55 5.09 -7.77
CA ASP C 64 -22.33 5.88 -7.66
C ASP C 64 -22.23 6.55 -6.30
N VAL C 65 -23.37 6.88 -5.71
CA VAL C 65 -23.37 7.38 -4.34
C VAL C 65 -22.96 6.27 -3.38
N GLN C 66 -23.39 5.03 -3.67
CA GLN C 66 -22.90 3.90 -2.92
C GLN C 66 -21.38 3.81 -3.02
N TYR C 67 -20.85 3.91 -4.24
CA TYR C 67 -19.41 3.93 -4.41
C TYR C 67 -18.76 5.01 -3.58
N ARG C 68 -19.34 6.22 -3.59
CA ARG C 68 -18.74 7.34 -2.88
C ARG C 68 -18.72 7.09 -1.38
N HIS C 69 -19.86 6.72 -0.81
CA HIS C 69 -19.92 6.50 0.63
C HIS C 69 -19.06 5.32 1.04
N LEU C 70 -19.02 4.27 0.22
CA LEU C 70 -18.19 3.12 0.53
C LEU C 70 -16.72 3.46 0.43
N LEU C 71 -16.35 4.39 -0.44
CA LEU C 71 -14.97 4.84 -0.50
C LEU C 71 -14.62 5.77 0.64
N VAL C 72 -15.63 6.48 1.17
CA VAL C 72 -15.42 7.26 2.38
C VAL C 72 -15.22 6.34 3.57
N LEU C 73 -16.10 5.35 3.72
CA LEU C 73 -15.95 4.32 4.73
C LEU C 73 -14.62 3.59 4.59
N TYR C 74 -14.17 3.37 3.37
CA TYR C 74 -12.88 2.76 3.12
C TYR C 74 -11.73 3.70 3.45
N ASP C 75 -11.95 5.00 3.32
CA ASP C 75 -10.91 6.00 3.43
C ASP C 75 -10.88 6.70 4.77
N ALA C 76 -12.05 7.04 5.33
CA ALA C 76 -12.11 7.89 6.50
C ALA C 76 -12.38 7.14 7.79
N VAL C 77 -13.39 6.26 7.82
CA VAL C 77 -13.88 5.74 9.09
C VAL C 77 -13.23 4.40 9.44
N ILE C 78 -12.96 3.54 8.47
CA ILE C 78 -12.41 2.22 8.78
C ILE C 78 -10.98 2.35 9.28
N PRO C 79 -10.14 3.21 8.69
CA PRO C 79 -8.81 3.40 9.28
C PRO C 79 -8.86 4.02 10.66
N ASN C 80 -10.03 4.48 11.08
CA ASN C 80 -10.25 5.09 12.39
C ASN C 80 -11.26 4.30 13.19
N MET C 81 -11.19 2.98 13.11
CA MET C 81 -12.12 2.11 13.82
C MET C 81 -11.42 1.24 14.85
N GLY C 82 -10.11 1.11 14.78
CA GLY C 82 -9.39 0.30 15.73
C GLY C 82 -9.32 -1.12 15.24
N PRO C 83 -8.62 -1.97 15.98
CA PRO C 83 -8.35 -3.32 15.48
C PRO C 83 -9.62 -4.15 15.41
N PHE C 84 -9.55 -5.30 14.68
CA PHE C 84 -10.73 -6.18 14.42
C PHE C 84 -10.87 -7.22 15.47
N PRO C 85 -12.11 -7.51 15.86
CA PRO C 85 -12.12 -8.43 16.96
C PRO C 85 -11.66 -9.80 16.56
N ASN C 86 -10.66 -10.32 17.21
CA ASN C 86 -10.26 -11.67 16.95
C ASN C 86 -11.14 -12.63 17.77
N SER C 87 -10.88 -13.91 17.76
CA SER C 87 -11.74 -14.90 18.41
C SER C 87 -11.95 -14.79 19.91
N ASN C 88 -10.90 -14.50 20.64
CA ASN C 88 -11.04 -14.30 22.05
C ASN C 88 -11.04 -12.81 22.30
N ALA C 89 -11.17 -12.00 21.25
CA ALA C 89 -11.04 -10.54 21.37
C ALA C 89 -9.84 -10.23 22.22
N SER C 90 -8.74 -10.90 21.93
CA SER C 90 -7.50 -10.68 22.65
C SER C 90 -6.84 -9.37 22.25
N ASN C 91 -7.01 -8.95 21.01
CA ASN C 91 -6.32 -7.77 20.49
C ASN C 91 -6.98 -6.46 20.91
N ILE C 92 -8.24 -6.49 21.35
CA ILE C 92 -8.94 -5.28 21.75
C ILE C 92 -8.34 -4.78 23.05
N THR C 93 -7.58 -3.68 22.99
CA THR C 93 -6.96 -3.10 24.16
C THR C 93 -7.65 -1.84 24.67
N TRP C 94 -8.57 -1.27 23.90
CA TRP C 94 -9.31 -0.09 24.32
C TRP C 94 -10.64 -0.56 24.88
N THR C 95 -10.69 -0.74 26.20
CA THR C 95 -11.79 -1.42 26.86
C THR C 95 -13.10 -0.66 26.67
N SER C 96 -14.19 -1.38 26.92
CA SER C 96 -15.54 -0.84 26.71
C SER C 96 -16.59 -1.81 27.23
N PRO C 97 -17.76 -1.31 27.64
CA PRO C 97 -18.89 -2.21 27.94
C PRO C 97 -19.62 -2.71 26.71
N PHE C 98 -19.28 -2.23 25.53
CA PHE C 98 -19.89 -2.66 24.28
C PHE C 98 -18.90 -3.48 23.47
N PRO C 99 -19.38 -4.25 22.50
CA PRO C 99 -18.46 -4.99 21.63
C PRO C 99 -17.73 -4.05 20.69
N PRO C 100 -16.58 -4.47 20.17
CA PRO C 100 -15.81 -3.59 19.27
C PRO C 100 -16.56 -3.29 17.99
N GLY C 101 -16.16 -2.21 17.34
CA GLY C 101 -16.78 -1.79 16.11
C GLY C 101 -17.70 -0.61 16.36
N PRO C 102 -18.52 -0.29 15.37
CA PRO C 102 -19.48 0.79 15.55
C PRO C 102 -20.38 0.54 16.75
N LEU C 103 -20.78 1.63 17.40
CA LEU C 103 -21.78 1.53 18.44
C LEU C 103 -23.14 1.21 17.88
N GLU C 104 -23.34 1.42 16.58
CA GLU C 104 -24.61 1.16 15.94
C GLU C 104 -24.44 1.41 14.45
N ALA C 105 -25.38 0.88 13.68
CA ALA C 105 -25.62 1.26 12.30
C ALA C 105 -27.10 1.55 12.21
N SER C 106 -27.46 2.78 11.97
CA SER C 106 -28.66 3.34 12.53
C SER C 106 -29.62 3.91 11.51
N VAL C 107 -29.99 3.10 10.53
CA VAL C 107 -31.03 3.48 9.56
C VAL C 107 -32.21 4.08 10.30
N ASN C 108 -32.56 5.30 9.94
CA ASN C 108 -33.69 6.00 10.54
C ASN C 108 -34.81 6.15 9.54
N TYR C 109 -36.03 6.08 10.06
CA TYR C 109 -37.26 6.13 9.27
C TYR C 109 -38.08 7.33 9.69
N GLN C 110 -38.59 8.07 8.71
CA GLN C 110 -39.55 9.13 8.96
C GLN C 110 -40.62 9.06 7.88
N ALA C 111 -41.67 9.85 8.08
CA ALA C 111 -42.85 9.77 7.21
C ALA C 111 -42.50 10.15 5.77
N GLY C 112 -43.45 9.92 4.89
CA GLY C 112 -43.24 10.16 3.48
C GLY C 112 -42.17 9.26 2.89
N GLU C 113 -41.93 8.11 3.53
CA GLU C 113 -40.87 7.19 3.15
C GLU C 113 -39.54 7.92 3.04
N SER C 114 -39.14 8.58 4.12
CA SER C 114 -37.87 9.29 4.17
C SER C 114 -36.96 8.55 5.15
N SER C 115 -36.17 7.64 4.61
CA SER C 115 -35.25 6.83 5.39
C SER C 115 -33.83 7.21 5.02
N MET C 116 -32.97 7.33 6.01
CA MET C 116 -31.59 7.67 5.74
C MET C 116 -30.65 6.88 6.63
N PHE C 117 -29.42 6.72 6.16
CA PHE C 117 -28.43 5.89 6.82
C PHE C 117 -27.48 6.78 7.60
N ARG C 118 -27.08 6.30 8.76
CA ARG C 118 -26.21 7.02 9.67
C ARG C 118 -25.52 5.99 10.53
N PHE C 119 -24.31 6.28 10.94
CA PHE C 119 -23.59 5.37 11.71
C PHE C 119 -22.82 6.05 12.76
N THR C 120 -22.62 5.39 13.88
CA THR C 120 -21.95 5.95 15.04
C THR C 120 -20.69 5.15 15.33
N ILE C 121 -19.61 5.84 15.66
CA ILE C 121 -18.38 5.19 16.03
C ILE C 121 -17.69 6.02 17.09
N GLU C 122 -17.11 5.34 18.06
CA GLU C 122 -16.17 5.98 18.96
C GLU C 122 -14.81 5.83 18.30
N PRO C 123 -14.30 6.86 17.61
CA PRO C 123 -13.03 6.71 16.88
C PRO C 123 -11.93 6.19 17.78
N VAL C 124 -11.38 5.05 17.41
CA VAL C 124 -10.33 4.39 18.18
C VAL C 124 -9.08 4.36 17.34
N GLY C 125 -7.98 4.86 17.89
CA GLY C 125 -6.72 4.76 17.21
C GLY C 125 -6.27 3.32 17.15
N PRO C 126 -5.41 3.00 16.19
CA PRO C 126 -4.90 1.63 16.11
C PRO C 126 -4.18 1.19 17.35
N HIS C 127 -3.81 2.12 18.23
CA HIS C 127 -3.14 1.79 19.48
C HIS C 127 -3.79 2.47 20.67
N ALA C 128 -5.06 2.85 20.55
CA ALA C 128 -5.75 3.50 21.65
C ALA C 128 -5.93 2.54 22.82
N GLY C 129 -5.80 3.08 24.02
CA GLY C 129 -5.83 2.22 25.19
C GLY C 129 -4.53 1.54 25.49
N THR C 130 -3.45 1.92 24.82
CA THR C 130 -2.11 1.43 25.07
C THR C 130 -1.21 2.61 25.41
N PRO C 131 -0.04 2.37 26.01
CA PRO C 131 0.77 3.50 26.49
C PRO C 131 1.20 4.46 25.41
N ALA C 132 0.98 4.13 24.13
CA ALA C 132 1.25 5.09 23.06
C ALA C 132 0.08 6.03 22.82
N ASP C 133 -1.14 5.62 23.17
CA ASP C 133 -2.32 6.46 23.03
C ASP C 133 -3.30 6.14 24.14
N PRO C 134 -2.96 6.47 25.39
CA PRO C 134 -3.77 6.03 26.52
C PRO C 134 -5.15 6.65 26.58
N VAL C 135 -5.40 7.76 25.88
CA VAL C 135 -6.69 8.42 25.98
C VAL C 135 -7.36 8.58 24.63
N ASN C 136 -6.81 7.96 23.58
CA ASN C 136 -7.44 7.97 22.26
C ASN C 136 -7.70 9.39 21.80
N GLU C 137 -6.62 10.17 21.71
CA GLU C 137 -6.73 11.60 21.47
C GLU C 137 -6.83 11.95 19.99
N LEU C 138 -6.04 11.32 19.14
CA LEU C 138 -5.92 11.76 17.76
C LEU C 138 -7.08 11.30 16.89
N ALA C 139 -7.57 10.09 17.12
CA ALA C 139 -8.46 9.43 16.17
C ALA C 139 -9.58 10.34 15.72
N ALA C 140 -10.22 11.04 16.64
CA ALA C 140 -11.33 11.91 16.28
C ALA C 140 -10.88 13.05 15.38
N LYS C 141 -9.72 13.64 15.69
CA LYS C 141 -9.24 14.76 14.89
C LYS C 141 -8.75 14.29 13.53
N GLN C 142 -8.09 13.13 13.46
CA GLN C 142 -7.73 12.57 12.17
C GLN C 142 -8.96 12.30 11.31
N LEU C 143 -10.01 11.76 11.93
CA LEU C 143 -11.25 11.55 11.19
C LEU C 143 -11.82 12.86 10.70
N MET C 144 -11.85 13.87 11.56
CA MET C 144 -12.38 15.18 11.16
C MET C 144 -11.57 15.77 10.00
N GLN C 145 -10.25 15.71 10.12
CA GLN C 145 -9.38 16.29 9.10
C GLN C 145 -9.51 15.55 7.78
N ARG C 146 -9.42 14.23 7.80
CA ARG C 146 -9.62 13.45 6.60
C ARG C 146 -10.97 13.75 5.97
N LEU C 147 -12.01 13.85 6.78
CA LEU C 147 -13.34 14.04 6.26
C LEU C 147 -13.49 15.43 5.66
N GLY C 148 -12.79 16.42 6.19
CA GLY C 148 -12.81 17.74 5.58
C GLY C 148 -11.97 17.80 4.31
N GLN C 149 -10.85 17.09 4.28
CA GLN C 149 -10.05 17.01 3.07
C GLN C 149 -10.83 16.36 1.94
N LEU C 150 -11.65 15.36 2.26
CA LEU C 150 -12.45 14.73 1.21
C LEU C 150 -13.47 15.70 0.66
N GLN C 151 -14.22 16.38 1.53
CA GLN C 151 -15.23 17.36 1.12
C GLN C 151 -14.83 18.71 1.69
N PRO C 152 -14.04 19.51 0.98
CA PRO C 152 -13.63 20.81 1.53
C PRO C 152 -14.82 21.73 1.72
N GLY C 153 -14.76 22.54 2.76
CA GLY C 153 -15.84 23.43 3.11
C GLY C 153 -17.03 22.76 3.76
N GLY C 154 -16.98 21.46 3.98
CA GLY C 154 -18.09 20.73 4.55
C GLY C 154 -18.01 20.43 6.02
N VAL C 155 -16.98 20.90 6.72
CA VAL C 155 -16.81 20.65 8.15
C VAL C 155 -16.48 21.96 8.82
N ASP C 156 -17.51 22.64 9.35
CA ASP C 156 -17.29 23.86 10.11
C ASP C 156 -16.92 23.50 11.54
N SER C 157 -15.89 24.17 12.06
CA SER C 157 -15.27 23.78 13.31
C SER C 157 -15.51 24.78 14.45
N THR C 158 -16.56 25.59 14.35
CA THR C 158 -16.79 26.60 15.37
C THR C 158 -17.09 25.98 16.73
N MET C 159 -18.20 25.25 16.83
CA MET C 159 -18.64 24.75 18.13
C MET C 159 -17.64 23.75 18.69
N PHE C 160 -17.00 22.97 17.81
CA PHE C 160 -15.92 22.13 18.28
C PHE C 160 -14.85 22.97 18.96
N ASP C 161 -14.50 24.10 18.34
CA ASP C 161 -13.48 24.97 18.91
C ASP C 161 -13.92 25.50 20.27
N HIS C 162 -15.20 25.83 20.42
CA HIS C 162 -15.64 26.41 21.68
C HIS C 162 -15.73 25.38 22.79
N PHE C 163 -16.16 24.16 22.47
CA PHE C 163 -16.48 23.18 23.50
C PHE C 163 -15.36 22.22 23.82
N TYR C 164 -14.45 21.97 22.89
CA TYR C 164 -13.29 21.14 23.21
C TYR C 164 -12.55 21.61 24.45
N PRO C 165 -12.43 22.91 24.75
CA PRO C 165 -11.78 23.28 26.02
C PRO C 165 -12.61 22.99 27.25
N LEU C 166 -13.91 23.25 27.21
CA LEU C 166 -14.73 23.20 28.41
C LEU C 166 -15.16 21.79 28.75
N LEU C 167 -15.61 21.02 27.76
CA LEU C 167 -16.13 19.69 28.01
C LEU C 167 -15.06 18.61 27.92
N CYS C 168 -14.34 18.55 26.81
CA CYS C 168 -13.43 17.45 26.56
C CYS C 168 -12.15 17.62 27.35
N VAL C 169 -11.26 16.65 27.21
CA VAL C 169 -9.94 16.71 27.82
C VAL C 169 -8.92 16.29 26.78
N ASP C 170 -7.94 17.14 26.55
CA ASP C 170 -6.89 16.84 25.58
C ASP C 170 -5.97 15.77 26.13
N GLY C 171 -5.01 15.36 25.30
CA GLY C 171 -4.03 14.39 25.68
C GLY C 171 -3.22 14.77 26.90
N PRO C 172 -2.57 15.94 26.85
CA PRO C 172 -1.69 16.30 27.97
C PRO C 172 -2.41 16.48 29.29
N GLU C 173 -3.56 17.14 29.29
CA GLU C 173 -4.31 17.30 30.54
C GLU C 173 -4.70 15.96 31.13
N ALA C 174 -5.17 15.05 30.29
CA ALA C 174 -5.52 13.71 30.77
C ALA C 174 -4.30 12.96 31.28
N ARG C 175 -3.14 13.19 30.68
CA ARG C 175 -1.96 12.47 31.13
C ARG C 175 -1.40 13.02 32.42
N ARG C 176 -1.54 14.33 32.66
CA ARG C 176 -1.05 14.90 33.92
C ARG C 176 -1.87 14.40 35.10
N GLN C 177 -3.17 14.28 34.91
CA GLN C 177 -4.11 13.93 35.98
C GLN C 177 -4.59 12.48 35.86
N TRP C 178 -3.68 11.57 35.50
CA TRP C 178 -4.12 10.19 35.29
C TRP C 178 -4.58 9.53 36.57
N ASP C 179 -4.02 9.94 37.71
CA ASP C 179 -4.47 9.41 38.99
C ASP C 179 -5.97 9.61 39.19
N SER C 180 -6.53 10.64 38.57
CA SER C 180 -7.92 10.99 38.84
C SER C 180 -8.90 10.10 38.09
N ILE C 181 -8.61 9.78 36.84
CA ILE C 181 -9.58 9.13 35.96
C ILE C 181 -9.21 7.69 35.66
N ALA C 182 -8.18 7.16 36.31
CA ALA C 182 -7.77 5.80 36.01
C ALA C 182 -8.83 4.79 36.42
N HIS C 183 -9.56 5.05 37.51
CA HIS C 183 -10.57 4.12 37.97
C HIS C 183 -11.75 4.02 37.02
N ILE C 184 -11.92 4.97 36.10
CA ILE C 184 -13.03 4.89 35.17
C ILE C 184 -12.84 3.72 34.23
N TYR C 185 -13.93 3.01 33.94
CA TYR C 185 -13.84 1.86 33.05
C TYR C 185 -13.83 2.30 31.59
N HIS C 186 -14.81 3.08 31.18
CA HIS C 186 -14.91 3.54 29.81
C HIS C 186 -14.46 4.99 29.75
N LYS C 187 -13.26 5.22 29.21
CA LYS C 187 -12.71 6.57 29.09
C LYS C 187 -13.03 7.16 27.72
N CYS C 188 -14.32 7.22 27.43
CA CYS C 188 -14.82 7.78 26.18
C CYS C 188 -15.01 9.28 26.33
N HIS C 189 -14.50 10.05 25.38
CA HIS C 189 -14.61 11.50 25.45
C HIS C 189 -15.11 12.14 24.17
N THR C 190 -15.12 11.44 23.05
CA THR C 190 -15.56 12.01 21.78
C THR C 190 -16.21 10.91 20.98
N VAL C 191 -17.46 11.10 20.58
CA VAL C 191 -18.18 10.11 19.78
C VAL C 191 -18.62 10.78 18.51
N THR C 192 -18.37 10.14 17.37
CA THR C 192 -18.63 10.75 16.07
C THR C 192 -19.67 9.95 15.32
N ALA C 193 -20.72 10.63 14.89
CA ALA C 193 -21.77 10.03 14.08
C ALA C 193 -21.73 10.63 12.69
N LEU C 194 -21.83 9.77 11.68
CA LEU C 194 -21.84 10.18 10.29
C LEU C 194 -23.26 10.07 9.79
N ASP C 195 -23.78 11.15 9.24
CA ASP C 195 -25.03 11.11 8.50
C ASP C 195 -24.65 10.92 7.05
N MET C 196 -24.80 9.70 6.54
CA MET C 196 -24.36 9.42 5.17
C MET C 196 -25.47 9.85 4.24
N GLN C 197 -25.54 11.15 3.98
CA GLN C 197 -26.62 11.70 3.19
C GLN C 197 -26.73 10.97 1.86
N ARG C 198 -27.96 10.84 1.37
CA ARG C 198 -28.20 10.28 0.05
C ARG C 198 -27.64 11.17 -1.04
N SER C 199 -27.28 12.41 -0.71
CA SER C 199 -26.64 13.32 -1.64
C SER C 199 -25.12 13.24 -1.57
N ALA C 200 -24.58 12.11 -1.13
CA ALA C 200 -23.14 11.84 -1.09
C ALA C 200 -22.40 12.79 -0.17
N ALA C 201 -23.12 13.68 0.49
CA ALA C 201 -22.53 14.72 1.33
C ALA C 201 -22.65 14.31 2.80
N CYS C 202 -21.73 13.48 3.25
CA CYS C 202 -21.77 12.99 4.62
C CYS C 202 -21.55 14.13 5.60
N THR C 203 -22.27 14.09 6.72
CA THR C 203 -22.23 15.16 7.71
C THR C 203 -21.82 14.63 9.07
N LEU C 204 -20.81 15.24 9.67
CA LEU C 204 -20.26 14.81 10.95
C LEU C 204 -21.05 15.39 12.13
N LYS C 205 -21.12 14.60 13.20
CA LYS C 205 -21.75 15.01 14.45
C LYS C 205 -20.85 14.57 15.58
N THR C 206 -20.69 15.43 16.58
CA THR C 206 -19.77 15.14 17.67
C THR C 206 -20.48 15.24 19.00
N ALA C 207 -20.22 14.28 19.87
CA ALA C 207 -20.75 14.26 21.22
C ALA C 207 -19.61 14.23 22.21
N PHE C 208 -19.75 15.01 23.27
CA PHE C 208 -18.78 15.11 24.35
C PHE C 208 -19.40 14.63 25.64
N PRO C 209 -18.96 13.51 26.20
CA PRO C 209 -19.27 13.16 27.58
C PRO C 209 -18.26 13.75 28.53
N PRO C 210 -18.70 14.57 29.48
CA PRO C 210 -17.77 15.29 30.35
C PRO C 210 -17.30 14.50 31.56
N LEU C 211 -17.42 13.18 31.54
CA LEU C 211 -17.15 12.41 32.75
C LEU C 211 -15.73 12.61 33.23
N LEU C 212 -14.75 12.54 32.33
CA LEU C 212 -13.37 12.78 32.74
C LEU C 212 -13.17 14.23 33.18
N ARG C 213 -13.80 15.17 32.50
CA ARG C 213 -13.71 16.57 32.91
C ARG C 213 -14.28 16.77 34.30
N SER C 214 -15.55 16.39 34.49
CA SER C 214 -16.19 16.53 35.79
C SER C 214 -15.45 15.74 36.85
N THR C 215 -14.68 14.74 36.44
CA THR C 215 -13.93 13.98 37.42
C THR C 215 -12.70 14.74 37.88
N ILE C 216 -11.82 15.13 36.94
CA ILE C 216 -10.59 15.80 37.33
C ILE C 216 -10.91 17.14 38.00
N MET C 217 -11.86 17.89 37.45
CA MET C 217 -12.29 19.12 38.08
C MET C 217 -13.11 18.87 39.33
N ASN C 218 -13.54 17.63 39.56
CA ASN C 218 -14.29 17.24 40.76
C ASN C 218 -15.56 18.07 40.91
N THR C 219 -16.17 18.42 39.79
CA THR C 219 -17.40 19.20 39.80
C THR C 219 -18.53 18.38 39.17
N SER C 220 -19.74 18.91 39.32
CA SER C 220 -20.91 18.17 38.87
C SER C 220 -21.08 18.26 37.36
N MET C 221 -21.50 17.15 36.76
CA MET C 221 -21.72 17.10 35.32
C MET C 221 -22.65 18.21 34.88
N VAL C 222 -23.76 18.37 35.59
CA VAL C 222 -24.74 19.40 35.27
C VAL C 222 -24.05 20.74 35.12
N ASP C 223 -23.19 21.07 36.09
CA ASP C 223 -22.63 22.42 36.16
C ASP C 223 -21.69 22.68 35.01
N ILE C 224 -20.73 21.79 34.74
CA ILE C 224 -19.80 22.07 33.66
C ILE C 224 -20.53 22.09 32.34
N MET C 225 -21.47 21.17 32.12
CA MET C 225 -22.21 21.16 30.86
C MET C 225 -22.92 22.48 30.63
N PHE C 226 -23.67 22.93 31.63
CA PHE C 226 -24.49 24.11 31.40
C PHE C 226 -23.68 25.40 31.46
N ASP C 227 -22.56 25.42 32.18
CA ASP C 227 -21.70 26.58 32.12
C ASP C 227 -21.02 26.69 30.76
N ALA C 228 -20.67 25.55 30.16
CA ALA C 228 -20.14 25.59 28.81
C ALA C 228 -21.17 26.12 27.83
N VAL C 229 -22.40 25.59 27.89
CA VAL C 229 -23.41 26.09 26.96
C VAL C 229 -23.69 27.57 27.22
N GLU C 230 -23.55 28.03 28.46
CA GLU C 230 -23.80 29.43 28.77
C GLU C 230 -22.72 30.33 28.19
N SER C 231 -21.46 29.94 28.37
CA SER C 231 -20.39 30.73 27.79
C SER C 231 -20.51 30.77 26.28
N PHE C 232 -20.96 29.68 25.67
CA PHE C 232 -21.18 29.72 24.22
C PHE C 232 -22.32 30.66 23.87
N ARG C 233 -23.37 30.65 24.68
CA ARG C 233 -24.50 31.54 24.44
C ARG C 233 -24.06 32.99 24.44
N LYS C 234 -23.19 33.36 25.37
CA LYS C 234 -22.80 34.77 25.46
C LYS C 234 -21.76 35.11 24.39
N GLN C 235 -20.76 34.26 24.21
CA GLN C 235 -19.74 34.51 23.19
C GLN C 235 -20.33 34.55 21.79
N SER C 236 -21.40 33.80 21.54
CA SER C 236 -21.99 33.71 20.21
C SER C 236 -23.24 34.56 20.06
N GLY C 237 -23.91 34.88 21.16
CA GLY C 237 -25.16 35.59 21.09
C GLY C 237 -26.36 34.72 20.75
N LEU C 238 -26.14 33.49 20.32
CA LEU C 238 -27.27 32.66 19.92
C LEU C 238 -28.01 32.14 21.15
N TYR C 239 -29.25 31.71 20.92
CA TYR C 239 -30.21 31.43 21.98
C TYR C 239 -30.33 29.92 22.17
N PHE C 240 -29.80 29.42 23.28
CA PHE C 240 -29.89 27.99 23.61
C PHE C 240 -30.56 27.86 24.98
N ASP C 241 -31.89 27.75 24.98
CA ASP C 241 -32.61 27.69 26.25
C ASP C 241 -32.25 26.40 26.98
N TYR C 242 -31.56 26.53 28.11
CA TYR C 242 -31.06 25.39 28.87
C TYR C 242 -31.54 25.38 30.31
N THR C 243 -32.46 26.26 30.69
CA THR C 243 -32.82 26.39 32.09
C THR C 243 -33.59 25.18 32.60
N LYS C 244 -34.63 24.76 31.89
CA LYS C 244 -35.52 23.73 32.40
C LYS C 244 -34.80 22.40 32.56
N ILE C 245 -33.88 22.10 31.64
CA ILE C 245 -33.11 20.87 31.77
C ILE C 245 -32.33 20.88 33.06
N LYS C 246 -31.73 22.01 33.39
CA LYS C 246 -30.96 22.12 34.63
C LYS C 246 -31.87 21.99 35.84
N GLU C 247 -33.02 22.67 35.80
CA GLU C 247 -33.98 22.60 36.90
C GLU C 247 -34.41 21.17 37.17
N PHE C 248 -34.58 20.36 36.11
CA PHE C 248 -35.02 18.99 36.34
C PHE C 248 -33.87 18.08 36.72
N MET C 249 -32.76 18.12 35.99
CA MET C 249 -31.65 17.23 36.27
C MET C 249 -30.95 17.56 37.57
N SER C 250 -31.26 18.71 38.19
CA SER C 250 -30.61 19.06 39.44
C SER C 250 -31.33 18.49 40.66
N GLU C 251 -32.52 17.93 40.49
CA GLU C 251 -33.29 17.43 41.62
C GLU C 251 -32.65 16.17 42.20
N GLU C 252 -33.37 15.56 43.15
CA GLU C 252 -32.90 14.35 43.82
C GLU C 252 -33.73 13.13 43.49
N LYS C 253 -35.04 13.26 43.30
CA LYS C 253 -35.85 12.12 42.90
C LYS C 253 -35.45 11.66 41.50
N THR C 254 -35.07 12.59 40.64
CA THR C 254 -34.44 12.22 39.37
C THR C 254 -33.12 11.51 39.63
N HIS C 255 -32.25 12.14 40.43
CA HIS C 255 -30.88 11.64 40.58
C HIS C 255 -30.80 10.31 41.29
N GLU C 256 -31.89 9.85 41.92
CA GLU C 256 -31.85 8.54 42.55
C GLU C 256 -32.04 7.41 41.57
N THR C 257 -32.80 7.63 40.49
CA THR C 257 -33.12 6.60 39.53
C THR C 257 -32.20 6.61 38.30
N MET C 258 -31.85 7.79 37.79
CA MET C 258 -30.99 7.85 36.62
C MET C 258 -29.53 7.76 37.02
N MET C 259 -28.71 7.27 36.10
CA MET C 259 -27.27 7.29 36.28
C MET C 259 -26.78 8.54 35.59
N VAL C 260 -26.28 9.50 36.38
CA VAL C 260 -25.92 10.78 35.79
C VAL C 260 -24.60 10.71 35.04
N ASP C 261 -23.77 9.71 35.33
CA ASP C 261 -22.46 9.65 34.72
C ASP C 261 -22.46 9.03 33.33
N ARG C 262 -23.56 8.47 32.87
CA ARG C 262 -23.67 8.07 31.47
C ARG C 262 -24.39 9.18 30.70
N SER C 263 -23.73 10.34 30.69
CA SER C 263 -24.33 11.53 30.11
C SER C 263 -23.34 12.21 29.17
N TYR C 264 -23.87 12.81 28.11
CA TYR C 264 -23.06 13.67 27.26
C TYR C 264 -23.94 14.76 26.70
N LEU C 265 -23.31 15.72 26.03
CA LEU C 265 -24.02 16.69 25.21
C LEU C 265 -23.37 16.71 23.84
N SER C 266 -24.16 17.02 22.82
CA SER C 266 -23.72 16.82 21.45
C SER C 266 -24.07 18.04 20.60
N PHE C 267 -23.47 18.07 19.41
CA PHE C 267 -23.60 19.21 18.51
C PHE C 267 -23.12 18.79 17.14
N ASP C 268 -23.56 19.52 16.14
CA ASP C 268 -23.18 19.28 14.76
C ASP C 268 -22.05 20.20 14.35
N CYS C 269 -21.03 19.63 13.71
CA CYS C 269 -19.94 20.40 13.14
C CYS C 269 -20.43 21.07 11.88
N LEU C 270 -21.07 22.23 12.06
CA LEU C 270 -21.70 22.96 10.97
C LEU C 270 -21.68 24.44 11.31
N ASP C 271 -22.45 25.21 10.55
CA ASP C 271 -22.65 26.62 10.83
C ASP C 271 -23.40 26.75 12.15
N PRO C 272 -22.74 27.24 13.21
CA PRO C 272 -23.39 27.26 14.53
C PRO C 272 -24.71 27.98 14.56
N ALA C 273 -25.03 28.74 13.50
CA ALA C 273 -26.39 29.22 13.35
C ALA C 273 -27.34 28.13 12.87
N LYS C 274 -26.81 26.93 12.56
CA LYS C 274 -27.64 25.82 12.12
C LYS C 274 -27.55 24.61 13.04
N SER C 275 -26.50 24.49 13.83
CA SER C 275 -26.33 23.34 14.69
C SER C 275 -27.34 23.37 15.84
N ARG C 276 -27.30 22.32 16.65
CA ARG C 276 -28.15 22.17 17.81
C ARG C 276 -27.27 21.74 18.98
N ILE C 277 -27.84 21.74 20.18
CA ILE C 277 -27.13 21.21 21.34
C ILE C 277 -28.05 20.21 22.02
N LYS C 278 -27.68 18.94 22.00
CA LYS C 278 -28.46 17.87 22.60
C LYS C 278 -27.76 17.41 23.88
N ILE C 279 -28.50 17.40 24.99
CA ILE C 279 -28.05 16.75 26.21
C ILE C 279 -28.59 15.33 26.20
N TYR C 280 -27.93 14.44 26.94
CA TYR C 280 -28.15 13.01 26.81
C TYR C 280 -27.81 12.31 28.12
N THR C 281 -28.69 11.44 28.62
CA THR C 281 -28.40 10.68 29.83
C THR C 281 -29.21 9.38 29.81
N GLU C 282 -29.10 8.60 30.91
CA GLU C 282 -29.58 7.21 30.96
C GLU C 282 -30.27 6.91 32.28
N ALA C 283 -31.34 6.10 32.22
CA ALA C 283 -32.15 5.79 33.39
C ALA C 283 -32.48 4.30 33.43
N LYS C 284 -32.60 3.80 34.66
CA LYS C 284 -33.06 2.43 34.95
C LYS C 284 -34.39 2.56 35.66
N VAL C 285 -35.48 2.48 34.92
CA VAL C 285 -36.78 2.85 35.44
C VAL C 285 -37.65 1.62 35.63
N LYS C 286 -38.55 1.71 36.61
CA LYS C 286 -39.44 0.62 36.99
C LYS C 286 -40.76 0.63 36.24
N THR C 287 -41.47 1.75 36.24
CA THR C 287 -42.73 1.87 35.53
C THR C 287 -42.58 2.88 34.40
N LEU C 288 -43.46 2.77 33.41
CA LEU C 288 -43.46 3.79 32.37
C LEU C 288 -43.91 5.14 32.92
N GLU C 289 -44.85 5.12 33.85
CA GLU C 289 -45.26 6.34 34.53
C GLU C 289 -44.05 7.08 35.09
N GLU C 290 -43.22 6.38 35.87
CA GLU C 290 -42.07 7.04 36.49
C GLU C 290 -41.07 7.46 35.45
N ALA C 291 -41.10 6.83 34.27
CA ALA C 291 -40.22 7.24 33.19
C ALA C 291 -40.69 8.51 32.49
N TYR C 292 -42.00 8.81 32.56
CA TYR C 292 -42.50 10.02 31.94
C TYR C 292 -41.75 11.26 32.36
N SER C 293 -41.07 11.22 33.50
CA SER C 293 -40.32 12.38 33.95
C SER C 293 -39.24 12.77 32.95
N PHE C 294 -38.36 11.82 32.61
CA PHE C 294 -37.26 12.12 31.69
C PHE C 294 -37.77 12.64 30.36
N TRP C 295 -38.84 12.05 29.85
CA TRP C 295 -39.47 12.59 28.66
C TRP C 295 -39.94 14.02 28.87
N SER C 296 -40.36 14.35 30.10
CA SER C 296 -41.00 15.62 30.37
C SER C 296 -40.18 16.55 31.25
N LEU C 297 -38.97 16.15 31.64
CA LEU C 297 -38.15 16.94 32.56
C LEU C 297 -38.91 17.24 33.85
N GLY C 298 -39.68 16.27 34.32
CA GLY C 298 -40.45 16.45 35.53
C GLY C 298 -41.69 17.29 35.39
N GLY C 299 -42.26 17.38 34.20
CA GLY C 299 -43.42 18.21 33.96
C GLY C 299 -43.12 19.58 33.41
N ARG C 300 -41.89 20.06 33.56
CA ARG C 300 -41.54 21.36 33.03
C ARG C 300 -41.66 21.38 31.51
N LEU C 301 -41.05 20.41 30.84
CA LEU C 301 -41.01 20.36 29.39
C LEU C 301 -42.29 19.68 28.94
N SER C 302 -43.30 20.46 28.58
CA SER C 302 -44.60 19.91 28.26
C SER C 302 -45.18 20.62 27.04
N GLY C 303 -45.93 19.87 26.25
CA GLY C 303 -46.56 20.41 25.06
C GLY C 303 -47.55 19.44 24.45
N PRO C 304 -48.15 19.84 23.31
CA PRO C 304 -49.02 18.89 22.61
C PRO C 304 -48.29 17.68 22.07
N GLU C 305 -46.98 17.80 21.80
CA GLU C 305 -46.24 16.68 21.25
C GLU C 305 -45.51 15.90 22.33
N ILE C 306 -45.31 16.49 23.50
CA ILE C 306 -44.66 15.80 24.60
C ILE C 306 -45.43 14.55 24.98
N ASP C 307 -46.75 14.58 24.88
CA ASP C 307 -47.55 13.40 25.20
C ASP C 307 -47.77 12.51 23.98
N TYR C 308 -47.79 13.10 22.79
CA TYR C 308 -47.85 12.29 21.57
C TYR C 308 -46.76 11.23 21.57
N GLY C 309 -45.51 11.67 21.73
CA GLY C 309 -44.41 10.71 21.75
C GLY C 309 -44.48 9.76 22.92
N PHE C 310 -44.97 10.23 24.06
CA PHE C 310 -44.97 9.38 25.24
C PHE C 310 -45.97 8.25 25.11
N LYS C 311 -47.13 8.51 24.51
CA LYS C 311 -48.07 7.43 24.27
C LYS C 311 -47.42 6.30 23.49
N ILE C 312 -46.70 6.66 22.42
CA ILE C 312 -46.13 5.64 21.56
C ILE C 312 -45.02 4.90 22.28
N VAL C 313 -44.23 5.60 23.10
CA VAL C 313 -43.16 4.88 23.77
C VAL C 313 -43.72 3.95 24.84
N SER C 314 -44.79 4.35 25.52
CA SER C 314 -45.40 3.41 26.46
C SER C 314 -45.99 2.21 25.72
N GLN C 315 -46.56 2.47 24.54
CA GLN C 315 -47.08 1.40 23.70
C GLN C 315 -46.01 0.36 23.42
N MET C 316 -44.92 0.77 22.76
CA MET C 316 -43.90 -0.21 22.43
C MET C 316 -43.19 -0.72 23.67
N TRP C 317 -43.19 0.05 24.75
CA TRP C 317 -42.62 -0.38 26.01
C TRP C 317 -43.31 -1.65 26.50
N ASP C 318 -44.61 -1.55 26.76
CA ASP C 318 -45.29 -2.74 27.26
C ASP C 318 -45.35 -3.82 26.19
N ALA C 319 -45.31 -3.45 24.92
CA ALA C 319 -45.20 -4.44 23.85
C ALA C 319 -43.97 -5.33 24.05
N ILE C 320 -42.78 -4.73 23.97
CA ILE C 320 -41.56 -5.54 24.00
C ILE C 320 -41.18 -6.00 25.39
N TYR C 321 -41.81 -5.47 26.43
CA TYR C 321 -41.53 -5.95 27.78
C TYR C 321 -42.56 -6.96 28.25
N SER C 322 -43.68 -7.11 27.54
CA SER C 322 -44.61 -8.17 27.86
C SER C 322 -43.98 -9.54 27.69
N LYS C 323 -43.04 -9.68 26.77
CA LYS C 323 -42.37 -10.95 26.56
C LYS C 323 -41.39 -11.24 27.69
N GLU C 324 -40.92 -12.48 27.71
CA GLU C 324 -39.94 -12.91 28.71
C GLU C 324 -38.53 -12.81 28.14
N LEU C 325 -37.58 -12.89 29.02
CA LEU C 325 -36.20 -12.92 28.60
C LEU C 325 -35.84 -14.33 28.15
N PRO C 326 -34.91 -14.46 27.21
CA PRO C 326 -34.45 -15.80 26.82
C PRO C 326 -33.85 -16.57 27.99
N GLY C 327 -34.50 -17.65 28.38
CA GLY C 327 -34.03 -18.46 29.47
C GLY C 327 -34.70 -18.21 30.81
N GLY C 328 -35.83 -17.52 30.82
CA GLY C 328 -36.58 -17.33 32.04
C GLY C 328 -35.97 -16.41 33.06
N LYS C 329 -34.86 -15.74 32.75
CA LYS C 329 -34.31 -14.76 33.69
C LYS C 329 -35.29 -13.61 33.85
N GLN C 330 -35.37 -13.10 35.08
CA GLN C 330 -36.40 -12.13 35.40
C GLN C 330 -35.95 -10.71 35.09
N ARG C 331 -36.91 -9.90 34.64
CA ARG C 331 -36.66 -8.48 34.38
C ARG C 331 -37.10 -7.68 35.61
N GLU C 332 -36.16 -6.99 36.22
CA GLU C 332 -36.45 -6.20 37.40
C GLU C 332 -36.80 -4.76 37.03
N ASN C 333 -35.99 -4.14 36.19
CA ASN C 333 -36.19 -2.78 35.74
C ASN C 333 -35.94 -2.72 34.24
N ASN C 334 -36.05 -1.51 33.68
CA ASN C 334 -35.96 -1.31 32.25
C ASN C 334 -34.93 -0.24 31.95
N HIS C 335 -34.02 -0.55 31.04
CA HIS C 335 -32.92 0.35 30.69
C HIS C 335 -33.36 1.24 29.53
N ILE C 336 -33.51 2.53 29.82
CA ILE C 336 -33.92 3.52 28.84
C ILE C 336 -32.85 4.58 28.76
N GLN C 337 -32.79 5.25 27.62
CA GLN C 337 -31.89 6.37 27.42
C GLN C 337 -32.73 7.56 26.99
N ILE C 338 -32.17 8.76 27.11
CA ILE C 338 -32.94 9.96 26.85
C ILE C 338 -32.01 11.05 26.34
N ASN C 339 -32.55 11.89 25.46
CA ASN C 339 -31.79 12.90 24.75
C ASN C 339 -32.69 14.09 24.49
N TRP C 340 -32.39 15.23 25.10
CA TRP C 340 -33.11 16.46 24.86
C TRP C 340 -32.29 17.35 23.94
N GLU C 341 -32.97 18.24 23.23
CA GLU C 341 -32.32 19.04 22.22
C GLU C 341 -32.76 20.49 22.31
N MET C 342 -31.80 21.41 22.18
CA MET C 342 -32.01 22.84 22.24
C MET C 342 -31.56 23.48 20.94
N SER C 343 -32.44 24.26 20.33
CA SER C 343 -32.20 24.93 19.06
C SER C 343 -31.69 26.34 19.28
N ALA C 344 -31.15 26.94 18.22
CA ALA C 344 -30.52 28.25 18.32
C ALA C 344 -31.50 29.39 18.04
N LYS C 345 -32.31 29.25 17.00
CA LYS C 345 -33.17 30.35 16.58
C LYS C 345 -34.34 30.56 17.54
N ASP C 346 -34.81 29.50 18.20
CA ASP C 346 -36.00 29.57 19.03
C ASP C 346 -35.68 29.24 20.48
N SER C 347 -36.71 29.22 21.30
CA SER C 347 -36.62 28.80 22.70
C SER C 347 -37.45 27.53 22.88
N SER C 348 -36.84 26.41 22.56
CA SER C 348 -37.50 25.11 22.60
C SER C 348 -36.47 24.05 22.94
N VAL C 349 -36.94 22.97 23.54
CA VAL C 349 -36.11 21.80 23.82
C VAL C 349 -37.01 20.57 23.77
N ALA C 350 -36.57 19.57 23.01
CA ALA C 350 -37.41 18.42 22.69
C ALA C 350 -36.74 17.11 23.11
N PRO C 351 -37.53 16.14 23.58
CA PRO C 351 -36.94 14.89 24.04
C PRO C 351 -36.90 13.80 22.98
N LYS C 352 -36.13 12.75 23.26
CA LYS C 352 -36.02 11.57 22.40
C LYS C 352 -35.56 10.41 23.26
N LEU C 353 -36.40 9.39 23.37
CA LEU C 353 -36.25 8.30 24.30
C LEU C 353 -35.74 7.06 23.59
N TYR C 354 -35.14 6.15 24.35
CA TYR C 354 -34.57 4.92 23.83
C TYR C 354 -34.98 3.79 24.75
N LEU C 355 -35.39 2.66 24.18
CA LEU C 355 -35.49 1.42 24.92
C LEU C 355 -34.33 0.52 24.50
N THR C 356 -33.51 0.11 25.45
CA THR C 356 -32.43 -0.81 25.14
C THR C 356 -32.98 -2.23 25.06
N VAL C 357 -32.66 -2.91 23.96
CA VAL C 357 -33.15 -4.26 23.69
C VAL C 357 -31.99 -5.21 23.43
N ILE C 358 -30.82 -4.93 23.99
CA ILE C 358 -29.64 -5.74 23.73
C ILE C 358 -29.85 -7.19 24.15
N GLU C 359 -30.73 -7.43 25.11
CA GLU C 359 -30.85 -8.74 25.71
C GLU C 359 -32.23 -9.35 25.50
N ASP C 360 -32.77 -9.27 24.29
CA ASP C 360 -34.12 -9.71 24.03
C ASP C 360 -34.16 -10.68 22.84
N TYR C 361 -35.36 -11.14 22.51
CA TYR C 361 -35.56 -12.05 21.39
C TYR C 361 -35.56 -11.27 20.08
N ASP C 362 -34.53 -11.48 19.25
CA ASP C 362 -34.53 -10.85 17.94
C ASP C 362 -35.83 -11.12 17.20
N ALA C 363 -36.40 -12.31 17.36
CA ALA C 363 -37.71 -12.58 16.79
C ALA C 363 -38.75 -11.65 17.41
N TYR C 364 -38.75 -11.54 18.73
CA TYR C 364 -39.74 -10.67 19.38
C TYR C 364 -39.46 -9.20 19.09
N VAL C 365 -38.20 -8.79 19.15
CA VAL C 365 -37.86 -7.40 18.85
C VAL C 365 -38.30 -7.06 17.43
N SER C 366 -37.97 -7.93 16.47
CA SER C 366 -38.38 -7.72 15.09
C SER C 366 -39.89 -7.67 14.97
N SER C 367 -40.59 -8.56 15.66
CA SER C 367 -42.05 -8.58 15.55
C SER C 367 -42.63 -7.28 16.06
N ALA C 368 -42.10 -6.78 17.18
CA ALA C 368 -42.59 -5.52 17.73
C ALA C 368 -42.29 -4.37 16.77
N ILE C 369 -41.10 -4.37 16.17
CA ILE C 369 -40.77 -3.31 15.23
C ILE C 369 -41.73 -3.34 14.04
N VAL C 370 -41.94 -4.52 13.48
CA VAL C 370 -42.72 -4.60 12.25
C VAL C 370 -44.19 -4.31 12.54
N ASP C 371 -44.72 -4.72 13.70
CA ASP C 371 -46.13 -4.42 13.90
C ASP C 371 -46.37 -3.01 14.41
N LEU C 372 -45.34 -2.33 14.97
CA LEU C 372 -45.44 -0.89 15.35
C LEU C 372 -45.38 -0.09 14.10
N PHE C 373 -44.43 -0.45 13.27
CA PHE C 373 -44.27 0.20 12.02
C PHE C 373 -45.58 -0.09 11.38
N THR C 374 -46.05 -1.33 11.41
CA THR C 374 -47.26 -1.61 10.68
C THR C 374 -48.38 -0.85 11.32
N GLY C 375 -48.21 -0.44 12.55
CA GLY C 375 -49.23 0.45 13.11
C GLY C 375 -49.27 1.83 12.46
N LEU C 376 -48.11 2.43 12.23
CA LEU C 376 -48.02 3.72 11.56
C LEU C 376 -48.60 3.58 10.19
N GLY C 377 -48.38 2.44 9.59
CA GLY C 377 -48.83 2.25 8.24
C GLY C 377 -47.60 2.31 7.43
N TRP C 378 -46.45 2.24 8.08
CA TRP C 378 -45.22 2.36 7.33
C TRP C 378 -44.90 1.03 6.66
N ALA C 379 -45.62 0.62 5.60
CA ALA C 379 -45.42 -0.69 4.99
C ALA C 379 -44.22 -0.71 4.10
N ALA C 380 -44.11 0.29 3.26
CA ALA C 380 -42.87 0.36 2.52
C ALA C 380 -41.68 0.21 3.45
N HIS C 381 -41.73 0.92 4.58
CA HIS C 381 -40.71 0.75 5.59
C HIS C 381 -40.70 -0.66 6.15
N VAL C 382 -41.85 -1.33 6.18
CA VAL C 382 -41.90 -2.70 6.69
C VAL C 382 -41.09 -3.63 5.79
N GLN C 383 -41.38 -3.60 4.50
CA GLN C 383 -40.61 -4.41 3.56
C GLN C 383 -39.15 -4.02 3.59
N THR C 384 -38.88 -2.72 3.69
CA THR C 384 -37.51 -2.26 3.83
C THR C 384 -36.83 -2.95 5.01
N HIS C 385 -37.49 -2.95 6.16
CA HIS C 385 -36.89 -3.50 7.36
C HIS C 385 -36.65 -4.99 7.21
N LYS C 386 -37.64 -5.73 6.73
CA LYS C 386 -37.48 -7.18 6.60
C LYS C 386 -36.41 -7.52 5.57
N LYS C 387 -36.34 -6.75 4.49
CA LYS C 387 -35.32 -6.98 3.48
C LYS C 387 -33.93 -6.77 4.07
N ILE C 388 -33.72 -5.63 4.72
CA ILE C 388 -32.43 -5.38 5.36
C ILE C 388 -32.14 -6.48 6.37
N GLU C 389 -33.16 -6.97 7.04
CA GLU C 389 -32.96 -8.04 8.01
C GLU C 389 -32.41 -9.29 7.34
N LYS C 390 -33.19 -9.85 6.42
CA LYS C 390 -32.79 -11.10 5.77
C LYS C 390 -31.43 -10.99 5.10
N GLU C 391 -31.20 -9.88 4.38
CA GLU C 391 -29.96 -9.77 3.61
C GLU C 391 -28.77 -9.48 4.52
N ALA C 392 -28.88 -8.47 5.37
CA ALA C 392 -27.76 -8.06 6.20
C ALA C 392 -27.60 -8.89 7.46
N TYR C 393 -28.67 -9.53 7.92
CA TYR C 393 -28.65 -10.30 9.16
C TYR C 393 -29.36 -11.63 8.95
N PRO C 394 -28.64 -12.64 8.51
CA PRO C 394 -29.28 -13.94 8.29
C PRO C 394 -29.62 -14.64 9.60
N MET C 395 -28.87 -14.33 10.66
CA MET C 395 -28.95 -15.09 11.91
C MET C 395 -30.36 -15.14 12.46
N CYS C 396 -31.11 -14.05 12.33
CA CYS C 396 -32.45 -13.99 12.91
C CYS C 396 -33.37 -15.08 12.36
N ASP C 397 -33.02 -15.66 11.22
CA ASP C 397 -33.74 -16.79 10.66
C ASP C 397 -33.00 -18.10 10.83
N ALA C 398 -31.68 -18.09 10.67
CA ALA C 398 -30.90 -19.31 10.84
C ALA C 398 -30.97 -19.82 12.28
N ASN C 399 -31.27 -18.95 13.24
CA ASN C 399 -31.35 -19.31 14.63
C ASN C 399 -32.69 -18.84 15.18
N PRO C 400 -33.55 -19.74 15.65
CA PRO C 400 -34.81 -19.29 16.28
C PRO C 400 -34.57 -18.47 17.53
N GLN C 401 -33.61 -18.88 18.36
CA GLN C 401 -33.22 -18.14 19.56
C GLN C 401 -32.07 -17.22 19.19
N SER C 402 -32.39 -15.97 18.90
CA SER C 402 -31.42 -15.00 18.44
C SER C 402 -31.62 -13.68 19.17
N THR C 403 -30.51 -13.04 19.56
CA THR C 403 -30.56 -11.85 20.39
C THR C 403 -29.69 -10.72 19.86
N HIS C 404 -29.08 -10.87 18.69
CA HIS C 404 -27.88 -10.11 18.36
C HIS C 404 -28.05 -9.11 17.21
N ALA C 405 -29.22 -9.00 16.61
CA ALA C 405 -29.38 -8.00 15.57
C ALA C 405 -29.50 -6.61 16.16
N TYR C 406 -30.55 -6.39 16.95
CA TYR C 406 -30.90 -5.06 17.42
C TYR C 406 -30.27 -4.77 18.77
N VAL C 407 -29.99 -3.49 19.02
CA VAL C 407 -29.50 -3.02 20.30
C VAL C 407 -30.40 -1.96 20.91
N TRP C 408 -30.92 -1.02 20.11
CA TRP C 408 -31.73 0.06 20.64
C TRP C 408 -32.91 0.33 19.72
N ILE C 409 -34.06 0.59 20.33
CA ILE C 409 -35.24 1.06 19.62
C ILE C 409 -35.54 2.45 20.13
N SER C 410 -35.30 3.47 19.30
CA SER C 410 -35.41 4.85 19.76
C SER C 410 -36.62 5.52 19.15
N LEU C 411 -37.28 6.33 19.98
CA LEU C 411 -38.49 7.04 19.63
C LEU C 411 -38.32 8.52 19.90
N ALA C 412 -39.00 9.34 19.10
CA ALA C 412 -39.15 10.76 19.35
C ALA C 412 -40.18 11.28 18.36
N TYR C 413 -41.12 12.08 18.86
CA TYR C 413 -42.15 12.65 18.01
C TYR C 413 -41.84 14.13 17.82
N LYS C 414 -41.55 14.51 16.57
CA LYS C 414 -41.27 15.89 16.22
C LYS C 414 -42.52 16.51 15.61
N LYS C 415 -42.35 17.71 15.05
CA LYS C 415 -43.51 18.54 14.73
C LYS C 415 -44.46 17.85 13.75
N THR C 416 -43.95 16.90 12.96
CA THR C 416 -44.79 16.18 12.02
C THR C 416 -44.93 14.70 12.35
N GLY C 417 -43.83 13.97 12.48
CA GLY C 417 -43.89 12.54 12.69
C GLY C 417 -42.91 12.03 13.71
N PRO C 418 -43.01 10.75 14.03
CA PRO C 418 -42.07 10.14 14.98
C PRO C 418 -40.68 10.00 14.38
N TYR C 419 -39.72 9.80 15.26
CA TYR C 419 -38.33 9.61 14.88
C TYR C 419 -37.92 8.28 15.48
N ILE C 420 -38.29 7.19 14.81
CA ILE C 420 -38.01 5.85 15.27
C ILE C 420 -36.78 5.37 14.55
N THR C 421 -35.73 5.10 15.29
CA THR C 421 -34.49 4.64 14.72
C THR C 421 -34.11 3.31 15.33
N VAL C 422 -33.84 2.35 14.47
CA VAL C 422 -33.65 0.96 14.83
C VAL C 422 -32.15 0.73 14.76
N TYR C 423 -31.50 0.86 15.90
CA TYR C 423 -30.06 0.70 15.92
C TYR C 423 -29.72 -0.77 15.90
N THR C 424 -28.75 -1.13 15.09
CA THR C 424 -28.34 -2.51 14.95
C THR C 424 -26.90 -2.64 15.33
N ASN C 425 -26.45 -3.87 15.44
CA ASN C 425 -25.03 -4.14 15.52
C ASN C 425 -24.63 -4.67 14.16
N PRO C 426 -24.05 -3.86 13.29
CA PRO C 426 -23.57 -4.38 12.01
C PRO C 426 -22.48 -5.42 12.17
N GLY C 427 -21.99 -5.64 13.37
CA GLY C 427 -21.00 -6.68 13.60
C GLY C 427 -21.58 -7.87 14.33
N ALA C 428 -22.90 -8.04 14.23
CA ALA C 428 -23.54 -9.18 14.87
C ALA C 428 -22.96 -10.49 14.37
N SER C 429 -22.62 -10.55 13.08
CA SER C 429 -22.02 -11.76 12.53
C SER C 429 -20.76 -12.14 13.27
N ILE C 430 -20.08 -11.18 13.90
CA ILE C 430 -18.92 -11.51 14.71
C ILE C 430 -19.33 -12.25 15.97
N LEU C 431 -20.58 -12.05 16.42
CA LEU C 431 -21.08 -12.73 17.59
C LEU C 431 -21.69 -14.08 17.26
N GLU C 432 -21.32 -14.67 16.13
CA GLU C 432 -21.83 -15.98 15.73
C GLU C 432 -20.69 -16.86 15.26
N SER D 23 14.81 -4.11 23.11
CA SER D 23 15.34 -4.32 21.77
C SER D 23 14.56 -5.39 21.04
N PRO D 24 13.83 -5.00 20.01
CA PRO D 24 13.03 -5.98 19.26
C PRO D 24 13.92 -6.89 18.44
N SER D 25 13.28 -7.84 17.81
CA SER D 25 13.94 -8.70 16.83
C SER D 25 13.55 -8.26 15.44
N PRO D 26 14.38 -8.55 14.45
CA PRO D 26 14.09 -8.12 13.08
C PRO D 26 12.68 -8.43 12.63
N TRP D 27 12.14 -9.60 12.95
CA TRP D 27 10.78 -9.86 12.50
C TRP D 27 9.77 -9.04 13.28
N ASP D 28 10.00 -8.84 14.57
CA ASP D 28 9.10 -8.01 15.37
C ASP D 28 9.09 -6.58 14.86
N PHE D 29 10.27 -5.96 14.84
CA PHE D 29 10.40 -4.59 14.35
C PHE D 29 9.83 -4.46 12.96
N LEU D 30 10.14 -5.42 12.08
CA LEU D 30 9.71 -5.31 10.70
C LEU D 30 8.21 -5.45 10.57
N GLY D 31 7.60 -6.38 11.29
CA GLY D 31 6.15 -6.45 11.31
C GLY D 31 5.55 -5.18 11.86
N ARG D 32 6.29 -4.48 12.71
CA ARG D 32 5.80 -3.20 13.22
C ARG D 32 5.86 -2.11 12.15
N VAL D 33 6.94 -2.04 11.39
CA VAL D 33 7.15 -0.90 10.51
C VAL D 33 6.71 -1.17 9.07
N LEU D 34 6.78 -2.42 8.63
CA LEU D 34 6.56 -2.70 7.22
C LEU D 34 5.10 -2.53 6.84
N GLN D 35 4.89 -2.04 5.63
CA GLN D 35 3.57 -2.00 5.02
C GLN D 35 3.43 -3.25 4.15
N PHE D 36 2.32 -3.95 4.30
CA PHE D 36 2.08 -5.19 3.58
C PHE D 36 1.04 -4.95 2.50
N GLN D 37 1.33 -5.45 1.30
CA GLN D 37 0.40 -5.26 0.20
C GLN D 37 -0.93 -5.95 0.44
N HIS D 38 -0.91 -7.07 1.17
CA HIS D 38 -2.10 -7.87 1.37
C HIS D 38 -2.11 -8.41 2.78
N GLY D 39 -3.32 -8.60 3.32
CA GLY D 39 -3.44 -9.11 4.67
C GLY D 39 -2.90 -10.51 4.82
N ASP D 40 -3.11 -11.36 3.81
CA ASP D 40 -2.56 -12.71 3.86
C ASP D 40 -1.05 -12.70 3.95
N HIS D 41 -0.40 -11.74 3.31
CA HIS D 41 1.04 -11.61 3.50
C HIS D 41 1.36 -11.28 4.94
N LYS D 42 0.51 -10.51 5.60
CA LYS D 42 0.75 -10.19 7.01
C LYS D 42 0.60 -11.43 7.89
N ARG D 43 -0.42 -12.23 7.62
CA ARG D 43 -0.64 -13.43 8.43
C ARG D 43 0.45 -14.46 8.19
N TRP D 44 0.82 -14.67 6.92
CA TRP D 44 1.97 -15.51 6.62
C TRP D 44 3.23 -14.96 7.27
N TRP D 45 3.36 -13.65 7.38
CA TRP D 45 4.51 -13.08 8.08
C TRP D 45 4.49 -13.52 9.53
N ASP D 46 3.36 -13.30 10.20
CA ASP D 46 3.22 -13.66 11.61
C ASP D 46 3.58 -15.11 11.85
N VAL D 47 3.21 -15.99 10.92
CA VAL D 47 3.50 -17.41 11.10
C VAL D 47 4.95 -17.73 10.77
N LEU D 48 5.37 -17.47 9.53
CA LEU D 48 6.65 -17.93 9.04
C LEU D 48 7.80 -17.12 9.63
N ALA D 49 7.71 -15.79 9.55
CA ALA D 49 8.83 -14.93 9.91
C ALA D 49 9.45 -15.27 11.25
N PRO D 50 8.70 -15.63 12.29
CA PRO D 50 9.38 -16.14 13.49
C PRO D 50 10.21 -17.37 13.22
N VAL D 51 9.65 -18.37 12.56
CA VAL D 51 10.38 -19.62 12.32
C VAL D 51 11.61 -19.35 11.46
N PHE D 52 11.43 -18.62 10.36
CA PHE D 52 12.55 -18.29 9.49
C PHE D 52 13.60 -17.50 10.23
N GLY D 53 13.20 -16.44 10.93
CA GLY D 53 14.13 -15.61 11.65
C GLY D 53 14.85 -16.35 12.76
N ILE D 54 14.19 -17.35 13.37
CA ILE D 54 14.84 -18.07 14.46
C ILE D 54 15.79 -19.11 13.90
N SER D 55 15.48 -19.69 12.73
CA SER D 55 16.46 -20.53 12.07
C SER D 55 17.69 -19.73 11.65
N MET D 56 17.45 -18.50 11.17
CA MET D 56 18.55 -17.64 10.78
C MET D 56 19.39 -17.21 11.99
N ALA D 57 18.75 -16.79 13.07
CA ALA D 57 19.43 -16.28 14.25
C ALA D 57 19.81 -17.36 15.23
N SER D 58 19.54 -18.62 14.92
CA SER D 58 19.92 -19.72 15.77
C SER D 58 21.10 -20.50 15.18
N ILE D 59 21.65 -20.03 14.07
CA ILE D 59 22.93 -20.49 13.57
C ILE D 59 23.92 -19.35 13.37
N GLY D 60 23.46 -18.10 13.37
CA GLY D 60 24.31 -16.95 13.36
C GLY D 60 24.18 -16.02 12.17
N TYR D 61 23.08 -16.10 11.42
CA TYR D 61 22.91 -15.15 10.31
C TYR D 61 22.97 -13.72 10.83
N LYS D 62 23.98 -12.98 10.38
CA LYS D 62 24.21 -11.62 10.85
C LYS D 62 22.95 -10.78 10.71
N LEU D 63 22.73 -9.90 11.68
CA LEU D 63 21.43 -9.26 11.82
C LEU D 63 21.00 -8.50 10.58
N ASP D 64 21.95 -7.86 9.88
CA ASP D 64 21.58 -7.16 8.65
C ASP D 64 21.30 -8.15 7.53
N VAL D 65 21.96 -9.31 7.55
CA VAL D 65 21.63 -10.38 6.62
C VAL D 65 20.26 -10.93 6.94
N GLN D 66 19.92 -11.02 8.22
CA GLN D 66 18.56 -11.37 8.61
C GLN D 66 17.57 -10.38 8.02
N TYR D 67 17.86 -9.09 8.17
CA TYR D 67 17.00 -8.08 7.57
C TYR D 67 16.86 -8.29 6.07
N ARG D 68 17.97 -8.57 5.39
CA ARG D 68 17.94 -8.73 3.93
C ARG D 68 17.08 -9.92 3.53
N HIS D 69 17.33 -11.08 4.13
CA HIS D 69 16.58 -12.27 3.76
C HIS D 69 15.11 -12.12 4.15
N LEU D 70 14.83 -11.50 5.28
CA LEU D 70 13.45 -11.30 5.69
C LEU D 70 12.75 -10.31 4.79
N LEU D 71 13.48 -9.37 4.22
CA LEU D 71 12.88 -8.45 3.26
C LEU D 71 12.70 -9.12 1.91
N VAL D 72 13.52 -10.11 1.58
CA VAL D 72 13.31 -10.91 0.38
C VAL D 72 12.07 -11.78 0.56
N LEU D 73 11.98 -12.47 1.69
CA LEU D 73 10.79 -13.22 2.05
C LEU D 73 9.56 -12.35 2.06
N TYR D 74 9.69 -11.11 2.51
CA TYR D 74 8.59 -10.15 2.51
C TYR D 74 8.27 -9.68 1.10
N ASP D 75 9.25 -9.66 0.22
CA ASP D 75 9.13 -9.07 -1.10
C ASP D 75 8.92 -10.09 -2.20
N ALA D 76 9.63 -11.22 -2.15
CA ALA D 76 9.65 -12.15 -3.26
C ALA D 76 8.77 -13.37 -3.05
N VAL D 77 8.88 -14.04 -1.91
CA VAL D 77 8.30 -15.37 -1.77
C VAL D 77 6.92 -15.32 -1.14
N ILE D 78 6.66 -14.43 -0.19
CA ILE D 78 5.36 -14.40 0.47
C ILE D 78 4.29 -13.92 -0.48
N PRO D 79 4.52 -12.90 -1.31
CA PRO D 79 3.51 -12.56 -2.32
C PRO D 79 3.27 -13.66 -3.33
N ASN D 80 4.13 -14.68 -3.33
CA ASN D 80 4.03 -15.82 -4.23
C ASN D 80 3.84 -17.11 -3.45
N MET D 81 3.04 -17.06 -2.40
CA MET D 81 2.78 -18.23 -1.56
C MET D 81 1.33 -18.66 -1.60
N GLY D 82 0.44 -17.81 -2.07
CA GLY D 82 -0.95 -18.17 -2.13
C GLY D 82 -1.64 -17.80 -0.86
N PRO D 83 -2.95 -18.00 -0.79
CA PRO D 83 -3.72 -17.50 0.35
C PRO D 83 -3.37 -18.26 1.63
N PHE D 84 -3.77 -17.70 2.79
CA PHE D 84 -3.42 -18.24 4.15
C PHE D 84 -4.45 -19.21 4.63
N PRO D 85 -4.00 -20.31 5.27
CA PRO D 85 -5.06 -21.20 5.59
C PRO D 85 -6.03 -20.69 6.62
N ASN D 86 -7.27 -20.52 6.27
CA ASN D 86 -8.26 -20.16 7.26
C ASN D 86 -8.65 -21.43 8.02
N SER D 87 -9.51 -21.34 9.02
CA SER D 87 -9.84 -22.48 9.88
C SER D 87 -10.42 -23.75 9.30
N ASN D 88 -11.36 -23.64 8.38
CA ASN D 88 -11.86 -24.82 7.74
C ASN D 88 -11.06 -24.99 6.48
N ALA D 89 -10.14 -24.08 6.20
CA ALA D 89 -9.37 -24.07 4.95
C ALA D 89 -10.21 -24.01 3.70
N SER D 90 -11.29 -23.26 3.72
CA SER D 90 -12.07 -23.04 2.53
C SER D 90 -11.34 -22.26 1.48
N ASN D 91 -10.58 -21.26 1.88
CA ASN D 91 -9.88 -20.39 0.97
C ASN D 91 -8.76 -21.01 0.21
N ILE D 92 -8.41 -22.25 0.51
CA ILE D 92 -7.41 -22.94 -0.29
C ILE D 92 -8.09 -23.58 -1.50
N THR D 93 -7.89 -23.03 -2.68
CA THR D 93 -8.48 -23.55 -3.90
C THR D 93 -7.50 -24.31 -4.78
N TRP D 94 -6.21 -24.24 -4.50
CA TRP D 94 -5.20 -24.97 -5.26
C TRP D 94 -4.88 -26.24 -4.49
N THR D 95 -5.57 -27.32 -4.86
CA THR D 95 -5.56 -28.54 -4.07
C THR D 95 -4.18 -29.16 -3.99
N SER D 96 -4.01 -30.06 -3.02
CA SER D 96 -2.72 -30.67 -2.74
C SER D 96 -2.87 -31.78 -1.70
N PRO D 97 -1.98 -32.78 -1.71
CA PRO D 97 -1.94 -33.73 -0.60
C PRO D 97 -1.21 -33.22 0.63
N PHE D 98 -0.58 -32.06 0.55
CA PHE D 98 0.12 -31.45 1.67
C PHE D 98 -0.65 -30.26 2.19
N PRO D 99 -0.36 -29.80 3.40
CA PRO D 99 -1.00 -28.59 3.91
C PRO D 99 -0.47 -27.36 3.20
N PRO D 100 -1.23 -26.27 3.20
CA PRO D 100 -0.78 -25.05 2.51
C PRO D 100 0.48 -24.47 3.13
N GLY D 101 1.17 -23.67 2.34
CA GLY D 101 2.39 -23.05 2.77
C GLY D 101 3.58 -23.74 2.17
N PRO D 102 4.77 -23.45 2.68
CA PRO D 102 5.97 -24.12 2.20
C PRO D 102 5.84 -25.63 2.33
N LEU D 103 6.46 -26.34 1.39
CA LEU D 103 6.58 -27.77 1.52
C LEU D 103 7.52 -28.16 2.64
N GLU D 104 8.37 -27.25 3.06
CA GLU D 104 9.34 -27.52 4.11
C GLU D 104 10.07 -26.22 4.42
N ALA D 105 10.71 -26.20 5.58
CA ALA D 105 11.73 -25.23 5.93
C ALA D 105 12.90 -26.06 6.43
N SER D 106 13.99 -26.01 5.71
CA SER D 106 14.86 -27.17 5.59
C SER D 106 16.30 -26.91 5.99
N VAL D 107 16.50 -26.38 7.20
CA VAL D 107 17.84 -26.23 7.75
C VAL D 107 18.63 -27.50 7.53
N ASN D 108 19.78 -27.38 6.87
CA ASN D 108 20.65 -28.51 6.58
C ASN D 108 21.93 -28.39 7.37
N TYR D 109 22.45 -29.54 7.79
CA TYR D 109 23.63 -29.65 8.63
C TYR D 109 24.70 -30.43 7.89
N GLN D 110 25.93 -29.93 7.92
CA GLN D 110 27.07 -30.66 7.43
C GLN D 110 28.22 -30.45 8.39
N ALA D 111 29.29 -31.22 8.19
CA ALA D 111 30.41 -31.24 9.12
C ALA D 111 31.07 -29.87 9.22
N GLY D 112 31.97 -29.75 10.20
CA GLY D 112 32.61 -28.48 10.47
C GLY D 112 31.64 -27.42 10.93
N GLU D 113 30.50 -27.83 11.48
CA GLU D 113 29.43 -26.93 11.87
C GLU D 113 29.06 -26.00 10.72
N SER D 114 28.71 -26.60 9.58
CA SER D 114 28.28 -25.84 8.41
C SER D 114 26.79 -26.09 8.19
N SER D 115 25.98 -25.22 8.77
CA SER D 115 24.54 -25.32 8.67
C SER D 115 24.01 -24.14 7.88
N MET D 116 23.07 -24.41 6.98
CA MET D 116 22.50 -23.34 6.19
C MET D 116 21.00 -23.53 6.03
N PHE D 117 20.33 -22.42 5.78
CA PHE D 117 18.88 -22.37 5.71
C PHE D 117 18.44 -22.38 4.26
N ARG D 118 17.36 -23.09 4.00
CA ARG D 118 16.82 -23.25 2.67
C ARG D 118 15.34 -23.57 2.83
N PHE D 119 14.59 -23.32 1.78
CA PHE D 119 13.15 -23.23 1.96
C PHE D 119 12.47 -23.53 0.64
N THR D 120 11.56 -24.49 0.64
CA THR D 120 10.92 -24.98 -0.57
C THR D 120 9.49 -24.47 -0.62
N ILE D 121 9.07 -24.06 -1.80
CA ILE D 121 7.69 -23.63 -2.00
C ILE D 121 7.25 -24.03 -3.40
N GLU D 122 6.03 -24.48 -3.50
CA GLU D 122 5.40 -24.59 -4.80
C GLU D 122 4.72 -23.25 -5.04
N PRO D 123 5.33 -22.35 -5.83
CA PRO D 123 4.75 -21.02 -6.02
C PRO D 123 3.32 -21.08 -6.45
N VAL D 124 2.43 -20.50 -5.66
CA VAL D 124 0.99 -20.51 -5.92
C VAL D 124 0.56 -19.08 -6.14
N GLY D 125 -0.12 -18.84 -7.26
CA GLY D 125 -0.68 -17.54 -7.49
C GLY D 125 -1.81 -17.28 -6.53
N PRO D 126 -2.13 -16.01 -6.30
CA PRO D 126 -3.25 -15.70 -5.41
C PRO D 126 -4.56 -16.27 -5.89
N HIS D 127 -4.64 -16.70 -7.14
CA HIS D 127 -5.85 -17.30 -7.69
C HIS D 127 -5.56 -18.62 -8.41
N ALA D 128 -4.46 -19.27 -8.06
CA ALA D 128 -4.11 -20.53 -8.70
C ALA D 128 -5.12 -21.61 -8.32
N GLY D 129 -5.44 -22.46 -9.28
CA GLY D 129 -6.46 -23.45 -9.06
C GLY D 129 -7.87 -22.93 -9.22
N THR D 130 -8.03 -21.73 -9.76
CA THR D 130 -9.31 -21.13 -10.08
C THR D 130 -9.33 -20.80 -11.57
N PRO D 131 -10.51 -20.59 -12.15
CA PRO D 131 -10.58 -20.43 -13.62
C PRO D 131 -9.78 -19.26 -14.15
N ALA D 132 -9.23 -18.40 -13.29
CA ALA D 132 -8.34 -17.35 -13.76
C ALA D 132 -6.90 -17.82 -13.86
N ASP D 133 -6.52 -18.85 -13.11
CA ASP D 133 -5.17 -19.42 -13.17
C ASP D 133 -5.26 -20.92 -12.91
N PRO D 134 -5.85 -21.67 -13.83
CA PRO D 134 -6.11 -23.09 -13.55
C PRO D 134 -4.86 -23.95 -13.43
N VAL D 135 -3.71 -23.49 -13.92
CA VAL D 135 -2.51 -24.32 -13.89
C VAL D 135 -1.36 -23.65 -13.17
N ASN D 136 -1.61 -22.51 -12.52
CA ASN D 136 -0.60 -21.85 -11.71
C ASN D 136 0.66 -21.57 -12.54
N GLU D 137 0.46 -20.81 -13.62
CA GLU D 137 1.51 -20.62 -14.61
C GLU D 137 2.47 -19.49 -14.26
N LEU D 138 1.96 -18.36 -13.78
CA LEU D 138 2.80 -17.17 -13.65
C LEU D 138 3.67 -17.21 -12.40
N ALA D 139 3.14 -17.74 -11.31
CA ALA D 139 3.76 -17.55 -10.00
C ALA D 139 5.25 -17.84 -10.02
N ALA D 140 5.66 -18.93 -10.66
CA ALA D 140 7.08 -19.27 -10.68
C ALA D 140 7.88 -18.23 -11.45
N LYS D 141 7.35 -17.75 -12.57
CA LYS D 141 8.07 -16.77 -13.36
C LYS D 141 8.11 -15.41 -12.68
N GLN D 142 7.02 -15.02 -12.03
CA GLN D 142 7.03 -13.79 -11.24
C GLN D 142 8.05 -13.87 -10.13
N LEU D 143 8.13 -15.01 -9.45
CA LEU D 143 9.14 -15.19 -8.42
C LEU D 143 10.54 -15.09 -9.00
N MET D 144 10.78 -15.75 -10.13
CA MET D 144 12.09 -15.69 -10.77
C MET D 144 12.46 -14.26 -11.16
N GLN D 145 11.51 -13.55 -11.77
CA GLN D 145 11.76 -12.19 -12.22
C GLN D 145 12.02 -11.25 -11.05
N ARG D 146 11.15 -11.27 -10.05
CA ARG D 146 11.36 -10.47 -8.85
C ARG D 146 12.70 -10.77 -8.23
N LEU D 147 13.06 -12.05 -8.16
CA LEU D 147 14.28 -12.43 -7.49
C LEU D 147 15.51 -11.98 -8.28
N GLY D 148 15.39 -11.93 -9.61
CA GLY D 148 16.48 -11.40 -10.41
C GLY D 148 16.58 -9.89 -10.33
N GLN D 149 15.43 -9.22 -10.27
CA GLN D 149 15.42 -7.78 -10.10
C GLN D 149 16.04 -7.37 -8.78
N LEU D 150 15.83 -8.16 -7.72
CA LEU D 150 16.45 -7.85 -6.45
C LEU D 150 17.96 -7.98 -6.52
N GLN D 151 18.45 -9.10 -7.06
CA GLN D 151 19.89 -9.34 -7.22
C GLN D 151 20.19 -9.50 -8.70
N PRO D 152 20.48 -8.42 -9.41
CA PRO D 152 20.75 -8.55 -10.85
C PRO D 152 22.00 -9.38 -11.12
N GLY D 153 21.96 -10.13 -12.21
CA GLY D 153 23.04 -11.02 -12.56
C GLY D 153 23.11 -12.29 -11.73
N GLY D 154 22.18 -12.50 -10.81
CA GLY D 154 22.20 -13.64 -9.93
C GLY D 154 21.30 -14.78 -10.32
N VAL D 155 20.59 -14.70 -11.45
CA VAL D 155 19.67 -15.74 -11.89
C VAL D 155 19.94 -16.01 -13.35
N ASP D 156 20.77 -17.02 -13.63
CA ASP D 156 21.02 -17.44 -14.99
C ASP D 156 19.90 -18.37 -15.45
N SER D 157 19.41 -18.14 -16.66
CA SER D 157 18.18 -18.77 -17.13
C SER D 157 18.42 -19.76 -18.25
N THR D 158 19.64 -20.29 -18.38
CA THR D 158 19.93 -21.20 -19.48
C THR D 158 19.12 -22.48 -19.38
N MET D 159 19.36 -23.27 -18.33
CA MET D 159 18.74 -24.59 -18.24
C MET D 159 17.23 -24.48 -18.13
N PHE D 160 16.75 -23.43 -17.47
CA PHE D 160 15.31 -23.18 -17.49
C PHE D 160 14.83 -23.04 -18.91
N ASP D 161 15.57 -22.29 -19.73
CA ASP D 161 15.16 -22.08 -21.11
C ASP D 161 15.15 -23.40 -21.87
N HIS D 162 16.11 -24.27 -21.60
CA HIS D 162 16.17 -25.52 -22.35
C HIS D 162 15.08 -26.49 -21.93
N PHE D 163 14.78 -26.57 -20.64
CA PHE D 163 13.92 -27.63 -20.12
C PHE D 163 12.47 -27.24 -20.01
N TYR D 164 12.14 -25.96 -19.85
CA TYR D 164 10.75 -25.55 -19.85
C TYR D 164 9.98 -26.07 -21.06
N PRO D 165 10.55 -26.18 -22.27
CA PRO D 165 9.77 -26.77 -23.36
C PRO D 165 9.57 -28.27 -23.24
N LEU D 166 10.59 -29.01 -22.83
CA LEU D 166 10.54 -30.46 -22.89
C LEU D 166 9.80 -31.06 -21.70
N LEU D 167 10.09 -30.57 -20.50
CA LEU D 167 9.50 -31.15 -19.30
C LEU D 167 8.19 -30.48 -18.89
N CYS D 168 8.20 -29.16 -18.74
CA CYS D 168 7.06 -28.47 -18.18
C CYS D 168 5.97 -28.31 -19.22
N VAL D 169 4.87 -27.70 -18.81
CA VAL D 169 3.76 -27.39 -19.71
C VAL D 169 3.33 -25.95 -19.43
N ASP D 170 3.31 -25.13 -20.47
CA ASP D 170 2.90 -23.74 -20.33
C ASP D 170 1.40 -23.67 -20.12
N GLY D 171 0.91 -22.45 -19.91
CA GLY D 171 -0.50 -22.21 -19.73
C GLY D 171 -1.34 -22.67 -20.89
N PRO D 172 -1.03 -22.20 -22.11
CA PRO D 172 -1.91 -22.52 -23.24
C PRO D 172 -1.95 -24.00 -23.58
N GLU D 173 -0.79 -24.67 -23.56
CA GLU D 173 -0.79 -26.10 -23.85
C GLU D 173 -1.62 -26.87 -22.84
N ALA D 174 -1.47 -26.53 -21.55
CA ALA D 174 -2.27 -27.18 -20.53
C ALA D 174 -3.75 -26.89 -20.69
N ARG D 175 -4.10 -25.70 -21.17
CA ARG D 175 -5.50 -25.36 -21.32
C ARG D 175 -6.12 -26.05 -22.53
N ARG D 176 -5.36 -26.25 -23.60
CA ARG D 176 -5.91 -26.93 -24.77
C ARG D 176 -6.22 -28.38 -24.47
N GLN D 177 -5.37 -29.03 -23.70
CA GLN D 177 -5.46 -30.46 -23.41
C GLN D 177 -5.96 -30.71 -21.99
N TRP D 178 -6.95 -29.94 -21.54
CA TRP D 178 -7.40 -30.09 -20.16
C TRP D 178 -8.09 -31.42 -19.93
N ASP D 179 -8.73 -31.96 -20.96
CA ASP D 179 -9.34 -33.27 -20.85
C ASP D 179 -8.35 -34.32 -20.39
N SER D 180 -7.07 -34.13 -20.70
CA SER D 180 -6.08 -35.18 -20.46
C SER D 180 -5.64 -35.21 -19.00
N ILE D 181 -5.44 -34.04 -18.38
CA ILE D 181 -4.81 -33.98 -17.08
C ILE D 181 -5.78 -33.57 -15.98
N ALA D 182 -7.08 -33.49 -16.29
CA ALA D 182 -8.03 -33.06 -15.27
C ALA D 182 -8.13 -34.08 -14.14
N HIS D 183 -8.01 -35.36 -14.46
CA HIS D 183 -8.13 -36.40 -13.44
C HIS D 183 -6.98 -36.37 -12.43
N ILE D 184 -5.88 -35.69 -12.74
CA ILE D 184 -4.77 -35.63 -11.80
C ILE D 184 -5.17 -34.81 -10.59
N TYR D 185 -4.77 -35.27 -9.40
CA TYR D 185 -5.11 -34.55 -8.19
C TYR D 185 -4.18 -33.38 -7.95
N HIS D 186 -2.88 -33.61 -7.96
CA HIS D 186 -1.90 -32.56 -7.74
C HIS D 186 -1.29 -32.17 -9.08
N LYS D 187 -1.68 -31.00 -9.60
CA LYS D 187 -1.17 -30.51 -10.88
C LYS D 187 0.04 -29.60 -10.65
N CYS D 188 1.04 -30.15 -9.99
CA CYS D 188 2.28 -29.44 -9.71
C CYS D 188 3.24 -29.61 -10.88
N HIS D 189 3.82 -28.51 -11.34
CA HIS D 189 4.73 -28.56 -12.47
C HIS D 189 6.04 -27.81 -12.25
N THR D 190 6.13 -26.97 -11.24
CA THR D 190 7.34 -26.19 -10.99
C THR D 190 7.47 -26.00 -9.50
N VAL D 191 8.59 -26.43 -8.92
CA VAL D 191 8.81 -26.28 -7.49
C VAL D 191 10.10 -25.50 -7.30
N THR D 192 10.07 -24.47 -6.47
CA THR D 192 11.21 -23.57 -6.31
C THR D 192 11.74 -23.65 -4.90
N ALA D 193 13.04 -23.91 -4.80
CA ALA D 193 13.72 -23.92 -3.52
C ALA D 193 14.70 -22.77 -3.45
N LEU D 194 14.70 -22.07 -2.33
CA LEU D 194 15.60 -20.95 -2.10
C LEU D 194 16.69 -21.41 -1.15
N ASP D 195 17.93 -21.24 -1.56
CA ASP D 195 19.07 -21.42 -0.66
C ASP D 195 19.37 -20.04 -0.11
N MET D 196 18.96 -19.78 1.13
CA MET D 196 19.13 -18.44 1.69
C MET D 196 20.55 -18.35 2.24
N GLN D 197 21.49 -18.14 1.33
CA GLN D 197 22.89 -18.13 1.71
C GLN D 197 23.14 -17.17 2.87
N ARG D 198 24.09 -17.54 3.73
CA ARG D 198 24.52 -16.66 4.80
C ARG D 198 25.19 -15.41 4.26
N SER D 199 25.55 -15.40 2.99
CA SER D 199 26.11 -14.23 2.34
C SER D 199 25.04 -13.37 1.67
N ALA D 200 23.80 -13.45 2.15
CA ALA D 200 22.69 -12.62 1.68
C ALA D 200 22.37 -12.86 0.22
N ALA D 201 23.07 -13.79 -0.42
CA ALA D 201 22.93 -14.04 -1.84
C ALA D 201 22.09 -15.29 -2.04
N CYS D 202 20.77 -15.14 -1.98
CA CYS D 202 19.87 -16.28 -2.12
C CYS D 202 19.96 -16.88 -3.52
N THR D 203 19.90 -18.20 -3.60
CA THR D 203 20.06 -18.92 -4.85
C THR D 203 18.84 -19.78 -5.15
N LEU D 204 18.28 -19.61 -6.35
CA LEU D 204 17.08 -20.30 -6.76
C LEU D 204 17.40 -21.69 -7.32
N LYS D 205 16.48 -22.63 -7.10
CA LYS D 205 16.56 -23.99 -7.62
C LYS D 205 15.19 -24.36 -8.14
N THR D 206 15.14 -25.02 -9.29
CA THR D 206 13.87 -25.34 -9.92
C THR D 206 13.77 -26.82 -10.19
N ALA D 207 12.63 -27.39 -9.88
CA ALA D 207 12.34 -28.79 -10.16
C ALA D 207 11.12 -28.89 -11.06
N PHE D 208 11.20 -29.79 -12.03
CA PHE D 208 10.13 -30.05 -12.99
C PHE D 208 9.64 -31.48 -12.84
N PRO D 209 8.42 -31.69 -12.37
CA PRO D 209 7.79 -33.00 -12.49
C PRO D 209 7.05 -33.11 -13.80
N PRO D 210 7.39 -34.10 -14.62
CA PRO D 210 6.82 -34.19 -15.97
C PRO D 210 5.48 -34.91 -16.04
N LEU D 211 4.77 -35.03 -14.92
CA LEU D 211 3.57 -35.86 -14.91
C LEU D 211 2.54 -35.36 -15.92
N LEU D 212 2.27 -34.07 -15.96
CA LEU D 212 1.34 -33.54 -16.95
C LEU D 212 1.88 -33.70 -18.37
N ARG D 213 3.19 -33.51 -18.55
CA ARG D 213 3.78 -33.71 -19.86
C ARG D 213 3.64 -35.16 -20.31
N SER D 214 4.14 -36.09 -19.51
CA SER D 214 4.04 -37.50 -19.83
C SER D 214 2.60 -37.94 -19.97
N THR D 215 1.68 -37.19 -19.37
CA THR D 215 0.27 -37.55 -19.50
C THR D 215 -0.27 -37.14 -20.85
N ILE D 216 -0.17 -35.85 -21.19
CA ILE D 216 -0.74 -35.37 -22.45
C ILE D 216 -0.03 -36.04 -23.62
N MET D 217 1.29 -36.14 -23.57
CA MET D 217 2.01 -36.86 -24.59
C MET D 217 1.83 -38.36 -24.51
N ASN D 218 1.26 -38.85 -23.42
CA ASN D 218 0.95 -40.26 -23.24
C ASN D 218 2.21 -41.12 -23.38
N THR D 219 3.34 -40.59 -22.93
CA THR D 219 4.59 -41.31 -22.99
C THR D 219 5.13 -41.52 -21.57
N SER D 220 6.16 -42.36 -21.48
CA SER D 220 6.69 -42.74 -20.19
C SER D 220 7.54 -41.63 -19.59
N MET D 221 7.42 -41.47 -18.26
CA MET D 221 8.18 -40.46 -17.56
C MET D 221 9.67 -40.61 -17.84
N VAL D 222 10.16 -41.85 -17.73
CA VAL D 222 11.57 -42.14 -17.97
C VAL D 222 12.00 -41.55 -19.30
N ASP D 223 11.20 -41.79 -20.33
CA ASP D 223 11.62 -41.44 -21.69
C ASP D 223 11.70 -39.94 -21.89
N ILE D 224 10.66 -39.20 -21.50
CA ILE D 224 10.72 -37.76 -21.73
C ILE D 224 11.83 -37.13 -20.89
N MET D 225 11.97 -37.58 -19.63
CA MET D 225 13.02 -37.03 -18.79
C MET D 225 14.39 -37.21 -19.42
N PHE D 226 14.69 -38.45 -19.83
CA PHE D 226 16.04 -38.70 -20.30
C PHE D 226 16.27 -38.20 -21.72
N ASP D 227 15.23 -38.10 -22.53
CA ASP D 227 15.40 -37.47 -23.83
C ASP D 227 15.65 -35.99 -23.69
N ALA D 228 15.01 -35.34 -22.71
CA ALA D 228 15.31 -33.94 -22.45
C ALA D 228 16.75 -33.77 -22.00
N VAL D 229 17.19 -34.59 -21.05
CA VAL D 229 18.58 -34.44 -20.61
C VAL D 229 19.54 -34.75 -21.76
N GLU D 230 19.16 -35.63 -22.68
CA GLU D 230 20.03 -35.97 -23.80
C GLU D 230 20.14 -34.81 -24.78
N SER D 231 19.00 -34.21 -25.12
CA SER D 231 19.05 -33.06 -26.02
C SER D 231 19.85 -31.93 -25.39
N PHE D 232 19.76 -31.76 -24.07
CA PHE D 232 20.59 -30.75 -23.44
C PHE D 232 22.06 -31.12 -23.51
N ARG D 233 22.37 -32.40 -23.35
CA ARG D 233 23.76 -32.84 -23.43
C ARG D 233 24.35 -32.52 -24.80
N LYS D 234 23.58 -32.72 -25.86
CA LYS D 234 24.14 -32.49 -27.19
C LYS D 234 24.16 -31.00 -27.53
N GLN D 235 23.08 -30.28 -27.24
CA GLN D 235 23.04 -28.85 -27.50
C GLN D 235 24.08 -28.09 -26.70
N SER D 236 24.45 -28.57 -25.52
CA SER D 236 25.39 -27.88 -24.65
C SER D 236 26.78 -28.46 -24.69
N GLY D 237 26.91 -29.74 -25.07
CA GLY D 237 28.17 -30.40 -25.02
C GLY D 237 28.58 -30.91 -23.65
N LEU D 238 27.91 -30.49 -22.60
CA LEU D 238 28.31 -30.88 -21.26
C LEU D 238 27.91 -32.33 -20.99
N TYR D 239 28.56 -32.92 -20.00
CA TYR D 239 28.52 -34.35 -19.75
C TYR D 239 27.60 -34.65 -18.57
N PHE D 240 26.44 -35.23 -18.85
CA PHE D 240 25.48 -35.62 -17.82
C PHE D 240 25.21 -37.11 -17.93
N ASP D 241 26.00 -37.92 -17.23
CA ASP D 241 25.85 -39.37 -17.36
C ASP D 241 24.50 -39.79 -16.80
N TYR D 242 23.61 -40.26 -17.66
CA TYR D 242 22.24 -40.62 -17.30
C TYR D 242 21.89 -42.05 -17.63
N THR D 243 22.85 -42.87 -18.05
CA THR D 243 22.50 -44.20 -18.55
C THR D 243 22.04 -45.12 -17.42
N LYS D 244 22.79 -45.20 -16.33
CA LYS D 244 22.51 -46.19 -15.30
C LYS D 244 21.16 -45.95 -14.65
N ILE D 245 20.81 -44.67 -14.46
CA ILE D 245 19.50 -44.36 -13.89
C ILE D 245 18.40 -44.92 -14.78
N LYS D 246 18.55 -44.76 -16.08
CA LYS D 246 17.54 -45.28 -17.01
C LYS D 246 17.50 -46.80 -16.97
N GLU D 247 18.68 -47.43 -16.96
CA GLU D 247 18.75 -48.89 -16.90
C GLU D 247 18.04 -49.42 -15.66
N PHE D 248 18.15 -48.73 -14.54
CA PHE D 248 17.50 -49.24 -13.34
C PHE D 248 16.01 -48.88 -13.29
N MET D 249 15.66 -47.62 -13.54
CA MET D 249 14.28 -47.22 -13.46
C MET D 249 13.43 -47.82 -14.56
N SER D 250 14.03 -48.44 -15.56
CA SER D 250 13.25 -49.03 -16.65
C SER D 250 12.81 -50.45 -16.34
N GLU D 251 13.32 -51.06 -15.29
CA GLU D 251 13.00 -52.45 -14.97
C GLU D 251 11.56 -52.58 -14.50
N GLU D 252 11.22 -53.80 -14.06
CA GLU D 252 9.87 -54.11 -13.58
C GLU D 252 9.81 -54.40 -12.10
N LYS D 253 10.84 -55.03 -11.53
CA LYS D 253 10.86 -55.25 -10.08
C LYS D 253 10.97 -53.92 -9.34
N THR D 254 11.68 -52.97 -9.93
CA THR D 254 11.62 -51.60 -9.43
C THR D 254 10.21 -51.04 -9.58
N HIS D 255 9.67 -51.10 -10.77
CA HIS D 255 8.42 -50.42 -11.08
C HIS D 255 7.22 -51.01 -10.34
N GLU D 256 7.37 -52.18 -9.72
CA GLU D 256 6.25 -52.72 -8.95
C GLU D 256 6.14 -52.10 -7.57
N THR D 257 7.26 -51.69 -6.98
CA THR D 257 7.30 -51.16 -5.62
C THR D 257 7.26 -49.65 -5.58
N MET D 258 7.99 -48.97 -6.47
CA MET D 258 8.00 -47.52 -6.46
C MET D 258 6.82 -46.95 -7.21
N MET D 259 6.42 -45.75 -6.83
CA MET D 259 5.41 -45.02 -7.59
C MET D 259 6.16 -44.12 -8.54
N VAL D 260 6.06 -44.40 -9.84
CA VAL D 260 6.88 -43.65 -10.77
C VAL D 260 6.32 -42.27 -11.04
N ASP D 261 5.04 -42.04 -10.74
CA ASP D 261 4.44 -40.76 -11.06
C ASP D 261 4.70 -39.68 -10.02
N ARG D 262 5.29 -40.01 -8.87
CA ARG D 262 5.77 -38.98 -7.96
C ARG D 262 7.25 -38.74 -8.21
N SER D 263 7.54 -38.30 -9.42
CA SER D 263 8.91 -38.14 -9.87
C SER D 263 9.11 -36.77 -10.49
N TYR D 264 10.31 -36.23 -10.30
CA TYR D 264 10.70 -35.02 -11.02
C TYR D 264 12.19 -35.05 -11.27
N LEU D 265 12.66 -34.10 -12.05
CA LEU D 265 14.09 -33.83 -12.16
C LEU D 265 14.32 -32.36 -11.94
N SER D 266 15.48 -32.01 -11.41
CA SER D 266 15.71 -30.66 -10.93
C SER D 266 17.06 -30.14 -11.40
N PHE D 267 17.25 -28.83 -11.23
CA PHE D 267 18.44 -28.15 -11.71
C PHE D 267 18.50 -26.78 -11.05
N ASP D 268 19.69 -26.22 -11.04
CA ASP D 268 19.93 -24.91 -10.47
C ASP D 268 19.93 -23.86 -11.57
N CYS D 269 19.22 -22.75 -11.32
CA CYS D 269 19.24 -21.61 -12.23
C CYS D 269 20.56 -20.88 -12.03
N LEU D 270 21.58 -21.35 -12.73
CA LEU D 270 22.94 -20.84 -12.59
C LEU D 270 23.67 -21.03 -13.90
N ASP D 271 24.98 -20.86 -13.86
CA ASP D 271 25.84 -21.13 -15.00
C ASP D 271 25.79 -22.63 -15.28
N PRO D 272 25.18 -23.05 -16.39
CA PRO D 272 25.00 -24.49 -16.62
C PRO D 272 26.28 -25.28 -16.61
N ALA D 273 27.43 -24.62 -16.64
CA ALA D 273 28.68 -25.29 -16.34
C ALA D 273 28.85 -25.52 -14.84
N LYS D 274 27.93 -25.02 -14.02
CA LYS D 274 28.00 -25.22 -12.57
C LYS D 274 26.79 -25.94 -12.01
N SER D 275 25.67 -25.95 -12.72
CA SER D 275 24.46 -26.58 -12.23
C SER D 275 24.60 -28.09 -12.23
N ARG D 276 23.56 -28.76 -11.74
CA ARG D 276 23.49 -30.21 -11.70
C ARG D 276 22.13 -30.63 -12.22
N ILE D 277 21.94 -31.92 -12.44
CA ILE D 277 20.63 -32.44 -12.79
C ILE D 277 20.31 -33.59 -11.85
N LYS D 278 19.31 -33.40 -11.00
CA LYS D 278 18.89 -34.40 -10.04
C LYS D 278 17.58 -35.01 -10.49
N ILE D 279 17.52 -36.33 -10.58
CA ILE D 279 16.28 -37.06 -10.75
C ILE D 279 15.78 -37.45 -9.38
N TYR D 280 14.47 -37.67 -9.27
CA TYR D 280 13.80 -37.78 -7.98
C TYR D 280 12.55 -38.64 -8.10
N THR D 281 12.38 -39.60 -7.20
CA THR D 281 11.17 -40.43 -7.20
C THR D 281 10.92 -40.96 -5.79
N GLU D 282 9.87 -41.80 -5.65
CA GLU D 282 9.32 -42.20 -4.35
C GLU D 282 8.97 -43.67 -4.32
N ALA D 283 9.20 -44.30 -3.16
CA ALA D 283 9.00 -45.74 -2.99
C ALA D 283 8.30 -46.05 -1.68
N LYS D 284 7.50 -47.11 -1.70
CA LYS D 284 6.83 -47.68 -0.53
C LYS D 284 7.46 -49.05 -0.30
N VAL D 285 8.45 -49.12 0.57
CA VAL D 285 9.28 -50.31 0.66
C VAL D 285 9.02 -51.05 1.96
N LYS D 286 9.21 -52.36 1.92
CA LYS D 286 8.94 -53.25 3.04
C LYS D 286 10.15 -53.45 3.93
N THR D 287 11.28 -53.84 3.38
CA THR D 287 12.50 -54.02 4.14
C THR D 287 13.53 -52.99 3.72
N LEU D 288 14.50 -52.75 4.59
CA LEU D 288 15.60 -51.86 4.21
C LEU D 288 16.45 -52.51 3.13
N GLU D 289 16.62 -53.84 3.21
CA GLU D 289 17.31 -54.56 2.15
C GLU D 289 16.72 -54.24 0.80
N GLU D 290 15.40 -54.39 0.65
CA GLU D 290 14.76 -54.16 -0.63
C GLU D 290 14.85 -52.70 -1.02
N ALA D 291 15.04 -51.81 -0.04
CA ALA D 291 15.21 -50.40 -0.35
C ALA D 291 16.60 -50.09 -0.86
N TYR D 292 17.59 -50.91 -0.53
CA TYR D 292 18.95 -50.67 -1.01
C TYR D 292 19.02 -50.49 -2.52
N SER D 293 18.02 -50.98 -3.25
CA SER D 293 18.03 -50.84 -4.70
C SER D 293 18.03 -49.37 -5.11
N PHE D 294 17.05 -48.61 -4.62
CA PHE D 294 16.94 -47.20 -5.00
C PHE D 294 18.19 -46.43 -4.65
N TRP D 295 18.77 -46.70 -3.48
CA TRP D 295 20.05 -46.11 -3.15
C TRP D 295 21.12 -46.50 -4.17
N SER D 296 21.03 -47.71 -4.71
CA SER D 296 22.10 -48.26 -5.54
C SER D 296 21.71 -48.42 -7.00
N LEU D 297 20.51 -48.02 -7.39
CA LEU D 297 20.03 -48.22 -8.76
C LEU D 297 20.11 -49.69 -9.17
N GLY D 298 19.81 -50.58 -8.23
CA GLY D 298 19.85 -51.99 -8.49
C GLY D 298 21.23 -52.59 -8.54
N GLY D 299 22.21 -51.99 -7.87
CA GLY D 299 23.57 -52.47 -7.89
C GLY D 299 24.46 -51.78 -8.90
N ARG D 300 23.88 -51.14 -9.91
CA ARG D 300 24.70 -50.45 -10.90
C ARG D 300 25.48 -49.31 -10.27
N LEU D 301 24.81 -48.46 -9.51
CA LEU D 301 25.42 -47.28 -8.91
C LEU D 301 26.04 -47.72 -7.60
N SER D 302 27.34 -48.02 -7.62
CA SER D 302 27.99 -48.57 -6.45
C SER D 302 29.35 -47.94 -6.27
N GLY D 303 29.76 -47.78 -5.01
CA GLY D 303 31.03 -47.19 -4.68
C GLY D 303 31.38 -47.35 -3.21
N PRO D 304 32.52 -46.81 -2.80
CA PRO D 304 32.85 -46.80 -1.37
C PRO D 304 31.89 -45.98 -0.53
N GLU D 305 31.24 -44.97 -1.12
CA GLU D 305 30.33 -44.13 -0.36
C GLU D 305 28.89 -44.59 -0.49
N ILE D 306 28.58 -45.38 -1.53
CA ILE D 306 27.23 -45.88 -1.71
C ILE D 306 26.79 -46.71 -0.52
N ASP D 307 27.72 -47.43 0.12
CA ASP D 307 27.37 -48.22 1.28
C ASP D 307 27.53 -47.43 2.58
N TYR D 308 28.46 -46.47 2.61
CA TYR D 308 28.57 -45.56 3.75
C TYR D 308 27.22 -44.95 4.09
N GLY D 309 26.59 -44.31 3.10
CA GLY D 309 25.30 -43.70 3.35
C GLY D 309 24.22 -44.70 3.67
N PHE D 310 24.30 -45.89 3.06
CA PHE D 310 23.24 -46.87 3.28
C PHE D 310 23.26 -47.41 4.69
N LYS D 311 24.45 -47.63 5.26
CA LYS D 311 24.53 -48.06 6.65
C LYS D 311 23.79 -47.10 7.54
N ILE D 312 24.02 -45.80 7.35
CA ILE D 312 23.43 -44.81 8.24
C ILE D 312 21.92 -44.74 8.03
N VAL D 313 21.47 -44.89 6.78
CA VAL D 313 20.02 -44.81 6.60
C VAL D 313 19.34 -46.04 7.17
N SER D 314 19.96 -47.22 7.09
CA SER D 314 19.35 -48.37 7.74
C SER D 314 19.34 -48.19 9.25
N GLN D 315 20.41 -47.59 9.78
CA GLN D 315 20.49 -47.28 11.20
C GLN D 315 19.30 -46.45 11.65
N MET D 316 19.14 -45.26 11.08
CA MET D 316 18.04 -44.41 11.52
C MET D 316 16.69 -44.99 11.11
N TRP D 317 16.66 -45.81 10.06
CA TRP D 317 15.45 -46.50 9.66
C TRP D 317 14.91 -47.35 10.78
N ASP D 318 15.69 -48.35 11.21
CA ASP D 318 15.19 -49.21 12.26
C ASP D 318 15.05 -48.45 13.58
N ALA D 319 15.84 -47.39 13.75
CA ALA D 319 15.66 -46.52 14.91
C ALA D 319 14.24 -45.97 14.98
N ILE D 320 13.86 -45.16 13.99
CA ILE D 320 12.57 -44.48 14.04
C ILE D 320 11.40 -45.38 13.69
N TYR D 321 11.65 -46.57 13.15
CA TYR D 321 10.57 -47.49 12.88
C TYR D 321 10.40 -48.53 13.95
N SER D 322 11.36 -48.65 14.88
CA SER D 322 11.18 -49.52 16.02
C SER D 322 10.01 -49.07 16.89
N LYS D 323 9.74 -47.76 16.93
CA LYS D 323 8.64 -47.26 17.71
C LYS D 323 7.30 -47.56 17.04
N GLU D 324 6.23 -47.35 17.79
CA GLU D 324 4.89 -47.57 17.29
C GLU D 324 4.29 -46.27 16.79
N LEU D 325 3.22 -46.39 16.06
CA LEU D 325 2.50 -45.22 15.62
C LEU D 325 1.62 -44.71 16.75
N PRO D 326 1.37 -43.40 16.81
CA PRO D 326 0.43 -42.87 17.80
C PRO D 326 -0.95 -43.48 17.68
N GLY D 327 -1.37 -44.23 18.69
CA GLY D 327 -2.67 -44.85 18.68
C GLY D 327 -2.70 -46.30 18.26
N GLY D 328 -1.55 -46.97 18.23
CA GLY D 328 -1.51 -48.38 17.94
C GLY D 328 -1.82 -48.78 16.52
N LYS D 329 -1.99 -47.84 15.60
CA LYS D 329 -2.19 -48.20 14.21
C LYS D 329 -0.93 -48.88 13.67
N GLN D 330 -1.14 -49.88 12.82
CA GLN D 330 -0.03 -50.72 12.40
C GLN D 330 0.69 -50.13 11.19
N ARG D 331 2.01 -50.32 11.16
CA ARG D 331 2.84 -49.90 10.03
C ARG D 331 3.03 -51.10 9.11
N GLU D 332 2.55 -50.99 7.88
CA GLU D 332 2.68 -52.07 6.92
C GLU D 332 3.95 -51.92 6.08
N ASN D 333 4.19 -50.73 5.55
CA ASN D 333 5.36 -50.44 4.75
C ASN D 333 5.92 -49.09 5.17
N ASN D 334 6.97 -48.66 4.48
CA ASN D 334 7.70 -47.46 4.85
C ASN D 334 7.81 -46.55 3.64
N HIS D 335 7.46 -45.29 3.83
CA HIS D 335 7.45 -44.31 2.75
C HIS D 335 8.80 -43.61 2.70
N ILE D 336 9.55 -43.87 1.62
CA ILE D 336 10.86 -43.29 1.43
C ILE D 336 10.85 -42.54 0.11
N GLN D 337 11.75 -41.57 0.01
CA GLN D 337 11.94 -40.82 -1.22
C GLN D 337 13.40 -40.92 -1.60
N ILE D 338 13.70 -40.63 -2.87
CA ILE D 338 15.05 -40.83 -3.35
C ILE D 338 15.34 -39.82 -4.46
N ASN D 339 16.61 -39.41 -4.52
CA ASN D 339 17.05 -38.35 -5.40
C ASN D 339 18.48 -38.62 -5.83
N TRP D 340 18.68 -38.87 -7.11
CA TRP D 340 20.02 -39.07 -7.67
C TRP D 340 20.45 -37.81 -8.38
N GLU D 341 21.75 -37.61 -8.50
CA GLU D 341 22.27 -36.38 -9.04
C GLU D 341 23.41 -36.65 -10.01
N MET D 342 23.39 -35.92 -11.13
CA MET D 342 24.37 -36.04 -12.20
C MET D 342 25.06 -34.70 -12.40
N SER D 343 26.39 -34.71 -12.37
CA SER D 343 27.22 -33.53 -12.51
C SER D 343 27.65 -33.34 -13.96
N ALA D 344 28.15 -32.15 -14.26
CA ALA D 344 28.48 -31.78 -15.63
C ALA D 344 29.94 -32.09 -15.97
N LYS D 345 30.86 -31.77 -15.08
CA LYS D 345 32.28 -31.92 -15.39
C LYS D 345 32.72 -33.37 -15.39
N ASP D 346 32.08 -34.23 -14.61
CA ASP D 346 32.52 -35.61 -14.44
C ASP D 346 31.44 -36.57 -14.90
N SER D 347 31.72 -37.85 -14.73
CA SER D 347 30.76 -38.93 -14.99
C SER D 347 30.45 -39.63 -13.67
N SER D 348 29.51 -39.05 -12.93
CA SER D 348 29.14 -39.54 -11.61
C SER D 348 27.68 -39.25 -11.39
N VAL D 349 27.05 -40.05 -10.54
CA VAL D 349 25.68 -39.83 -10.11
C VAL D 349 25.53 -40.37 -8.70
N ALA D 350 25.00 -39.56 -7.80
CA ALA D 350 24.99 -39.86 -6.38
C ALA D 350 23.58 -39.86 -5.82
N PRO D 351 23.27 -40.74 -4.86
CA PRO D 351 21.92 -40.80 -4.32
C PRO D 351 21.72 -39.99 -3.05
N LYS D 352 20.46 -39.80 -2.68
CA LYS D 352 20.08 -39.10 -1.47
C LYS D 352 18.68 -39.55 -1.09
N LEU D 353 18.56 -40.20 0.06
CA LEU D 353 17.36 -40.90 0.49
C LEU D 353 16.61 -40.07 1.53
N TYR D 354 15.32 -40.35 1.67
CA TYR D 354 14.44 -39.65 2.59
C TYR D 354 13.60 -40.68 3.31
N LEU D 355 13.44 -40.52 4.62
CA LEU D 355 12.42 -41.23 5.36
C LEU D 355 11.33 -40.23 5.72
N THR D 356 10.10 -40.52 5.28
CA THR D 356 8.99 -39.66 5.63
C THR D 356 8.51 -39.98 7.04
N VAL D 357 8.40 -38.95 7.88
CA VAL D 357 8.03 -39.09 9.28
C VAL D 357 6.82 -38.22 9.61
N ILE D 358 5.98 -37.96 8.63
CA ILE D 358 4.84 -37.06 8.83
C ILE D 358 3.90 -37.58 9.90
N GLU D 359 3.88 -38.90 10.12
CA GLU D 359 2.89 -39.51 10.98
C GLU D 359 3.51 -40.20 12.19
N ASP D 360 4.46 -39.55 12.85
CA ASP D 360 5.20 -40.18 13.93
C ASP D 360 5.18 -39.31 15.18
N TYR D 361 5.84 -39.80 16.23
CA TYR D 361 5.93 -39.06 17.49
C TYR D 361 7.01 -38.00 17.39
N ASP D 362 6.60 -36.72 17.41
CA ASP D 362 7.58 -35.65 17.43
C ASP D 362 8.59 -35.87 18.53
N ALA D 363 8.16 -36.39 19.68
CA ALA D 363 9.12 -36.74 20.72
C ALA D 363 10.07 -37.81 20.23
N TYR D 364 9.54 -38.87 19.61
CA TYR D 364 10.40 -39.93 19.11
C TYR D 364 11.25 -39.47 17.95
N VAL D 365 10.65 -38.74 17.00
CA VAL D 365 11.41 -38.23 15.87
C VAL D 365 12.55 -37.37 16.36
N SER D 366 12.26 -36.43 17.27
CA SER D 366 13.28 -35.58 17.83
C SER D 366 14.35 -36.39 18.54
N SER D 367 13.95 -37.40 19.31
CA SER D 367 14.93 -38.19 20.03
C SER D 367 15.86 -38.90 19.06
N ALA D 368 15.31 -39.44 17.99
CA ALA D 368 16.14 -40.11 16.99
C ALA D 368 17.08 -39.13 16.31
N ILE D 369 16.59 -37.93 16.00
CA ILE D 369 17.45 -36.94 15.38
C ILE D 369 18.60 -36.57 16.32
N VAL D 370 18.27 -36.31 17.58
CA VAL D 370 19.29 -35.82 18.49
C VAL D 370 20.29 -36.91 18.83
N ASP D 371 19.86 -38.17 18.92
CA ASP D 371 20.85 -39.17 19.27
C ASP D 371 21.64 -39.66 18.05
N LEU D 372 21.04 -39.59 16.86
CA LEU D 372 21.82 -39.72 15.63
C LEU D 372 22.93 -38.69 15.60
N PHE D 373 22.56 -37.42 15.80
CA PHE D 373 23.56 -36.38 15.90
C PHE D 373 24.61 -36.70 16.95
N THR D 374 24.16 -37.16 18.12
CA THR D 374 25.10 -37.38 19.22
C THR D 374 26.10 -38.47 18.88
N GLY D 375 25.62 -39.57 18.31
CA GLY D 375 26.56 -40.56 17.79
C GLY D 375 27.51 -39.97 16.77
N LEU D 376 26.98 -39.08 15.91
CA LEU D 376 27.82 -38.40 14.94
C LEU D 376 28.73 -37.36 15.58
N GLY D 377 28.49 -37.00 16.83
CA GLY D 377 29.29 -35.99 17.49
C GLY D 377 28.94 -34.57 17.12
N TRP D 378 27.80 -34.34 16.49
CA TRP D 378 27.37 -32.98 16.14
C TRP D 378 26.70 -32.28 17.33
N ALA D 379 27.47 -32.11 18.40
CA ALA D 379 26.91 -31.55 19.63
C ALA D 379 26.46 -30.11 19.44
N ALA D 380 27.30 -29.29 18.81
CA ALA D 380 26.88 -27.94 18.47
C ALA D 380 25.59 -27.98 17.67
N HIS D 381 25.53 -28.87 16.68
CA HIS D 381 24.30 -29.06 15.95
C HIS D 381 23.18 -29.56 16.84
N VAL D 382 23.51 -30.31 17.90
CA VAL D 382 22.48 -30.81 18.81
C VAL D 382 21.81 -29.65 19.52
N GLN D 383 22.60 -28.79 20.15
CA GLN D 383 22.04 -27.62 20.81
C GLN D 383 21.33 -26.74 19.81
N THR D 384 21.88 -26.60 18.62
CA THR D 384 21.21 -25.85 17.56
C THR D 384 19.82 -26.41 17.32
N HIS D 385 19.71 -27.72 17.18
CA HIS D 385 18.44 -28.35 16.87
C HIS D 385 17.44 -28.15 18.00
N LYS D 386 17.86 -28.40 19.23
CA LYS D 386 16.94 -28.26 20.36
C LYS D 386 16.51 -26.81 20.56
N LYS D 387 17.43 -25.87 20.33
CA LYS D 387 17.10 -24.46 20.44
C LYS D 387 16.05 -24.08 19.41
N ILE D 388 16.30 -24.42 18.14
CA ILE D 388 15.32 -24.14 17.09
C ILE D 388 14.01 -24.81 17.43
N GLU D 389 14.06 -25.99 18.02
CA GLU D 389 12.84 -26.69 18.41
C GLU D 389 12.04 -25.87 19.40
N LYS D 390 12.62 -25.63 20.58
CA LYS D 390 11.91 -24.93 21.64
C LYS D 390 11.40 -23.57 21.19
N GLU D 391 12.25 -22.81 20.49
CA GLU D 391 11.87 -21.45 20.13
C GLU D 391 10.85 -21.43 19.00
N ALA D 392 11.14 -22.14 17.91
CA ALA D 392 10.28 -22.09 16.74
C ALA D 392 9.10 -23.04 16.83
N TYR D 393 9.19 -24.09 17.64
CA TYR D 393 8.14 -25.10 17.76
C TYR D 393 7.90 -25.41 19.22
N PRO D 394 7.02 -24.67 19.87
CA PRO D 394 6.75 -24.94 21.29
C PRO D 394 5.94 -26.22 21.49
N MET D 395 5.14 -26.59 20.46
CA MET D 395 4.17 -27.66 20.62
C MET D 395 4.79 -28.96 21.08
N CYS D 396 6.01 -29.26 20.61
CA CYS D 396 6.65 -30.53 20.96
C CYS D 396 6.83 -30.70 22.46
N ASP D 397 6.78 -29.61 23.21
CA ASP D 397 6.82 -29.65 24.67
C ASP D 397 5.47 -29.40 25.29
N ALA D 398 4.69 -28.47 24.74
CA ALA D 398 3.37 -28.20 25.29
C ALA D 398 2.45 -29.40 25.16
N ASN D 399 2.73 -30.30 24.22
CA ASN D 399 1.91 -31.48 23.99
C ASN D 399 2.81 -32.71 24.03
N PRO D 400 2.61 -33.65 24.96
CA PRO D 400 3.41 -34.88 24.91
C PRO D 400 3.17 -35.69 23.66
N GLN D 401 1.92 -35.78 23.22
CA GLN D 401 1.57 -36.47 21.98
C GLN D 401 1.55 -35.44 20.86
N SER D 402 2.65 -35.35 20.13
CA SER D 402 2.82 -34.35 19.09
C SER D 402 3.41 -35.00 17.85
N THR D 403 2.90 -34.59 16.67
CA THR D 403 3.28 -35.23 15.42
C THR D 403 3.63 -34.24 14.33
N HIS D 404 3.68 -32.94 14.64
CA HIS D 404 3.52 -31.92 13.62
C HIS D 404 4.75 -31.07 13.35
N ALA D 405 5.87 -31.30 14.04
CA ALA D 405 7.05 -30.51 13.74
C ALA D 405 7.71 -31.00 12.45
N TYR D 406 8.15 -32.25 12.44
CA TYR D 406 8.97 -32.78 11.37
C TYR D 406 8.11 -33.46 10.31
N VAL D 407 8.60 -33.43 9.07
CA VAL D 407 7.97 -34.13 7.96
C VAL D 407 8.91 -35.12 7.29
N TRP D 408 10.18 -34.75 7.10
CA TRP D 408 11.12 -35.60 6.40
C TRP D 408 12.47 -35.59 7.10
N ILE D 409 13.10 -36.76 7.18
CA ILE D 409 14.49 -36.88 7.64
C ILE D 409 15.28 -37.41 6.46
N SER D 410 16.13 -36.56 5.87
CA SER D 410 16.81 -36.92 4.65
C SER D 410 18.29 -37.15 4.90
N LEU D 411 18.82 -38.18 4.25
CA LEU D 411 20.20 -38.60 4.38
C LEU D 411 20.87 -38.63 3.00
N ALA D 412 22.18 -38.37 3.00
CA ALA D 412 23.01 -38.59 1.84
C ALA D 412 24.45 -38.42 2.27
N TYR D 413 25.32 -39.34 1.89
CA TYR D 413 26.72 -39.27 2.23
C TYR D 413 27.51 -38.86 1.00
N LYS D 414 28.13 -37.69 1.07
CA LYS D 414 28.94 -37.18 -0.02
C LYS D 414 30.40 -37.41 0.30
N LYS D 415 31.29 -36.81 -0.51
CA LYS D 415 32.69 -37.24 -0.51
C LYS D 415 33.33 -37.04 0.86
N THR D 416 32.79 -36.16 1.69
CA THR D 416 33.33 -35.95 3.03
C THR D 416 32.38 -36.37 4.14
N GLY D 417 31.17 -35.83 4.15
CA GLY D 417 30.25 -36.11 5.23
C GLY D 417 28.82 -36.34 4.78
N PRO D 418 27.95 -36.71 5.73
CA PRO D 418 26.55 -36.93 5.40
C PRO D 418 25.84 -35.61 5.12
N TYR D 419 24.68 -35.74 4.48
CA TYR D 419 23.84 -34.60 4.14
C TYR D 419 22.49 -34.89 4.76
N ILE D 420 22.40 -34.63 6.06
CA ILE D 420 21.19 -34.89 6.83
C ILE D 420 20.42 -33.59 6.93
N THR D 421 19.24 -33.56 6.35
CA THR D 421 18.41 -32.38 6.38
C THR D 421 17.08 -32.70 7.02
N VAL D 422 16.73 -31.88 8.00
CA VAL D 422 15.59 -32.12 8.88
C VAL D 422 14.51 -31.17 8.39
N TYR D 423 13.64 -31.67 7.53
CA TYR D 423 12.60 -30.82 6.99
C TYR D 423 11.51 -30.68 8.02
N THR D 424 11.02 -29.45 8.17
CA THR D 424 10.00 -29.16 9.14
C THR D 424 8.80 -28.59 8.42
N ASN D 425 7.71 -28.46 9.15
CA ASN D 425 6.59 -27.67 8.68
C ASN D 425 6.64 -26.38 9.46
N PRO D 426 7.15 -25.30 8.88
CA PRO D 426 7.12 -24.02 9.58
C PRO D 426 5.71 -23.52 9.84
N GLY D 427 4.70 -24.19 9.32
CA GLY D 427 3.33 -23.83 9.60
C GLY D 427 2.65 -24.80 10.52
N ALA D 428 3.44 -25.54 11.31
CA ALA D 428 2.87 -26.48 12.25
C ALA D 428 1.94 -25.79 13.23
N SER D 429 2.27 -24.56 13.62
CA SER D 429 1.40 -23.82 14.52
C SER D 429 0.01 -23.65 13.96
N ILE D 430 -0.13 -23.70 12.63
CA ILE D 430 -1.46 -23.66 12.04
C ILE D 430 -2.22 -24.94 12.32
N LEU D 431 -1.50 -26.04 12.55
CA LEU D 431 -2.13 -27.31 12.86
C LEU D 431 -2.40 -27.48 14.35
N GLU D 432 -2.47 -26.39 15.09
CA GLU D 432 -2.76 -26.43 16.52
C GLU D 432 -3.81 -25.40 16.89
O4 DST E . 22.45 21.15 21.50
P1 DST E . 21.61 19.97 21.41
O6 DST E . 22.50 18.94 20.91
O5 DST E . 21.38 19.60 22.81
O2 DST E . 20.27 20.17 20.51
P3 DST E . 20.35 20.90 19.04
O8 DST E . 21.40 20.20 18.21
O7 DST E . 20.74 22.34 19.23
S9 DST E . 18.46 20.78 18.08
C10 DST E . 17.45 22.16 18.63
C11 DST E . 16.21 22.25 17.76
C12 DST E . 15.15 21.32 18.30
C13 DST E . 14.97 21.55 19.80
C14 DST E . 13.84 21.60 17.58
O4 DST F . -11.68 -2.54 -35.65
P1 DST F . -11.80 -3.05 -34.30
O6 DST F . -12.77 -2.17 -33.67
O5 DST F . -12.50 -4.31 -34.45
O2 DST F . -10.38 -3.12 -33.49
P3 DST F . -9.31 -1.87 -33.55
O8 DST F . -10.03 -0.62 -33.13
O7 DST F . -8.79 -1.72 -34.95
S9 DST F . -7.71 -2.23 -32.21
C10 DST F . -6.48 -3.29 -33.02
C11 DST F . -5.20 -3.29 -32.19
C12 DST F . -5.28 -4.39 -31.15
C13 DST F . -5.71 -5.70 -31.79
C14 DST F . -3.92 -4.55 -30.50
O4 DST G . -31.33 12.77 16.36
P1 DST G . -30.26 13.07 15.43
O6 DST G . -30.71 12.53 14.16
O5 DST G . -30.31 14.52 15.27
O2 DST G . -28.80 12.47 15.90
P3 DST G . -28.68 10.94 16.47
O8 DST G . -29.30 9.99 15.47
O7 DST G . -29.42 10.84 17.78
S9 DST G . -26.63 10.45 16.75
C10 DST G . -26.12 11.05 18.39
C11 DST G . -24.77 10.46 18.72
C12 DST G . -23.68 11.35 18.14
C13 DST G . -23.94 12.80 18.50
C14 DST G . -22.34 10.90 18.68
O4 DST H . 20.55 -31.41 -2.22
P1 DST H . 20.44 -30.00 -2.56
O6 DST H . 21.00 -29.31 -1.41
O5 DST H . 21.44 -29.81 -3.61
O2 DST H . 18.93 -29.52 -2.94
P3 DST H . 17.65 -29.97 -2.00
O8 DST H . 17.94 -29.59 -0.57
O7 DST H . 17.47 -31.46 -2.10
S9 DST H . 15.90 -28.97 -2.67
C10 DST H . 15.17 -29.94 -4.01
C11 DST H . 13.78 -29.41 -4.31
C12 DST H . 13.90 -28.25 -5.28
C13 DST H . 14.77 -28.64 -6.46
C14 DST H . 12.50 -27.88 -5.77
#